data_9OGN
#
_entry.id   9OGN
#
_cell.length_a   105.582
_cell.length_b   105.582
_cell.length_c   304.563
_cell.angle_alpha   90.00
_cell.angle_beta   90.00
_cell.angle_gamma   90.00
#
_symmetry.space_group_name_H-M   'P 43 21 2'
#
loop_
_entity.id
_entity.type
_entity.pdbx_description
1 polymer 'GTP-binding nuclear protein Ran'
2 polymer 'Ran-specific GTPase-activating protein 1'
3 polymer Exportin-1
4 non-polymer 'PHOSPHOAMINOPHOSPHONIC ACID-GUANYLATE ESTER'
5 non-polymer 'MAGNESIUM ION'
6 non-polymer GLYCEROL
7 non-polymer 'CHLORIDE ION'
8 non-polymer 3-(3-{3-[(but-2-yn-1-yl)oxy]-5-(trifluoromethyl)phenyl}-1H-1,2,4-triazol-1-yl)-N-(piperidin-1-yl)propanamide
9 water water
#
loop_
_entity_poly.entity_id
_entity_poly.type
_entity_poly.pdbx_seq_one_letter_code
_entity_poly.pdbx_strand_id
1 'polypeptide(L)'
;METGSSHHHHHHSSGLPRGSHMAAQGEPQVQFKLVLVGDGGTGKTTFVKRHLTGEFEKKYVATLGVEVHPLVFHTNRGPI
KFNVWDTAGQEKFGGLRDGYYIQAQCAIIMFDVTSRVTYKNVPNWHRDLVRVCENIPIVLCGNKVDIKDRKVKAKSIVFH
RKKNLQYYDISAKSNYNFEKPFLWLARKLIGDPNLEFVAMPALAPPEVVMDPALAAQYEHDLEVAQTTALPDEDDDL
;
A
2 'polypeptide(L)'
;GGSDIHFEPVVHLEKVDVKTMEEDEEVLYKVRAKLFRFDADAKEWKERGTGDCKFLKNKKTNKVRILMRRDKTLKICANH
IIAPEYTLKPNVGSDRSWVYACTADIAEGEAEAFTFAIRFGSKENADKFKEEFEKAQEINKKA
;
B
3 'polypeptide(L)'
;GGSMEGILDFSNDLDIALLDQVVSTFYQGSGVQQKQAQEILTKFQDNPDAWQKADQILQFSTNPQSKFIALSILDKLITR
KWKLLPNDHRIGIRNFVVGMIISMCQDDEVFKTQKNLINKSDLTLVQILKQEWPQNWPEFIPELIGSSSSSVNVCENNMI
VLKLLSEEVFDFSAEQMTQAKALHLKNSMSKEFEQIFKLCFQVLEQGSSSSLIVATLESLLRYLHWIPYRYIYETNILEL
LSTKFMTSPDTRAITLKCLTEVSNLKIPQDNDLIKRQTVLFFQNTLQQIATSVMPVTADLKATYANANGNDQSFLQDLAM
FLTTYLARNRALLESDESLRELLLNAHQYLIQLSKIEERELFKTTLDYWHNLVADLFYEPLKKHIYEEICSQLRLVIIEN
MVRPEEVLVVENDEGEIVREFVKESDTIQLYKSEREVLVYLTHLNVIDTEEIMISKLARQIDGSEWSWHNINTLSWAIGS
ISGTMSEDTEKRFVVTVIKDLLDLCVKKRGKDNKAVVASDIMYVVGQYPRFLKAHWNFLRTVILKLFEFMHETHEGVQDM
ACDTFIKIVQKCKYHFVIQQPRESEPFIQTIIRDIQKTTADLQPQQVHTFYKACGIIISEERSVAERNRLLSDLMQLPNM
AWDTIVEQSTANPTLLLDSETVKIIANIIKTNVAVCTSMGADFYPQLGHIYYNMLQLYRAVSSMISAQVAAEGLIATKTP
KVRGLRTIKKEILKLVETYISKARNLDDVVKVLVEPLLNAVLEDYMNNVPDARDAEVLNCMTTVVEKVGHMIPQGVILIL
QSVFECTLDMINKDFTEYPEHRVEFYKLLKVINEKSFAAFLELPPAAFKLFVDAICWAFKHNNRDVEVNGLQIALDLVKN
IERMGNVPFANEFHKNYFFIFVSETFFVLTDSDHKSGFSKQALLLMKLISLVYDNKISVPLYQEAEVPQGTSNQVYLSQY
LANMLSNAFPHLTSEQIASFLSALTKQCKDLVVFKGTLRDFLVQIKEVGGDPTDYLFAEDKENA
;
C
#
# COMPACT_ATOMS: atom_id res chain seq x y z
N GLN A 29 19.75 -21.49 15.62
CA GLN A 29 21.01 -22.08 15.16
C GLN A 29 20.90 -22.48 13.70
N VAL A 30 19.75 -23.03 13.34
CA VAL A 30 19.44 -23.37 11.95
C VAL A 30 18.76 -22.17 11.31
N GLN A 31 19.09 -21.91 10.05
CA GLN A 31 18.75 -20.66 9.39
C GLN A 31 17.94 -20.94 8.12
N PHE A 32 17.22 -19.91 7.68
CA PHE A 32 16.36 -20.01 6.51
C PHE A 32 16.64 -18.85 5.56
N LYS A 33 16.83 -19.16 4.29
CA LYS A 33 17.04 -18.12 3.29
C LYS A 33 15.70 -17.53 2.87
N LEU A 34 15.59 -16.21 2.98
CA LEU A 34 14.39 -15.46 2.61
C LEU A 34 14.74 -14.49 1.51
N VAL A 35 13.98 -14.53 0.42
CA VAL A 35 14.17 -13.62 -0.70
C VAL A 35 13.05 -12.59 -0.69
N LEU A 36 13.42 -11.33 -0.86
CA LEU A 36 12.49 -10.20 -0.78
C LEU A 36 12.48 -9.52 -2.15
N VAL A 37 11.34 -9.55 -2.82
CA VAL A 37 11.22 -9.03 -4.18
C VAL A 37 10.07 -8.03 -4.22
N GLY A 38 10.06 -7.24 -5.28
CA GLY A 38 9.05 -6.22 -5.49
C GLY A 38 9.61 -5.06 -6.28
N ASP A 39 8.70 -4.24 -6.80
CA ASP A 39 9.09 -3.10 -7.61
C ASP A 39 10.00 -2.15 -6.84
N GLY A 40 10.76 -1.36 -7.58
CA GLY A 40 11.61 -0.36 -6.96
C GLY A 40 10.78 0.70 -6.26
N GLY A 41 11.24 1.08 -5.07
CA GLY A 41 10.59 2.12 -4.29
C GLY A 41 9.52 1.64 -3.34
N THR A 42 9.22 0.33 -3.33
CA THR A 42 8.13 -0.18 -2.50
C THR A 42 8.49 -0.23 -1.01
N GLY A 43 9.76 -0.20 -0.68
CA GLY A 43 10.20 -0.16 0.71
C GLY A 43 10.85 -1.43 1.22
N LYS A 44 11.39 -2.28 0.35
CA LYS A 44 11.98 -3.53 0.78
C LYS A 44 13.16 -3.29 1.72
N THR A 45 14.12 -2.49 1.28
CA THR A 45 15.32 -2.25 2.08
C THR A 45 14.98 -1.50 3.37
N THR A 46 14.09 -0.51 3.28
CA THR A 46 13.65 0.20 4.49
C THR A 46 13.00 -0.76 5.48
N PHE A 47 12.28 -1.76 4.97
CA PHE A 47 11.62 -2.74 5.83
C PHE A 47 12.65 -3.61 6.55
N VAL A 48 13.66 -4.10 5.81
CA VAL A 48 14.70 -4.92 6.42
C VAL A 48 15.49 -4.11 7.43
N LYS A 49 15.84 -2.86 7.08
CA LYS A 49 16.62 -2.03 7.99
C LYS A 49 15.89 -1.82 9.30
N ARG A 50 14.58 -1.56 9.23
CA ARG A 50 13.80 -1.41 10.44
C ARG A 50 13.96 -2.62 11.36
N HIS A 51 14.04 -3.81 10.78
CA HIS A 51 14.19 -5.02 11.57
C HIS A 51 15.62 -5.24 12.05
N LEU A 52 16.61 -4.79 11.29
CA LEU A 52 18.01 -4.95 11.70
C LEU A 52 18.36 -4.00 12.84
N THR A 53 18.23 -2.70 12.59
CA THR A 53 18.71 -1.68 13.50
C THR A 53 17.60 -0.91 14.20
N GLY A 54 16.36 -1.04 13.74
CA GLY A 54 15.27 -0.24 14.27
C GLY A 54 15.13 1.13 13.63
N GLU A 55 16.04 1.51 12.74
CA GLU A 55 15.99 2.82 12.11
C GLU A 55 14.96 2.84 11.00
N PHE A 56 14.52 4.05 10.65
CA PHE A 56 13.70 4.28 9.47
C PHE A 56 14.48 5.17 8.51
N GLU A 57 14.80 4.63 7.34
CA GLU A 57 15.56 5.36 6.33
C GLU A 57 14.59 6.16 5.45
N LYS A 58 14.79 7.47 5.38
CA LYS A 58 13.95 8.32 4.53
C LYS A 58 14.46 8.40 3.10
N LYS A 59 15.77 8.28 2.90
CA LYS A 59 16.33 8.40 1.57
C LYS A 59 16.02 7.15 0.74
N TYR A 60 15.93 7.32 -0.57
CA TYR A 60 15.76 6.22 -1.50
C TYR A 60 17.11 6.01 -2.20
N VAL A 61 17.86 5.03 -1.74
CA VAL A 61 19.08 4.58 -2.39
C VAL A 61 18.78 3.22 -2.98
N ALA A 62 18.65 3.16 -4.30
CA ALA A 62 18.27 1.92 -4.97
C ALA A 62 19.28 0.82 -4.66
N THR A 63 18.77 -0.37 -4.35
CA THR A 63 19.63 -1.53 -4.15
C THR A 63 20.26 -1.94 -5.47
N LEU A 64 21.52 -2.37 -5.40
CA LEU A 64 22.28 -2.78 -6.59
C LEU A 64 22.47 -4.28 -6.52
N GLY A 65 21.64 -5.01 -7.27
CA GLY A 65 21.67 -6.45 -7.25
C GLY A 65 20.92 -7.02 -6.04
N VAL A 66 21.66 -7.32 -4.98
CA VAL A 66 21.08 -7.87 -3.76
C VAL A 66 21.99 -7.50 -2.59
N GLU A 67 21.39 -7.46 -1.40
CA GLU A 67 22.14 -7.32 -0.16
C GLU A 67 21.66 -8.38 0.82
N VAL A 68 22.59 -9.12 1.42
CA VAL A 68 22.28 -10.19 2.35
C VAL A 68 22.42 -9.66 3.76
N HIS A 69 21.45 -9.99 4.62
CA HIS A 69 21.44 -9.51 5.99
C HIS A 69 20.99 -10.63 6.94
N PRO A 70 21.80 -11.00 7.92
CA PRO A 70 21.30 -11.91 8.96
C PRO A 70 20.27 -11.22 9.83
N LEU A 71 19.21 -11.95 10.15
CA LEU A 71 18.10 -11.40 10.93
C LEU A 71 17.57 -12.49 11.84
N VAL A 72 17.87 -12.40 13.13
CA VAL A 72 17.48 -13.41 14.10
C VAL A 72 16.24 -12.92 14.85
N PHE A 73 15.39 -13.87 15.21
CA PHE A 73 14.24 -13.62 16.08
C PHE A 73 14.25 -14.63 17.21
N HIS A 74 13.80 -14.19 18.38
CA HIS A 74 13.73 -15.04 19.57
C HIS A 74 12.29 -15.50 19.74
N THR A 75 12.09 -16.83 19.74
CA THR A 75 10.77 -17.42 19.80
C THR A 75 10.71 -18.41 20.95
N ASN A 76 9.49 -18.78 21.34
CA ASN A 76 9.31 -19.81 22.36
C ASN A 76 9.81 -21.17 21.91
N ARG A 77 10.07 -21.35 20.61
CA ARG A 77 10.70 -22.56 20.09
C ARG A 77 12.18 -22.36 19.81
N GLY A 78 12.82 -21.47 20.55
CA GLY A 78 14.21 -21.14 20.34
C GLY A 78 14.36 -20.01 19.35
N PRO A 79 15.60 -19.66 19.03
CA PRO A 79 15.83 -18.60 18.04
C PRO A 79 15.73 -19.12 16.62
N ILE A 80 15.30 -18.22 15.73
CA ILE A 80 15.21 -18.51 14.30
C ILE A 80 16.00 -17.43 13.56
N LYS A 81 16.76 -17.86 12.56
CA LYS A 81 17.65 -16.97 11.82
C LYS A 81 17.21 -16.89 10.37
N PHE A 82 16.98 -15.67 9.88
CA PHE A 82 16.66 -15.40 8.49
C PHE A 82 17.86 -14.79 7.80
N ASN A 83 18.28 -15.39 6.68
CA ASN A 83 19.25 -14.79 5.79
C ASN A 83 18.47 -14.07 4.69
N VAL A 84 18.27 -12.77 4.90
CA VAL A 84 17.36 -12.00 4.06
C VAL A 84 18.11 -11.53 2.82
N TRP A 85 17.69 -12.02 1.65
CA TRP A 85 18.21 -11.56 0.37
C TRP A 85 17.31 -10.44 -0.12
N ASP A 86 17.73 -9.19 0.12
CA ASP A 86 16.98 -8.01 -0.25
C ASP A 86 17.39 -7.63 -1.67
N THR A 87 16.61 -8.06 -2.66
CA THR A 87 16.97 -7.89 -4.05
C THR A 87 16.51 -6.53 -4.57
N ALA A 88 16.99 -6.20 -5.78
CA ALA A 88 16.69 -4.93 -6.41
C ALA A 88 15.41 -5.01 -7.22
N GLY A 89 14.63 -3.93 -7.20
CA GLY A 89 13.38 -3.88 -7.93
C GLY A 89 13.51 -3.17 -9.27
N GLN A 90 14.45 -2.23 -9.37
CA GLN A 90 14.68 -1.54 -10.63
C GLN A 90 15.33 -2.49 -11.63
N GLU A 91 14.76 -2.54 -12.84
CA GLU A 91 15.25 -3.48 -13.85
C GLU A 91 16.74 -3.31 -14.09
N LYS A 92 17.19 -2.08 -14.34
CA LYS A 92 18.59 -1.83 -14.68
C LYS A 92 19.54 -2.08 -13.52
N PHE A 93 19.03 -2.30 -12.31
CA PHE A 93 19.84 -2.70 -11.17
C PHE A 93 19.53 -4.12 -10.72
N GLY A 94 18.87 -4.90 -11.57
CA GLY A 94 18.39 -6.21 -11.16
C GLY A 94 19.50 -7.19 -10.86
N GLY A 95 20.61 -7.10 -11.57
CA GLY A 95 21.73 -8.01 -11.35
C GLY A 95 21.47 -9.40 -11.90
N LEU A 96 21.55 -10.41 -11.04
CA LEU A 96 21.31 -11.79 -11.43
C LEU A 96 19.83 -12.13 -11.50
N ARG A 97 18.95 -11.23 -11.07
CA ARG A 97 17.52 -11.43 -11.15
C ARG A 97 17.09 -12.73 -10.46
N ASP A 98 16.61 -13.71 -11.22
CA ASP A 98 16.10 -14.93 -10.60
C ASP A 98 17.21 -15.82 -10.05
N GLY A 99 18.47 -15.57 -10.40
CA GLY A 99 19.56 -16.30 -9.78
C GLY A 99 19.61 -16.13 -8.27
N TYR A 100 19.10 -15.01 -7.78
CA TYR A 100 19.05 -14.78 -6.34
C TYR A 100 18.08 -15.71 -5.63
N TYR A 101 17.09 -16.26 -6.34
CA TYR A 101 16.03 -17.03 -5.69
C TYR A 101 16.46 -18.46 -5.38
N ILE A 102 17.56 -18.94 -5.95
CA ILE A 102 17.96 -20.33 -5.77
C ILE A 102 18.09 -20.67 -4.30
N GLN A 103 17.66 -21.87 -3.93
CA GLN A 103 17.78 -22.42 -2.59
C GLN A 103 16.96 -21.67 -1.55
N ALA A 104 16.13 -20.71 -1.97
CA ALA A 104 15.34 -19.95 -1.02
C ALA A 104 14.24 -20.84 -0.42
N GLN A 105 13.99 -20.65 0.87
CA GLN A 105 13.01 -21.43 1.60
C GLN A 105 11.79 -20.62 2.02
N CYS A 106 11.76 -19.34 1.69
CA CYS A 106 10.62 -18.47 1.95
C CYS A 106 10.86 -17.17 1.22
N ALA A 107 9.82 -16.34 1.14
CA ALA A 107 9.93 -15.11 0.39
C ALA A 107 8.85 -14.13 0.80
N ILE A 108 9.13 -12.85 0.56
CA ILE A 108 8.17 -11.77 0.73
C ILE A 108 8.08 -11.03 -0.60
N ILE A 109 6.86 -10.81 -1.08
CA ILE A 109 6.61 -9.99 -2.26
C ILE A 109 6.03 -8.67 -1.79
N MET A 110 6.69 -7.57 -2.18
CA MET A 110 6.38 -6.25 -1.67
C MET A 110 5.79 -5.39 -2.77
N PHE A 111 4.73 -4.64 -2.44
CA PHE A 111 4.25 -3.59 -3.31
C PHE A 111 3.89 -2.37 -2.46
N ASP A 112 3.39 -1.33 -3.13
CA ASP A 112 3.22 -0.01 -2.54
C ASP A 112 1.78 0.42 -2.76
N VAL A 113 0.99 0.48 -1.68
CA VAL A 113 -0.44 0.75 -1.82
C VAL A 113 -0.72 2.15 -2.36
N THR A 114 0.29 3.01 -2.43
CA THR A 114 0.15 4.32 -3.05
C THR A 114 0.55 4.31 -4.53
N SER A 115 0.92 3.15 -5.06
CA SER A 115 1.35 3.02 -6.45
C SER A 115 0.69 1.78 -7.04
N ARG A 116 -0.32 2.00 -7.89
CA ARG A 116 -1.05 0.87 -8.46
C ARG A 116 -0.16 0.03 -9.37
N VAL A 117 0.80 0.65 -10.07
CA VAL A 117 1.66 -0.11 -10.97
C VAL A 117 2.41 -1.18 -10.22
N THR A 118 2.79 -0.92 -8.96
CA THR A 118 3.54 -1.93 -8.21
C THR A 118 2.67 -3.14 -7.87
N TYR A 119 1.36 -2.93 -7.68
CA TYR A 119 0.48 -4.08 -7.48
C TYR A 119 0.26 -4.84 -8.78
N LYS A 120 0.13 -4.12 -9.90
CA LYS A 120 -0.07 -4.77 -11.19
C LYS A 120 1.11 -5.66 -11.55
N ASN A 121 2.30 -5.40 -10.99
CA ASN A 121 3.49 -6.18 -11.27
C ASN A 121 3.68 -7.36 -10.32
N VAL A 122 2.88 -7.46 -9.26
CA VAL A 122 3.01 -8.55 -8.29
C VAL A 122 2.94 -9.88 -9.02
N PRO A 123 2.03 -10.07 -9.98
CA PRO A 123 1.99 -11.36 -10.69
C PRO A 123 3.27 -11.67 -11.44
N ASN A 124 4.00 -10.64 -11.89
CA ASN A 124 5.26 -10.88 -12.58
C ASN A 124 6.34 -11.34 -11.61
N TRP A 125 6.50 -10.63 -10.49
CA TRP A 125 7.48 -11.05 -9.49
C TRP A 125 7.15 -12.45 -8.97
N HIS A 126 5.88 -12.72 -8.69
CA HIS A 126 5.48 -14.03 -8.20
C HIS A 126 5.82 -15.12 -9.21
N ARG A 127 5.58 -14.84 -10.50
CA ARG A 127 5.92 -15.78 -11.55
C ARG A 127 7.39 -16.14 -11.53
N ASP A 128 8.27 -15.13 -11.65
CA ASP A 128 9.70 -15.40 -11.66
C ASP A 128 10.14 -16.11 -10.39
N LEU A 129 9.42 -15.91 -9.29
CA LEU A 129 9.82 -16.47 -8.01
C LEU A 129 9.45 -17.94 -7.89
N VAL A 130 8.20 -18.30 -8.20
CA VAL A 130 7.78 -19.68 -8.06
C VAL A 130 8.29 -20.59 -9.17
N ARG A 131 8.93 -20.02 -10.20
CA ARG A 131 9.57 -20.86 -11.21
C ARG A 131 10.89 -21.43 -10.72
N VAL A 132 11.52 -20.79 -9.74
CA VAL A 132 12.69 -21.34 -9.08
C VAL A 132 12.33 -22.07 -7.79
N CYS A 133 11.43 -21.48 -7.00
CA CYS A 133 11.03 -22.03 -5.71
C CYS A 133 9.58 -22.50 -5.83
N GLU A 134 9.41 -23.79 -6.09
CA GLU A 134 8.09 -24.29 -6.46
C GLU A 134 7.16 -24.38 -5.26
N ASN A 135 7.67 -24.72 -4.08
CA ASN A 135 6.82 -24.92 -2.89
C ASN A 135 7.50 -24.28 -1.67
N ILE A 136 7.35 -22.96 -1.56
CA ILE A 136 7.85 -22.24 -0.38
C ILE A 136 6.75 -21.33 0.14
N PRO A 137 6.71 -21.05 1.44
CA PRO A 137 5.74 -20.07 1.95
C PRO A 137 6.14 -18.65 1.55
N ILE A 138 5.15 -17.89 1.08
CA ILE A 138 5.36 -16.54 0.57
C ILE A 138 4.38 -15.60 1.26
N VAL A 139 4.86 -14.41 1.61
CA VAL A 139 4.02 -13.35 2.15
C VAL A 139 3.91 -12.25 1.12
N LEU A 140 2.69 -11.78 0.88
CA LEU A 140 2.44 -10.59 0.08
C LEU A 140 2.21 -9.43 1.03
N CYS A 141 2.99 -8.36 0.87
CA CYS A 141 2.95 -7.21 1.76
C CYS A 141 2.63 -5.95 0.96
N GLY A 142 1.57 -5.26 1.35
CA GLY A 142 1.27 -3.94 0.81
C GLY A 142 1.77 -2.87 1.75
N ASN A 143 2.83 -2.19 1.35
CA ASN A 143 3.54 -1.28 2.23
C ASN A 143 3.04 0.16 2.07
N LYS A 144 3.38 0.99 3.05
CA LYS A 144 3.12 2.42 3.03
C LYS A 144 1.65 2.72 3.29
N VAL A 145 0.97 1.89 4.09
CA VAL A 145 -0.41 2.19 4.47
C VAL A 145 -0.52 3.42 5.35
N ASP A 146 0.62 3.94 5.84
CA ASP A 146 0.59 5.14 6.66
C ASP A 146 0.22 6.38 5.87
N ILE A 147 0.43 6.37 4.55
CA ILE A 147 0.04 7.49 3.70
C ILE A 147 -1.46 7.44 3.49
N LYS A 148 -2.15 8.56 3.74
CA LYS A 148 -3.61 8.54 3.76
C LYS A 148 -4.21 8.47 2.36
N ASP A 149 -3.53 9.01 1.35
CA ASP A 149 -4.04 8.96 -0.02
C ASP A 149 -3.66 7.61 -0.64
N ARG A 150 -4.36 6.58 -0.17
CA ARG A 150 -4.12 5.21 -0.62
C ARG A 150 -4.76 4.99 -1.98
N LYS A 151 -4.07 4.23 -2.84
CA LYS A 151 -4.51 4.00 -4.21
C LYS A 151 -4.91 2.55 -4.48
N VAL A 152 -4.27 1.58 -3.85
CA VAL A 152 -4.62 0.17 -4.02
C VAL A 152 -5.58 -0.17 -2.88
N LYS A 153 -6.88 -0.05 -3.16
CA LYS A 153 -7.87 -0.28 -2.12
C LYS A 153 -7.82 -1.73 -1.64
N ALA A 154 -8.23 -1.93 -0.39
CA ALA A 154 -8.21 -3.26 0.20
C ALA A 154 -9.03 -4.24 -0.63
N LYS A 155 -10.18 -3.81 -1.13
CA LYS A 155 -11.04 -4.69 -1.92
C LYS A 155 -10.33 -5.20 -3.17
N SER A 156 -9.36 -4.45 -3.68
CA SER A 156 -8.68 -4.82 -4.92
C SER A 156 -7.63 -5.90 -4.73
N ILE A 157 -7.16 -6.12 -3.51
CA ILE A 157 -6.02 -6.98 -3.25
C ILE A 157 -6.55 -8.41 -3.07
N VAL A 158 -6.47 -9.21 -4.13
CA VAL A 158 -7.02 -10.56 -4.11
C VAL A 158 -6.06 -11.55 -4.74
N PHE A 159 -4.98 -11.07 -5.35
CA PHE A 159 -4.08 -11.95 -6.09
C PHE A 159 -3.56 -13.09 -5.23
N HIS A 160 -3.51 -12.93 -3.92
CA HIS A 160 -2.92 -13.93 -3.04
C HIS A 160 -3.83 -15.12 -2.78
N ARG A 161 -5.13 -15.00 -3.07
CA ARG A 161 -6.07 -16.05 -2.70
C ARG A 161 -5.82 -17.33 -3.49
N LYS A 162 -5.78 -17.22 -4.82
CA LYS A 162 -5.54 -18.39 -5.66
C LYS A 162 -4.11 -18.90 -5.57
N LYS A 163 -3.18 -18.06 -5.09
CA LYS A 163 -1.76 -18.41 -5.05
C LYS A 163 -1.29 -18.84 -3.68
N ASN A 164 -2.20 -18.96 -2.70
CA ASN A 164 -1.87 -19.48 -1.38
C ASN A 164 -0.80 -18.63 -0.69
N LEU A 165 -0.81 -17.32 -0.94
CA LEU A 165 0.07 -16.40 -0.24
C LEU A 165 -0.67 -15.78 0.95
N GLN A 166 0.07 -15.53 2.01
CA GLN A 166 -0.43 -14.72 3.10
C GLN A 166 -0.30 -13.25 2.75
N TYR A 167 -1.27 -12.44 3.15
CA TYR A 167 -1.25 -11.01 2.88
C TYR A 167 -1.29 -10.20 4.16
N TYR A 168 -0.52 -9.11 4.20
CA TYR A 168 -0.57 -8.14 5.29
C TYR A 168 -0.44 -6.73 4.75
N ASP A 169 -1.33 -5.84 5.20
CA ASP A 169 -1.04 -4.42 5.18
C ASP A 169 0.08 -4.12 6.18
N ILE A 170 1.13 -3.44 5.72
CA ILE A 170 2.25 -3.08 6.60
C ILE A 170 2.65 -1.63 6.34
N SER A 171 3.36 -1.07 7.31
CA SER A 171 4.02 0.22 7.16
C SER A 171 5.37 0.14 7.88
N ALA A 172 6.45 0.16 7.10
CA ALA A 172 7.77 0.26 7.71
C ALA A 172 7.95 1.56 8.48
N LYS A 173 7.16 2.59 8.14
CA LYS A 173 7.32 3.89 8.78
C LYS A 173 6.59 3.95 10.13
N SER A 174 5.38 3.42 10.20
CA SER A 174 4.63 3.40 11.46
C SER A 174 4.78 2.09 12.22
N ASN A 175 5.46 1.10 11.64
CA ASN A 175 5.64 -0.24 12.20
C ASN A 175 4.36 -1.05 12.20
N TYR A 176 3.29 -0.54 11.58
CA TYR A 176 2.04 -1.29 11.48
C TYR A 176 2.27 -2.67 10.90
N ASN A 177 1.94 -3.71 11.66
CA ASN A 177 2.05 -5.10 11.24
C ASN A 177 3.46 -5.48 10.80
N PHE A 178 4.48 -4.67 11.12
CA PHE A 178 5.79 -4.91 10.53
C PHE A 178 6.38 -6.26 10.94
N GLU A 179 5.89 -6.85 12.04
CA GLU A 179 6.39 -8.15 12.48
C GLU A 179 5.63 -9.31 11.87
N LYS A 180 4.44 -9.07 11.31
CA LYS A 180 3.59 -10.18 10.84
C LYS A 180 4.27 -11.04 9.80
N PRO A 181 4.91 -10.49 8.75
CA PRO A 181 5.53 -11.37 7.75
C PRO A 181 6.47 -12.40 8.34
N PHE A 182 7.33 -11.99 9.27
CA PHE A 182 8.33 -12.90 9.82
C PHE A 182 7.70 -13.89 10.78
N LEU A 183 6.74 -13.44 11.59
CA LEU A 183 6.08 -14.35 12.52
C LEU A 183 5.35 -15.47 11.78
N TRP A 184 4.68 -15.13 10.68
CA TRP A 184 3.98 -16.15 9.90
C TRP A 184 4.97 -17.10 9.24
N LEU A 185 6.02 -16.56 8.62
CA LEU A 185 7.02 -17.39 7.97
C LEU A 185 7.70 -18.32 8.97
N ALA A 186 7.94 -17.83 10.18
CA ALA A 186 8.57 -18.66 11.21
C ALA A 186 7.65 -19.79 11.63
N ARG A 187 6.34 -19.53 11.68
CA ARG A 187 5.39 -20.58 12.02
C ARG A 187 5.32 -21.65 10.93
N LYS A 188 5.39 -21.22 9.66
CA LYS A 188 5.36 -22.18 8.57
C LYS A 188 6.66 -22.98 8.50
N LEU A 189 7.81 -22.31 8.66
CA LEU A 189 9.09 -22.98 8.53
C LEU A 189 9.34 -23.94 9.68
N ILE A 190 9.11 -23.48 10.92
CA ILE A 190 9.31 -24.35 12.07
C ILE A 190 8.19 -25.39 12.19
N GLY A 191 7.06 -25.15 11.55
CA GLY A 191 5.94 -26.08 11.63
C GLY A 191 5.23 -26.04 12.96
N ASP A 192 5.03 -24.85 13.51
CA ASP A 192 4.36 -24.71 14.81
C ASP A 192 3.39 -23.53 14.74
N PRO A 193 2.08 -23.79 14.69
CA PRO A 193 1.12 -22.66 14.65
C PRO A 193 1.12 -21.83 15.91
N ASN A 194 1.58 -22.36 17.04
CA ASN A 194 1.58 -21.62 18.29
C ASN A 194 2.90 -20.93 18.58
N LEU A 195 3.84 -20.96 17.65
CA LEU A 195 5.09 -20.23 17.81
C LEU A 195 4.79 -18.74 18.02
N GLU A 196 5.43 -18.17 19.04
CA GLU A 196 5.28 -16.75 19.35
C GLU A 196 6.66 -16.14 19.56
N PHE A 197 6.77 -14.84 19.28
CA PHE A 197 7.97 -14.12 19.66
C PHE A 197 8.03 -13.96 21.16
N VAL A 198 9.23 -14.12 21.72
CA VAL A 198 9.44 -14.03 23.16
C VAL A 198 10.54 -13.01 23.42
N ALA A 199 10.62 -12.58 24.67
CA ALA A 199 11.58 -11.57 25.08
C ALA A 199 12.95 -12.22 25.28
N MET A 200 13.94 -11.71 24.56
CA MET A 200 15.32 -12.15 24.76
C MET A 200 15.76 -11.77 26.18
N PRO A 201 16.34 -12.69 26.95
CA PRO A 201 16.81 -12.33 28.30
C PRO A 201 17.82 -11.20 28.25
N ALA A 202 17.81 -10.37 29.29
CA ALA A 202 18.63 -9.15 29.35
C ALA A 202 19.63 -9.30 30.50
N LEU A 203 20.89 -9.57 30.14
CA LEU A 203 21.92 -9.79 31.15
C LEU A 203 22.28 -8.48 31.85
N ALA A 204 22.97 -8.63 32.97
CA ALA A 204 23.41 -7.49 33.76
C ALA A 204 24.36 -6.61 32.94
N PRO A 205 24.07 -5.34 32.74
CA PRO A 205 24.98 -4.48 31.98
C PRO A 205 26.24 -4.19 32.78
N PRO A 206 27.34 -3.83 32.10
CA PRO A 206 28.60 -3.61 32.82
C PRO A 206 28.51 -2.44 33.80
N GLU A 207 29.46 -2.40 34.71
CA GLU A 207 29.54 -1.34 35.71
C GLU A 207 30.93 -0.75 35.74
N ALA A 216 37.05 12.34 28.83
CA ALA A 216 37.36 12.20 27.42
C ALA A 216 36.93 13.44 26.64
N GLN A 217 37.05 13.39 25.32
CA GLN A 217 36.70 14.50 24.44
C GLN A 217 35.31 14.35 23.85
N TYR A 218 34.38 13.80 24.63
CA TYR A 218 32.99 13.68 24.17
C TYR A 218 32.29 15.03 24.13
N GLU A 219 32.81 16.04 24.83
CA GLU A 219 32.19 17.36 24.84
C GLU A 219 31.86 17.83 23.42
N HIS A 220 32.75 17.55 22.48
CA HIS A 220 32.51 17.93 21.09
C HIS A 220 31.48 17.01 20.44
N ASP A 221 31.70 15.70 20.54
CA ASP A 221 30.76 14.75 19.95
C ASP A 221 29.35 14.94 20.51
N LEU A 222 29.23 15.38 21.77
CA LEU A 222 27.92 15.59 22.36
C LEU A 222 27.31 16.92 21.90
N GLU A 223 28.15 17.95 21.71
CA GLU A 223 27.65 19.21 21.19
C GLU A 223 27.01 19.02 19.82
N VAL A 224 27.67 18.27 18.94
CA VAL A 224 27.09 17.97 17.63
C VAL A 224 25.75 17.28 17.80
N ALA A 225 25.66 16.34 18.73
CA ALA A 225 24.43 15.58 18.91
C ALA A 225 23.28 16.48 19.37
N GLN A 226 23.55 17.39 20.30
CA GLN A 226 22.50 18.28 20.80
C GLN A 226 22.01 19.21 19.71
N THR A 227 22.92 19.74 18.89
CA THR A 227 22.57 20.72 17.88
C THR A 227 22.10 20.11 16.57
N THR A 228 22.03 18.78 16.49
CA THR A 228 21.39 18.10 15.38
C THR A 228 19.97 17.72 15.81
N ALA A 229 18.97 18.30 15.17
CA ALA A 229 17.59 18.12 15.60
C ALA A 229 17.13 16.69 15.36
N LEU A 230 16.29 16.19 16.27
CA LEU A 230 15.72 14.87 16.08
C LEU A 230 14.71 14.89 14.95
N PRO A 231 14.58 13.79 14.21
CA PRO A 231 13.65 13.77 13.07
C PRO A 231 12.22 13.50 13.50
N ASP A 232 11.30 14.04 12.72
CA ASP A 232 9.86 13.79 12.89
C ASP A 232 9.39 14.24 14.27
N GLU A 233 9.64 15.51 14.58
CA GLU A 233 9.28 16.06 15.87
C GLU A 233 7.77 16.23 16.04
N ASP A 234 6.97 15.97 15.00
CA ASP A 234 5.52 16.04 15.11
C ASP A 234 4.87 14.67 15.31
N ASP A 235 5.66 13.60 15.32
CA ASP A 235 5.10 12.28 15.58
C ASP A 235 4.56 12.19 17.01
N ASP A 236 3.57 11.31 17.20
CA ASP A 236 3.07 11.07 18.55
C ASP A 236 4.19 10.66 19.49
N LEU A 237 5.22 10.00 18.98
CA LEU A 237 6.41 9.68 19.75
C LEU A 237 7.67 10.01 18.95
N MET B 21 15.96 -12.39 31.74
CA MET B 21 16.54 -12.13 33.05
C MET B 21 16.00 -10.84 33.65
N GLU B 22 14.78 -10.90 34.17
CA GLU B 22 14.13 -9.73 34.74
C GLU B 22 13.31 -10.02 36.00
N GLU B 23 13.28 -11.27 36.47
CA GLU B 23 12.47 -11.61 37.63
C GLU B 23 13.09 -11.17 38.94
N ASP B 24 14.41 -10.94 38.97
CA ASP B 24 15.11 -10.49 40.17
C ASP B 24 15.29 -8.97 40.19
N GLU B 25 14.34 -8.23 39.64
CA GLU B 25 14.45 -6.78 39.54
C GLU B 25 13.09 -6.13 39.80
N GLU B 26 13.13 -4.92 40.33
CA GLU B 26 11.94 -4.13 40.59
C GLU B 26 11.82 -3.01 39.56
N VAL B 27 10.61 -2.79 39.07
CA VAL B 27 10.34 -1.71 38.13
C VAL B 27 10.09 -0.43 38.94
N LEU B 28 11.05 0.49 38.91
CA LEU B 28 10.90 1.76 39.60
C LEU B 28 10.14 2.79 38.78
N TYR B 29 10.09 2.62 37.47
CA TYR B 29 9.50 3.62 36.59
C TYR B 29 9.35 3.00 35.20
N LYS B 30 8.28 3.39 34.52
CA LYS B 30 8.02 2.90 33.17
C LYS B 30 7.32 4.00 32.38
N VAL B 31 7.73 4.14 31.12
CA VAL B 31 7.14 5.14 30.24
C VAL B 31 7.43 4.73 28.80
N ARG B 32 6.47 4.96 27.91
CA ARG B 32 6.69 4.70 26.50
C ARG B 32 7.56 5.80 25.91
N ALA B 33 8.49 5.40 25.06
CA ALA B 33 9.44 6.35 24.48
C ALA B 33 9.95 5.82 23.15
N LYS B 34 10.58 6.73 22.41
CA LYS B 34 11.32 6.40 21.20
C LYS B 34 12.78 6.73 21.45
N LEU B 35 13.66 5.76 21.21
CA LEU B 35 15.08 5.93 21.44
C LEU B 35 15.82 6.11 20.13
N PHE B 36 16.77 7.05 20.12
CA PHE B 36 17.62 7.29 18.97
C PHE B 36 19.08 7.08 19.36
N ARG B 37 19.90 6.77 18.36
CA ARG B 37 21.35 6.77 18.49
C ARG B 37 21.93 7.72 17.46
N PHE B 38 23.02 8.40 17.81
CA PHE B 38 23.61 9.39 16.93
C PHE B 38 24.71 8.73 16.10
N ASP B 39 24.55 8.79 14.78
CA ASP B 39 25.59 8.33 13.85
C ASP B 39 26.47 9.54 13.52
N ALA B 40 27.71 9.53 14.04
CA ALA B 40 28.61 10.64 13.80
C ALA B 40 29.06 10.70 12.35
N ASP B 41 29.35 9.53 11.75
CA ASP B 41 29.82 9.51 10.36
C ASP B 41 28.79 10.15 9.43
N ALA B 42 27.51 9.91 9.67
CA ALA B 42 26.45 10.48 8.84
C ALA B 42 25.90 11.79 9.40
N LYS B 43 26.22 12.11 10.65
CA LYS B 43 25.79 13.37 11.26
C LYS B 43 24.27 13.47 11.32
N GLU B 44 23.63 12.34 11.61
CA GLU B 44 22.17 12.28 11.71
C GLU B 44 21.76 11.33 12.83
N TRP B 45 20.61 11.62 13.41
CA TRP B 45 20.00 10.72 14.40
C TRP B 45 19.29 9.57 13.69
N LYS B 46 19.42 8.37 14.26
CA LYS B 46 18.79 7.19 13.72
C LYS B 46 17.99 6.50 14.81
N GLU B 47 16.71 6.24 14.55
CA GLU B 47 15.88 5.50 15.48
C GLU B 47 16.54 4.17 15.84
N ARG B 48 16.37 3.77 17.10
CA ARG B 48 16.85 2.47 17.55
C ARG B 48 15.74 1.58 18.10
N GLY B 49 14.59 2.14 18.45
CA GLY B 49 13.49 1.34 18.94
C GLY B 49 12.44 2.18 19.62
N THR B 50 11.23 1.64 19.66
CA THR B 50 10.10 2.28 20.31
C THR B 50 9.40 1.24 21.18
N GLY B 51 9.18 1.58 22.45
CA GLY B 51 8.51 0.67 23.36
C GLY B 51 8.53 1.21 24.77
N ASP B 52 8.38 0.30 25.73
CA ASP B 52 8.38 0.68 27.14
C ASP B 52 9.82 0.77 27.64
N CYS B 53 10.21 1.95 28.11
CA CYS B 53 11.49 2.14 28.76
C CYS B 53 11.30 1.99 30.27
N LYS B 54 12.08 1.10 30.88
CA LYS B 54 11.93 0.76 32.29
C LYS B 54 13.20 1.03 33.06
N PHE B 55 13.04 1.46 34.32
CA PHE B 55 14.14 1.55 35.27
C PHE B 55 14.03 0.35 36.20
N LEU B 56 14.98 -0.58 36.08
CA LEU B 56 14.96 -1.82 36.84
C LEU B 56 16.06 -1.79 37.89
N LYS B 57 15.69 -2.07 39.14
CA LYS B 57 16.61 -2.12 40.26
C LYS B 57 16.86 -3.56 40.65
N ASN B 58 18.12 -3.99 40.59
CA ASN B 58 18.47 -5.35 40.97
C ASN B 58 18.36 -5.52 42.48
N LYS B 59 17.59 -6.52 42.91
CA LYS B 59 17.39 -6.75 44.33
C LYS B 59 18.62 -7.36 45.02
N LYS B 60 19.61 -7.82 44.25
CA LYS B 60 20.84 -8.35 44.82
C LYS B 60 21.96 -7.32 44.90
N THR B 61 22.16 -6.53 43.85
CA THR B 61 23.20 -5.50 43.83
C THR B 61 22.65 -4.10 44.09
N ASN B 62 21.32 -3.93 44.11
CA ASN B 62 20.70 -2.62 44.30
C ASN B 62 21.08 -1.64 43.20
N LYS B 63 21.59 -2.14 42.08
CA LYS B 63 21.93 -1.30 40.94
C LYS B 63 20.71 -1.12 40.06
N VAL B 64 20.55 0.10 39.52
CA VAL B 64 19.42 0.45 38.67
C VAL B 64 19.93 0.57 37.23
N ARG B 65 19.18 0.02 36.30
CA ARG B 65 19.53 0.07 34.88
C ARG B 65 18.32 0.53 34.08
N ILE B 66 18.60 1.00 32.87
CA ILE B 66 17.58 1.18 31.85
C ILE B 66 17.49 -0.10 31.03
N LEU B 67 16.28 -0.59 30.82
CA LEU B 67 16.03 -1.69 29.90
C LEU B 67 14.83 -1.32 29.05
N MET B 68 15.02 -1.31 27.74
CA MET B 68 13.98 -0.89 26.80
C MET B 68 13.89 -1.93 25.70
N ARG B 69 12.67 -2.36 25.40
CA ARG B 69 12.42 -3.35 24.36
C ARG B 69 11.52 -2.75 23.28
N ARG B 70 11.75 -3.18 22.04
CA ARG B 70 10.86 -2.80 20.95
C ARG B 70 9.52 -3.49 21.09
N ASP B 71 8.46 -2.79 20.70
CA ASP B 71 7.14 -3.39 20.66
C ASP B 71 7.14 -4.55 19.66
N LYS B 72 6.35 -5.58 19.97
CA LYS B 72 6.08 -6.69 19.07
C LYS B 72 7.24 -7.68 19.01
N THR B 73 8.43 -7.23 18.60
CA THR B 73 9.59 -8.12 18.57
C THR B 73 10.20 -8.30 19.95
N LEU B 74 9.96 -7.37 20.86
CA LEU B 74 10.49 -7.43 22.22
C LEU B 74 12.00 -7.50 22.25
N LYS B 75 12.66 -7.03 21.19
CA LYS B 75 14.11 -7.00 21.16
C LYS B 75 14.63 -5.84 21.99
N ILE B 76 15.78 -6.06 22.62
CA ILE B 76 16.39 -5.06 23.50
C ILE B 76 17.02 -3.98 22.64
N CYS B 77 16.58 -2.74 22.81
CA CYS B 77 17.19 -1.59 22.15
C CYS B 77 17.92 -0.69 23.15
N ALA B 78 18.02 -1.11 24.41
CA ALA B 78 18.78 -0.37 25.41
C ALA B 78 18.97 -1.21 26.66
N ASN B 79 20.22 -1.35 27.11
CA ASN B 79 20.53 -2.09 28.33
C ASN B 79 21.83 -1.55 28.88
N HIS B 80 21.75 -0.77 29.96
CA HIS B 80 22.95 -0.16 30.53
C HIS B 80 22.59 0.44 31.88
N ILE B 81 23.61 0.56 32.74
CA ILE B 81 23.41 1.16 34.05
C ILE B 81 23.18 2.66 33.90
N ILE B 82 22.30 3.20 34.75
CA ILE B 82 22.12 4.63 34.87
C ILE B 82 23.30 5.19 35.67
N ALA B 83 24.45 5.32 35.02
CA ALA B 83 25.67 5.66 35.74
C ALA B 83 25.57 7.05 36.36
N PRO B 84 26.21 7.27 37.52
CA PRO B 84 26.25 8.63 38.08
C PRO B 84 26.95 9.64 37.19
N GLU B 85 27.80 9.20 36.26
CA GLU B 85 28.51 10.13 35.38
C GLU B 85 27.55 10.85 34.43
N TYR B 86 26.48 10.17 34.01
CA TYR B 86 25.69 10.66 32.88
C TYR B 86 24.95 11.93 33.22
N THR B 87 24.67 12.73 32.19
CA THR B 87 23.95 13.99 32.33
C THR B 87 22.97 14.13 31.17
N LEU B 88 21.74 14.53 31.48
CA LEU B 88 20.70 14.67 30.47
C LEU B 88 20.74 16.08 29.91
N LYS B 89 21.11 16.19 28.64
CA LYS B 89 21.11 17.44 27.92
C LYS B 89 19.87 17.56 27.05
N PRO B 90 19.41 18.77 26.74
CA PRO B 90 18.29 18.93 25.82
C PRO B 90 18.76 18.87 24.37
N ASN B 91 17.80 18.57 23.48
CA ASN B 91 18.02 18.62 22.05
C ASN B 91 17.45 19.92 21.50
N VAL B 92 18.17 20.53 20.56
CA VAL B 92 17.78 21.85 20.06
C VAL B 92 16.40 21.82 19.43
N GLY B 93 15.97 20.67 18.93
CA GLY B 93 14.72 20.57 18.21
C GLY B 93 13.51 20.14 19.02
N SER B 94 13.67 19.88 20.31
CA SER B 94 12.60 19.25 21.07
C SER B 94 12.61 19.76 22.51
N ASP B 95 11.42 19.88 23.08
CA ASP B 95 11.25 20.14 24.50
C ASP B 95 10.71 18.92 25.24
N ARG B 96 10.74 17.74 24.61
CA ARG B 96 10.26 16.51 25.22
C ARG B 96 11.25 15.37 24.98
N SER B 97 12.53 15.68 24.92
CA SER B 97 13.56 14.68 24.69
C SER B 97 14.81 15.04 25.50
N TRP B 98 15.64 14.03 25.74
CA TRP B 98 16.91 14.21 26.43
C TRP B 98 18.01 13.54 25.63
N VAL B 99 19.20 14.16 25.66
CA VAL B 99 20.38 13.62 25.02
C VAL B 99 21.42 13.34 26.10
N TYR B 100 22.08 12.20 26.01
CA TYR B 100 23.18 11.93 26.92
C TYR B 100 24.08 10.85 26.33
N ALA B 101 25.33 10.86 26.78
CA ALA B 101 26.33 9.91 26.32
C ALA B 101 26.34 8.66 27.18
N CYS B 102 26.54 7.51 26.56
CA CYS B 102 26.55 6.22 27.23
C CYS B 102 27.77 5.45 26.78
N THR B 103 28.51 4.88 27.73
CA THR B 103 29.79 4.27 27.44
C THR B 103 29.75 2.75 27.39
N ALA B 104 28.67 2.11 27.85
CA ALA B 104 28.64 0.64 27.88
C ALA B 104 27.19 0.18 27.81
N ASP B 105 26.67 0.06 26.59
CA ASP B 105 25.35 -0.49 26.33
C ASP B 105 25.50 -1.85 25.66
N ILE B 106 24.80 -2.85 26.19
CA ILE B 106 24.93 -4.22 25.70
C ILE B 106 23.63 -4.69 25.06
N ALA B 107 22.86 -3.76 24.49
CA ALA B 107 21.63 -4.14 23.82
C ALA B 107 21.90 -5.08 22.66
N GLU B 108 23.03 -4.90 21.98
CA GLU B 108 23.43 -5.77 20.87
C GLU B 108 24.65 -6.61 21.23
N GLY B 109 24.85 -6.87 22.52
CA GLY B 109 25.90 -7.75 22.97
C GLY B 109 27.18 -7.02 23.34
N GLU B 110 28.11 -6.95 22.40
CA GLU B 110 29.40 -6.30 22.63
C GLU B 110 29.18 -4.92 23.22
N ALA B 111 29.68 -4.72 24.45
CA ALA B 111 29.49 -3.45 25.14
C ALA B 111 30.04 -2.29 24.33
N GLU B 112 29.16 -1.60 23.61
CA GLU B 112 29.55 -0.44 22.82
C GLU B 112 29.23 0.85 23.57
N ALA B 113 29.76 1.95 23.05
CA ALA B 113 29.46 3.28 23.55
C ALA B 113 28.60 4.01 22.54
N PHE B 114 27.63 4.78 23.03
CA PHE B 114 26.68 5.47 22.17
C PHE B 114 26.38 6.85 22.74
N THR B 115 25.93 7.74 21.85
CA THR B 115 25.23 8.95 22.26
C THR B 115 23.74 8.72 22.00
N PHE B 116 22.96 8.74 23.07
CA PHE B 116 21.54 8.39 23.01
C PHE B 116 20.67 9.64 23.07
N ALA B 117 19.50 9.54 22.44
CA ALA B 117 18.43 10.49 22.61
C ALA B 117 17.13 9.71 22.81
N ILE B 118 16.31 10.16 23.76
CA ILE B 118 15.04 9.51 24.05
C ILE B 118 13.96 10.58 24.03
N ARG B 119 12.89 10.31 23.28
CA ARG B 119 11.78 11.24 23.14
C ARG B 119 10.51 10.61 23.67
N PHE B 120 9.63 11.45 24.23
CA PHE B 120 8.43 11.00 24.91
C PHE B 120 7.22 11.68 24.31
N GLY B 121 6.04 11.19 24.68
CA GLY B 121 4.80 11.71 24.14
C GLY B 121 4.48 13.12 24.59
N SER B 122 5.08 13.58 25.69
CA SER B 122 4.75 14.87 26.26
C SER B 122 5.96 15.43 26.97
N LYS B 123 5.87 16.71 27.36
CA LYS B 123 6.94 17.33 28.12
C LYS B 123 6.89 16.92 29.59
N GLU B 124 5.71 16.58 30.11
CA GLU B 124 5.63 16.08 31.48
C GLU B 124 6.30 14.71 31.59
N ASN B 125 6.14 13.87 30.57
CA ASN B 125 6.83 12.59 30.56
C ASN B 125 8.34 12.78 30.47
N ALA B 126 8.78 13.80 29.74
CA ALA B 126 10.21 14.07 29.65
C ALA B 126 10.76 14.59 30.97
N ASP B 127 10.04 15.53 31.60
CA ASP B 127 10.48 16.06 32.89
C ASP B 127 10.38 15.00 33.98
N LYS B 128 9.31 14.20 33.97
CA LYS B 128 9.21 13.11 34.95
C LYS B 128 10.32 12.09 34.75
N PHE B 129 10.63 11.77 33.50
CA PHE B 129 11.75 10.88 33.20
C PHE B 129 13.04 11.42 33.79
N LYS B 130 13.27 12.72 33.65
CA LYS B 130 14.48 13.33 34.19
C LYS B 130 14.53 13.19 35.71
N GLU B 131 13.40 13.39 36.39
CA GLU B 131 13.36 13.25 37.83
C GLU B 131 13.71 11.82 38.25
N GLU B 132 13.01 10.84 37.67
CA GLU B 132 13.29 9.45 38.02
C GLU B 132 14.72 9.06 37.66
N PHE B 133 15.21 9.57 36.53
CA PHE B 133 16.57 9.24 36.09
C PHE B 133 17.59 9.68 37.13
N GLU B 134 17.45 10.89 37.65
CA GLU B 134 18.43 11.39 38.62
C GLU B 134 18.29 10.67 39.96
N LYS B 135 17.08 10.29 40.35
CA LYS B 135 16.91 9.44 41.54
C LYS B 135 17.69 8.15 41.40
N ALA B 136 17.51 7.45 40.28
CA ALA B 136 18.24 6.21 40.04
C ALA B 136 19.74 6.41 40.17
N GLN B 137 20.25 7.54 39.68
CA GLN B 137 21.67 7.83 39.82
C GLN B 137 22.08 7.88 41.28
N GLU B 138 21.25 8.45 42.14
CA GLU B 138 21.56 8.50 43.56
C GLU B 138 21.61 7.09 44.16
N ILE B 139 20.61 6.26 43.82
CA ILE B 139 20.61 4.88 44.31
C ILE B 139 21.89 4.18 43.90
N ASN B 140 22.35 4.41 42.66
CA ASN B 140 23.59 3.79 42.20
C ASN B 140 24.82 4.35 42.89
N LYS B 141 24.76 5.59 43.39
CA LYS B 141 25.83 6.10 44.25
C LYS B 141 25.93 5.29 45.54
N LYS B 142 24.84 4.66 45.96
CA LYS B 142 24.81 3.82 47.15
C LYS B 142 24.88 4.67 48.42
N GLY C 2 41.62 -8.80 -5.65
CA GLY C 2 41.17 -10.20 -5.33
C GLY C 2 41.39 -11.16 -6.48
N SER C 3 41.54 -12.45 -6.14
CA SER C 3 41.72 -13.48 -7.16
C SER C 3 40.40 -13.88 -7.82
N MET C 4 39.26 -13.67 -7.14
CA MET C 4 37.98 -14.01 -7.74
C MET C 4 37.68 -13.18 -8.99
N GLU C 5 38.33 -12.03 -9.15
CA GLU C 5 38.11 -11.20 -10.33
C GLU C 5 38.75 -11.76 -11.58
N GLY C 6 39.43 -12.90 -11.50
CA GLY C 6 40.07 -13.44 -12.69
C GLY C 6 39.10 -13.74 -13.81
N ILE C 7 37.87 -14.16 -13.48
CA ILE C 7 36.90 -14.52 -14.49
C ILE C 7 36.41 -13.33 -15.30
N LEU C 8 36.74 -12.10 -14.89
CA LEU C 8 36.33 -10.92 -15.64
C LEU C 8 37.22 -10.65 -16.84
N ASP C 9 38.45 -11.17 -16.86
CA ASP C 9 39.34 -10.99 -17.99
C ASP C 9 39.04 -12.04 -19.05
N PHE C 10 38.66 -11.60 -20.24
CA PHE C 10 38.24 -12.49 -21.31
C PHE C 10 39.36 -12.81 -22.31
N SER C 11 40.48 -12.09 -22.26
CA SER C 11 41.63 -12.46 -23.07
C SER C 11 42.04 -13.89 -22.77
N ASN C 12 42.35 -14.17 -21.51
CA ASN C 12 42.58 -15.54 -21.08
C ASN C 12 41.33 -16.39 -21.30
N ASP C 13 41.53 -17.70 -21.39
CA ASP C 13 40.40 -18.61 -21.36
C ASP C 13 39.71 -18.52 -20.00
N LEU C 14 38.50 -19.07 -19.92
CA LEU C 14 37.72 -19.03 -18.70
C LEU C 14 38.06 -20.24 -17.84
N ASP C 15 38.57 -19.99 -16.63
CA ASP C 15 38.81 -21.05 -15.67
C ASP C 15 37.49 -21.37 -14.98
N ILE C 16 36.82 -22.43 -15.43
CA ILE C 16 35.53 -22.80 -14.87
C ILE C 16 35.66 -23.11 -13.39
N ALA C 17 36.79 -23.68 -12.96
CA ALA C 17 36.98 -23.98 -11.55
C ALA C 17 36.92 -22.71 -10.71
N LEU C 18 37.53 -21.62 -11.21
CA LEU C 18 37.45 -20.35 -10.49
C LEU C 18 36.02 -19.81 -10.49
N LEU C 19 35.26 -20.07 -11.56
CA LEU C 19 33.86 -19.63 -11.59
C LEU C 19 33.08 -20.27 -10.45
N ASP C 20 33.18 -21.59 -10.31
CA ASP C 20 32.42 -22.28 -9.27
C ASP C 20 32.76 -21.75 -7.89
N GLN C 21 34.00 -21.32 -7.67
CA GLN C 21 34.39 -20.77 -6.37
C GLN C 21 33.66 -19.46 -6.10
N VAL C 22 33.59 -18.57 -7.11
CA VAL C 22 32.84 -17.33 -6.94
C VAL C 22 31.38 -17.63 -6.70
N VAL C 23 30.82 -18.58 -7.46
CA VAL C 23 29.42 -18.97 -7.27
C VAL C 23 29.19 -19.49 -5.86
N SER C 24 29.99 -20.50 -5.46
CA SER C 24 29.86 -21.05 -4.11
C SER C 24 30.07 -19.96 -3.06
N THR C 25 31.07 -19.10 -3.26
CA THR C 25 31.31 -18.02 -2.32
C THR C 25 30.11 -17.09 -2.23
N PHE C 26 29.31 -17.00 -3.29
CA PHE C 26 28.15 -16.12 -3.26
C PHE C 26 26.93 -16.81 -2.64
N TYR C 27 26.68 -18.06 -3.04
CA TYR C 27 25.47 -18.74 -2.60
C TYR C 27 25.63 -19.37 -1.21
N GLN C 28 26.80 -19.92 -0.92
CA GLN C 28 27.04 -20.53 0.38
C GLN C 28 27.98 -19.74 1.27
N GLY C 29 28.56 -18.63 0.77
CA GLY C 29 29.43 -17.80 1.57
C GLY C 29 28.64 -16.83 2.43
N SER C 30 29.35 -15.84 2.95
CA SER C 30 28.76 -14.85 3.83
C SER C 30 29.74 -13.70 4.01
N GLY C 31 29.24 -12.60 4.59
CA GLY C 31 30.10 -11.50 4.94
C GLY C 31 30.64 -10.76 3.72
N VAL C 32 31.91 -10.38 3.79
CA VAL C 32 32.53 -9.61 2.72
C VAL C 32 32.80 -10.49 1.50
N GLN C 33 33.22 -11.74 1.75
CA GLN C 33 33.46 -12.67 0.64
C GLN C 33 32.22 -12.79 -0.25
N GLN C 34 31.06 -13.05 0.37
CA GLN C 34 29.82 -13.14 -0.39
C GLN C 34 29.54 -11.85 -1.15
N LYS C 35 29.75 -10.70 -0.50
CA LYS C 35 29.45 -9.42 -1.13
C LYS C 35 30.38 -9.17 -2.32
N GLN C 36 31.65 -9.57 -2.20
CA GLN C 36 32.59 -9.37 -3.30
C GLN C 36 32.26 -10.29 -4.47
N ALA C 37 31.93 -11.55 -4.19
CA ALA C 37 31.58 -12.48 -5.26
C ALA C 37 30.32 -12.04 -5.99
N GLN C 38 29.37 -11.47 -5.25
CA GLN C 38 28.14 -10.98 -5.88
C GLN C 38 28.46 -9.93 -6.94
N GLU C 39 29.25 -8.92 -6.58
CA GLU C 39 29.60 -7.87 -7.52
C GLU C 39 30.39 -8.42 -8.71
N ILE C 40 31.18 -9.47 -8.49
CA ILE C 40 31.92 -10.08 -9.60
C ILE C 40 30.97 -10.76 -10.56
N LEU C 41 30.11 -11.65 -10.04
CA LEU C 41 29.18 -12.37 -10.90
C LEU C 41 28.30 -11.42 -11.69
N THR C 42 27.93 -10.29 -11.10
CA THR C 42 27.14 -9.30 -11.82
C THR C 42 27.91 -8.75 -13.02
N LYS C 43 29.17 -8.36 -12.79
CA LYS C 43 29.98 -7.85 -13.90
C LYS C 43 30.18 -8.91 -14.97
N PHE C 44 30.39 -10.16 -14.56
CA PHE C 44 30.53 -11.25 -15.52
C PHE C 44 29.26 -11.43 -16.33
N GLN C 45 28.10 -11.46 -15.65
CA GLN C 45 26.84 -11.70 -16.35
C GLN C 45 26.50 -10.58 -17.32
N ASP C 46 26.83 -9.34 -16.96
CA ASP C 46 26.47 -8.19 -17.78
C ASP C 46 27.49 -7.89 -18.87
N ASN C 47 28.39 -8.84 -19.17
CA ASN C 47 29.36 -8.63 -20.24
C ASN C 47 28.77 -9.10 -21.57
N PRO C 48 28.76 -8.25 -22.61
CA PRO C 48 28.09 -8.66 -23.86
C PRO C 48 28.66 -9.93 -24.48
N ASP C 49 29.89 -10.30 -24.16
CA ASP C 49 30.48 -11.52 -24.69
C ASP C 49 30.27 -12.72 -23.78
N ALA C 50 29.72 -12.53 -22.58
CA ALA C 50 29.57 -13.62 -21.62
C ALA C 50 28.85 -14.82 -22.20
N TRP C 51 27.89 -14.58 -23.11
CA TRP C 51 27.12 -15.68 -23.67
C TRP C 51 28.01 -16.65 -24.45
N GLN C 52 29.05 -16.14 -25.11
CA GLN C 52 29.91 -16.99 -25.93
C GLN C 52 30.55 -18.11 -25.12
N LYS C 53 30.60 -17.97 -23.79
CA LYS C 53 31.16 -18.99 -22.91
C LYS C 53 30.08 -19.76 -22.17
N ALA C 54 28.87 -19.82 -22.74
CA ALA C 54 27.76 -20.51 -22.10
C ALA C 54 27.88 -22.03 -22.25
N ASP C 55 28.07 -22.50 -23.49
CA ASP C 55 28.26 -23.92 -23.71
C ASP C 55 29.49 -24.43 -22.96
N GLN C 56 30.54 -23.61 -22.89
CA GLN C 56 31.73 -23.97 -22.14
C GLN C 56 31.40 -24.24 -20.68
N ILE C 57 30.71 -23.29 -20.03
CA ILE C 57 30.34 -23.46 -18.63
C ILE C 57 29.47 -24.70 -18.45
N LEU C 58 28.49 -24.89 -19.33
CA LEU C 58 27.59 -26.03 -19.23
C LEU C 58 28.36 -27.34 -19.15
N GLN C 59 29.26 -27.57 -20.11
CA GLN C 59 29.88 -28.88 -20.26
C GLN C 59 30.74 -29.25 -19.06
N PHE C 60 31.76 -28.45 -18.77
CA PHE C 60 32.83 -28.83 -17.87
C PHE C 60 32.62 -28.35 -16.44
N SER C 61 31.45 -27.82 -16.11
CA SER C 61 31.17 -27.33 -14.77
C SER C 61 30.32 -28.34 -14.00
N THR C 62 30.63 -28.51 -12.71
CA THR C 62 29.86 -29.38 -11.83
C THR C 62 28.83 -28.62 -11.01
N ASN C 63 29.06 -27.35 -10.76
CA ASN C 63 28.14 -26.55 -9.95
C ASN C 63 26.87 -26.24 -10.75
N PRO C 64 25.69 -26.66 -10.29
CA PRO C 64 24.47 -26.33 -11.05
C PRO C 64 24.10 -24.86 -11.01
N GLN C 65 24.46 -24.14 -9.93
CA GLN C 65 24.23 -22.71 -9.90
C GLN C 65 25.02 -21.99 -10.98
N SER C 66 26.21 -22.50 -11.32
CA SER C 66 26.96 -21.92 -12.43
C SER C 66 26.21 -22.07 -13.73
N LYS C 67 25.64 -23.25 -13.98
CA LYS C 67 24.88 -23.48 -15.20
C LYS C 67 23.60 -22.64 -15.21
N PHE C 68 22.97 -22.46 -14.05
CA PHE C 68 21.80 -21.58 -13.97
C PHE C 68 22.16 -20.17 -14.43
N ILE C 69 23.26 -19.62 -13.89
CA ILE C 69 23.68 -18.29 -14.30
C ILE C 69 24.12 -18.29 -15.76
N ALA C 70 24.61 -19.42 -16.26
CA ALA C 70 24.94 -19.51 -17.67
C ALA C 70 23.70 -19.39 -18.54
N LEU C 71 22.60 -20.02 -18.12
CA LEU C 71 21.35 -19.92 -18.86
C LEU C 71 20.71 -18.54 -18.71
N SER C 72 20.91 -17.89 -17.56
CA SER C 72 20.46 -16.51 -17.42
C SER C 72 21.15 -15.60 -18.42
N ILE C 73 22.39 -15.92 -18.80
CA ILE C 73 23.09 -15.14 -19.80
C ILE C 73 22.55 -15.43 -21.19
N LEU C 74 22.13 -16.68 -21.44
CA LEU C 74 21.52 -17.01 -22.72
C LEU C 74 20.13 -16.39 -22.84
N ASP C 75 19.31 -16.54 -21.80
CA ASP C 75 17.98 -15.94 -21.79
C ASP C 75 18.07 -14.45 -22.13
N LYS C 76 19.00 -13.75 -21.49
CA LYS C 76 19.19 -12.32 -21.77
C LYS C 76 19.56 -12.08 -23.22
N LEU C 77 20.44 -12.92 -23.78
CA LEU C 77 20.81 -12.80 -25.19
C LEU C 77 19.64 -13.12 -26.10
N ILE C 78 18.95 -14.24 -25.84
CA ILE C 78 17.84 -14.64 -26.69
C ILE C 78 16.75 -13.58 -26.68
N THR C 79 16.56 -12.90 -25.56
CA THR C 79 15.44 -11.97 -25.43
C THR C 79 15.69 -10.69 -26.22
N ARG C 80 16.91 -10.14 -26.13
CA ARG C 80 17.17 -8.79 -26.63
C ARG C 80 18.02 -8.74 -27.89
N LYS C 81 18.86 -9.75 -28.15
CA LYS C 81 19.81 -9.68 -29.25
C LYS C 81 19.77 -10.92 -30.15
N TRP C 82 18.70 -11.71 -30.08
CA TRP C 82 18.66 -12.96 -30.83
C TRP C 82 18.87 -12.73 -32.32
N LYS C 83 18.17 -11.76 -32.89
CA LYS C 83 18.23 -11.53 -34.32
C LYS C 83 19.49 -10.80 -34.77
N LEU C 84 20.32 -10.35 -33.84
CA LEU C 84 21.59 -9.74 -34.18
C LEU C 84 22.70 -10.76 -34.40
N LEU C 85 22.43 -12.04 -34.16
CA LEU C 85 23.44 -13.08 -34.29
C LEU C 85 23.47 -13.61 -35.72
N PRO C 86 24.61 -14.18 -36.14
CA PRO C 86 24.62 -14.93 -37.40
C PRO C 86 23.68 -16.12 -37.32
N ASN C 87 23.17 -16.54 -38.48
CA ASN C 87 22.22 -17.66 -38.50
C ASN C 87 22.82 -18.94 -37.96
N ASP C 88 24.16 -19.03 -37.90
CA ASP C 88 24.80 -20.23 -37.38
C ASP C 88 24.85 -20.23 -35.85
N HIS C 89 25.14 -19.08 -35.24
CA HIS C 89 25.10 -18.99 -33.78
C HIS C 89 23.70 -19.26 -33.25
N ARG C 90 22.67 -19.00 -34.06
CA ARG C 90 21.30 -19.27 -33.60
C ARG C 90 21.03 -20.76 -33.53
N ILE C 91 21.27 -21.48 -34.63
CA ILE C 91 21.02 -22.92 -34.63
C ILE C 91 21.91 -23.62 -33.60
N GLY C 92 23.16 -23.20 -33.50
CA GLY C 92 24.05 -23.76 -32.49
C GLY C 92 23.48 -23.64 -31.09
N ILE C 93 23.02 -22.43 -30.74
CA ILE C 93 22.44 -22.22 -29.41
C ILE C 93 21.20 -23.09 -29.24
N ARG C 94 20.34 -23.15 -30.25
CA ARG C 94 19.19 -24.06 -30.19
C ARG C 94 19.65 -25.49 -29.95
N ASN C 95 20.78 -25.88 -30.55
CA ASN C 95 21.20 -27.28 -30.49
C ASN C 95 21.59 -27.68 -29.08
N PHE C 96 22.51 -26.94 -28.46
CA PHE C 96 22.99 -27.35 -27.14
C PHE C 96 22.07 -26.91 -26.01
N VAL C 97 20.99 -26.19 -26.30
CA VAL C 97 19.90 -26.07 -25.34
C VAL C 97 19.00 -27.30 -25.41
N VAL C 98 18.58 -27.68 -26.63
CA VAL C 98 17.80 -28.90 -26.79
C VAL C 98 18.59 -30.10 -26.30
N GLY C 99 19.85 -30.24 -26.76
CA GLY C 99 20.65 -31.37 -26.37
C GLY C 99 20.87 -31.46 -24.87
N MET C 100 21.00 -30.30 -24.22
CA MET C 100 21.17 -30.29 -22.76
C MET C 100 19.93 -30.84 -22.07
N ILE C 101 18.75 -30.39 -22.48
CA ILE C 101 17.51 -30.83 -21.85
C ILE C 101 17.40 -32.35 -21.95
N ILE C 102 17.65 -32.90 -23.14
CA ILE C 102 17.57 -34.35 -23.31
C ILE C 102 18.61 -35.05 -22.45
N SER C 103 19.83 -34.50 -22.42
CA SER C 103 20.90 -35.10 -21.65
C SER C 103 20.56 -35.17 -20.16
N MET C 104 19.83 -34.17 -19.64
CA MET C 104 19.51 -34.15 -18.22
C MET C 104 18.32 -35.04 -17.89
N CYS C 105 17.38 -35.21 -18.83
CA CYS C 105 16.19 -36.00 -18.57
C CYS C 105 16.44 -37.50 -18.71
N GLN C 106 17.53 -37.91 -19.36
CA GLN C 106 17.85 -39.32 -19.50
C GLN C 106 18.64 -39.85 -18.32
N ASP C 107 19.41 -39.00 -17.65
CA ASP C 107 20.10 -39.39 -16.43
C ASP C 107 19.09 -39.29 -15.29
N ASP C 108 18.60 -40.45 -14.83
CA ASP C 108 17.60 -40.47 -13.76
C ASP C 108 18.09 -39.71 -12.54
N GLU C 109 19.39 -39.79 -12.24
CA GLU C 109 19.92 -39.08 -11.09
C GLU C 109 19.80 -37.57 -11.27
N VAL C 110 20.29 -37.06 -12.40
CA VAL C 110 20.21 -35.62 -12.67
C VAL C 110 18.76 -35.16 -12.67
N PHE C 111 17.89 -35.91 -13.37
CA PHE C 111 16.50 -35.51 -13.47
C PHE C 111 15.85 -35.38 -12.11
N LYS C 112 16.28 -36.19 -11.13
CA LYS C 112 15.67 -36.15 -9.81
C LYS C 112 16.18 -35.00 -8.97
N THR C 113 17.46 -34.64 -9.12
CA THR C 113 18.11 -33.71 -8.21
C THR C 113 18.26 -32.30 -8.75
N GLN C 114 18.28 -32.12 -10.08
CA GLN C 114 18.54 -30.82 -10.70
C GLN C 114 17.28 -30.21 -11.29
N LYS C 115 16.17 -30.30 -10.56
CA LYS C 115 14.91 -29.75 -11.07
C LYS C 115 15.01 -28.24 -11.32
N ASN C 116 15.82 -27.53 -10.54
CA ASN C 116 15.99 -26.10 -10.78
C ASN C 116 16.65 -25.84 -12.12
N LEU C 117 17.79 -26.48 -12.37
CA LEU C 117 18.51 -26.26 -13.62
C LEU C 117 17.70 -26.73 -14.81
N ILE C 118 16.91 -27.79 -14.66
CA ILE C 118 16.09 -28.29 -15.76
C ILE C 118 14.98 -27.30 -16.09
N ASN C 119 14.29 -26.80 -15.06
CA ASN C 119 13.22 -25.83 -15.30
C ASN C 119 13.76 -24.56 -15.94
N LYS C 120 14.93 -24.10 -15.48
CA LYS C 120 15.56 -22.94 -16.11
C LYS C 120 15.89 -23.22 -17.57
N SER C 121 16.39 -24.43 -17.86
CA SER C 121 16.69 -24.78 -19.24
C SER C 121 15.44 -24.83 -20.10
N ASP C 122 14.35 -25.37 -19.56
CA ASP C 122 13.08 -25.37 -20.29
C ASP C 122 12.62 -23.95 -20.59
N LEU C 123 12.67 -23.07 -19.58
CA LEU C 123 12.27 -21.69 -19.80
C LEU C 123 13.15 -21.04 -20.85
N THR C 124 14.45 -21.35 -20.87
CA THR C 124 15.34 -20.82 -21.89
C THR C 124 14.91 -21.30 -23.27
N LEU C 125 14.58 -22.58 -23.39
CA LEU C 125 14.08 -23.11 -24.66
C LEU C 125 12.82 -22.37 -25.11
N VAL C 126 11.90 -22.10 -24.16
CA VAL C 126 10.66 -21.43 -24.52
C VAL C 126 10.93 -20.02 -25.04
N GLN C 127 12.03 -19.40 -24.61
CA GLN C 127 12.39 -18.10 -25.16
C GLN C 127 12.81 -18.23 -26.62
N ILE C 128 13.50 -19.32 -26.97
CA ILE C 128 13.84 -19.57 -28.36
C ILE C 128 12.57 -19.78 -29.17
N LEU C 129 11.60 -20.51 -28.62
CA LEU C 129 10.35 -20.75 -29.34
C LEU C 129 9.65 -19.45 -29.69
N LYS C 130 9.55 -18.53 -28.72
CA LYS C 130 8.95 -17.24 -28.99
C LYS C 130 9.62 -16.52 -30.16
N GLN C 131 10.91 -16.79 -30.37
CA GLN C 131 11.66 -16.16 -31.45
C GLN C 131 11.57 -16.93 -32.76
N GLU C 132 11.56 -18.27 -32.69
CA GLU C 132 11.74 -19.10 -33.87
C GLU C 132 10.52 -19.94 -34.24
N TRP C 133 9.58 -20.13 -33.33
CA TRP C 133 8.51 -21.09 -33.56
C TRP C 133 7.21 -20.37 -33.92
N PRO C 134 6.41 -20.89 -34.87
CA PRO C 134 6.67 -22.08 -35.71
C PRO C 134 7.32 -21.78 -37.06
N GLN C 135 7.42 -20.51 -37.42
CA GLN C 135 7.90 -20.15 -38.77
C GLN C 135 9.23 -20.80 -39.12
N ASN C 136 10.10 -20.99 -38.14
CA ASN C 136 11.42 -21.59 -38.36
C ASN C 136 11.60 -22.85 -37.54
N TRP C 137 10.51 -23.54 -37.21
CA TRP C 137 10.59 -24.75 -36.39
C TRP C 137 9.25 -25.46 -36.39
N PRO C 138 8.67 -25.74 -37.56
CA PRO C 138 7.27 -26.20 -37.60
C PRO C 138 7.05 -27.58 -37.01
N GLU C 139 8.09 -28.36 -36.77
CA GLU C 139 7.94 -29.73 -36.28
C GLU C 139 8.29 -29.86 -34.80
N PHE C 140 8.40 -28.74 -34.08
CA PHE C 140 8.72 -28.82 -32.66
C PHE C 140 7.66 -29.60 -31.90
N ILE C 141 6.39 -29.34 -32.17
CA ILE C 141 5.29 -29.96 -31.43
C ILE C 141 5.19 -31.43 -31.78
N PRO C 142 5.13 -31.82 -33.06
CA PRO C 142 5.12 -33.26 -33.37
C PRO C 142 6.33 -34.00 -32.80
N GLU C 143 7.51 -33.41 -32.89
CA GLU C 143 8.70 -34.04 -32.31
C GLU C 143 8.62 -34.09 -30.80
N LEU C 144 8.03 -33.07 -30.18
CA LEU C 144 7.81 -33.12 -28.74
C LEU C 144 6.84 -34.25 -28.37
N ILE C 145 5.75 -34.37 -29.12
CA ILE C 145 4.77 -35.43 -28.85
C ILE C 145 5.42 -36.80 -29.05
N GLY C 146 6.14 -36.97 -30.15
CA GLY C 146 6.77 -38.26 -30.43
C GLY C 146 7.74 -38.66 -29.34
N SER C 147 8.65 -37.74 -28.97
CA SER C 147 9.66 -38.05 -27.97
C SER C 147 9.05 -38.37 -26.60
N SER C 148 7.82 -37.93 -26.35
CA SER C 148 7.21 -38.19 -25.04
C SER C 148 7.00 -39.68 -24.81
N SER C 149 6.72 -40.44 -25.86
CA SER C 149 6.49 -41.88 -25.72
C SER C 149 7.75 -42.66 -25.40
N SER C 150 8.93 -42.05 -25.55
CA SER C 150 10.18 -42.74 -25.23
C SER C 150 10.37 -42.81 -23.71
N SER C 151 11.03 -41.80 -23.14
CA SER C 151 11.33 -41.79 -21.72
C SER C 151 10.19 -41.17 -20.93
N VAL C 152 9.89 -41.74 -19.77
CA VAL C 152 8.88 -41.18 -18.90
C VAL C 152 9.33 -39.84 -18.34
N ASN C 153 10.65 -39.64 -18.22
CA ASN C 153 11.18 -38.37 -17.74
C ASN C 153 11.09 -37.28 -18.80
N VAL C 154 11.23 -37.66 -20.08
CA VAL C 154 11.11 -36.67 -21.16
C VAL C 154 9.66 -36.21 -21.29
N CYS C 155 8.71 -37.15 -21.25
CA CYS C 155 7.30 -36.78 -21.31
C CYS C 155 6.94 -35.80 -20.21
N GLU C 156 7.33 -36.10 -18.97
CA GLU C 156 7.05 -35.21 -17.86
C GLU C 156 7.66 -33.83 -18.09
N ASN C 157 8.90 -33.80 -18.54
CA ASN C 157 9.57 -32.51 -18.76
C ASN C 157 8.96 -31.76 -19.93
N ASN C 158 8.38 -32.47 -20.89
CA ASN C 158 7.68 -31.80 -21.98
C ASN C 158 6.42 -31.11 -21.48
N MET C 159 5.76 -31.69 -20.48
CA MET C 159 4.63 -31.00 -19.85
C MET C 159 5.05 -29.69 -19.21
N ILE C 160 6.27 -29.65 -18.67
CA ILE C 160 6.80 -28.40 -18.12
C ILE C 160 7.02 -27.38 -19.24
N VAL C 161 7.64 -27.82 -20.34
CA VAL C 161 7.88 -26.92 -21.46
C VAL C 161 6.56 -26.37 -21.99
N LEU C 162 5.56 -27.25 -22.16
CA LEU C 162 4.27 -26.81 -22.67
C LEU C 162 3.58 -25.88 -21.68
N LYS C 163 3.69 -26.16 -20.38
CA LYS C 163 3.13 -25.27 -19.38
C LYS C 163 3.73 -23.88 -19.51
N LEU C 164 5.06 -23.79 -19.62
CA LEU C 164 5.72 -22.49 -19.70
C LEU C 164 5.37 -21.78 -21.00
N LEU C 165 5.33 -22.52 -22.12
CA LEU C 165 4.96 -21.92 -23.39
C LEU C 165 3.56 -21.32 -23.31
N SER C 166 2.60 -22.07 -22.76
CA SER C 166 1.26 -21.55 -22.58
C SER C 166 1.27 -20.25 -21.78
N GLU C 167 2.00 -20.24 -20.67
CA GLU C 167 2.09 -19.03 -19.85
C GLU C 167 2.63 -17.86 -20.65
N GLU C 168 3.72 -18.07 -21.38
CA GLU C 168 4.39 -16.96 -22.05
C GLU C 168 3.57 -16.41 -23.22
N VAL C 169 2.71 -17.24 -23.80
CA VAL C 169 1.93 -16.83 -24.96
C VAL C 169 0.60 -16.20 -24.56
N PHE C 170 -0.05 -16.75 -23.53
CA PHE C 170 -1.40 -16.35 -23.17
C PHE C 170 -1.49 -15.57 -21.87
N ASP C 171 -0.65 -15.87 -20.88
CA ASP C 171 -0.78 -15.25 -19.56
C ASP C 171 0.14 -14.05 -19.37
N PHE C 172 1.25 -13.94 -20.11
CA PHE C 172 2.22 -12.89 -19.86
C PHE C 172 2.74 -12.28 -21.16
N SER C 173 1.93 -12.31 -22.22
CA SER C 173 2.34 -11.76 -23.50
C SER C 173 1.96 -10.29 -23.66
N ALA C 174 0.94 -9.82 -22.95
CA ALA C 174 0.43 -8.47 -23.18
C ALA C 174 1.52 -7.42 -22.99
N GLU C 175 2.31 -7.54 -21.92
CA GLU C 175 3.33 -6.56 -21.63
C GLU C 175 4.63 -6.81 -22.39
N GLN C 176 4.87 -8.03 -22.88
CA GLN C 176 6.18 -8.43 -23.36
C GLN C 176 6.28 -8.62 -24.86
N MET C 177 5.17 -8.56 -25.59
CA MET C 177 5.19 -8.73 -27.04
C MET C 177 4.36 -7.64 -27.70
N THR C 178 4.61 -7.42 -28.98
CA THR C 178 3.73 -6.60 -29.78
C THR C 178 2.41 -7.34 -30.00
N GLN C 179 1.35 -6.57 -30.23
CA GLN C 179 0.05 -7.17 -30.53
C GLN C 179 0.17 -8.20 -31.65
N ALA C 180 0.95 -7.88 -32.69
CA ALA C 180 1.05 -8.77 -33.84
C ALA C 180 1.73 -10.08 -33.47
N LYS C 181 2.81 -10.04 -32.68
CA LYS C 181 3.52 -11.26 -32.33
C LYS C 181 2.71 -12.09 -31.34
N ALA C 182 2.01 -11.43 -30.41
CA ALA C 182 1.17 -12.16 -29.48
C ALA C 182 0.08 -12.92 -30.23
N LEU C 183 -0.56 -12.26 -31.19
CA LEU C 183 -1.60 -12.93 -31.98
C LEU C 183 -1.01 -14.09 -32.77
N HIS C 184 0.17 -13.91 -33.35
CA HIS C 184 0.80 -14.96 -34.13
C HIS C 184 1.04 -16.20 -33.30
N LEU C 185 1.55 -16.04 -32.08
CA LEU C 185 1.86 -17.18 -31.24
C LEU C 185 0.61 -17.84 -30.69
N LYS C 186 -0.40 -17.03 -30.34
CA LYS C 186 -1.67 -17.59 -29.88
C LYS C 186 -2.31 -18.45 -30.96
N ASN C 187 -2.41 -17.91 -32.18
CA ASN C 187 -2.95 -18.70 -33.28
C ASN C 187 -2.12 -19.96 -33.53
N SER C 188 -0.80 -19.86 -33.38
CA SER C 188 0.05 -21.02 -33.61
C SER C 188 -0.23 -22.12 -32.59
N MET C 189 -0.18 -21.78 -31.30
CA MET C 189 -0.52 -22.77 -30.28
C MET C 189 -1.94 -23.28 -30.45
N SER C 190 -2.87 -22.38 -30.83
CA SER C 190 -4.25 -22.78 -31.03
C SER C 190 -4.37 -23.78 -32.16
N LYS C 191 -3.67 -23.54 -33.28
CA LYS C 191 -3.78 -24.41 -34.44
C LYS C 191 -3.26 -25.82 -34.15
N GLU C 192 -2.31 -25.95 -33.23
CA GLU C 192 -1.67 -27.23 -32.94
C GLU C 192 -2.07 -27.81 -31.60
N PHE C 193 -3.09 -27.26 -30.94
CA PHE C 193 -3.42 -27.72 -29.60
C PHE C 193 -4.09 -29.09 -29.60
N GLU C 194 -4.88 -29.39 -30.64
CA GLU C 194 -5.60 -30.66 -30.67
C GLU C 194 -4.66 -31.83 -30.42
N GLN C 195 -3.46 -31.78 -31.01
CA GLN C 195 -2.47 -32.82 -30.76
C GLN C 195 -1.97 -32.76 -29.33
N ILE C 196 -1.72 -31.54 -28.82
CA ILE C 196 -1.28 -31.38 -27.44
C ILE C 196 -2.30 -32.00 -26.49
N PHE C 197 -3.59 -31.78 -26.75
CA PHE C 197 -4.62 -32.30 -25.86
C PHE C 197 -4.60 -33.82 -25.83
N LYS C 198 -4.45 -34.46 -27.00
CA LYS C 198 -4.43 -35.93 -27.03
C LYS C 198 -3.33 -36.48 -26.14
N LEU C 199 -2.11 -35.97 -26.29
CA LEU C 199 -1.02 -36.40 -25.41
C LEU C 199 -1.38 -36.19 -23.95
N CYS C 200 -1.97 -35.04 -23.62
CA CYS C 200 -2.34 -34.75 -22.24
CA CYS C 200 -2.32 -34.76 -22.23
C CYS C 200 -3.45 -35.68 -21.76
N PHE C 201 -4.41 -35.99 -22.63
CA PHE C 201 -5.51 -36.85 -22.19
C PHE C 201 -5.07 -38.30 -22.06
N GLN C 202 -4.22 -38.78 -22.97
CA GLN C 202 -3.73 -40.14 -22.87
C GLN C 202 -2.94 -40.34 -21.58
N VAL C 203 -2.03 -39.42 -21.28
CA VAL C 203 -1.27 -39.50 -20.04
C VAL C 203 -2.22 -39.59 -18.85
N LEU C 204 -3.23 -38.72 -18.82
CA LEU C 204 -4.12 -38.66 -17.67
C LEU C 204 -4.91 -39.95 -17.50
N GLU C 205 -5.28 -40.61 -18.59
N GLU C 205 -5.33 -40.56 -18.60
CA GLU C 205 -6.01 -41.87 -18.50
CA GLU C 205 -6.11 -41.80 -18.55
C GLU C 205 -5.08 -43.08 -18.39
C GLU C 205 -5.21 -42.99 -18.24
N GLN C 206 -3.77 -42.88 -18.44
N GLN C 206 -4.20 -43.21 -19.07
CA GLN C 206 -2.80 -43.97 -18.35
CA GLN C 206 -3.19 -44.22 -18.80
C GLN C 206 -1.99 -43.93 -17.05
C GLN C 206 -2.27 -43.72 -17.70
N GLY C 207 -2.38 -43.08 -16.09
N GLY C 207 -2.75 -43.74 -16.45
CA GLY C 207 -1.67 -42.97 -14.84
CA GLY C 207 -1.98 -43.26 -15.31
C GLY C 207 -2.62 -42.66 -13.71
C GLY C 207 -0.52 -43.69 -15.38
N SER C 208 -2.08 -42.57 -12.50
N SER C 208 0.37 -42.95 -14.74
CA SER C 208 -2.86 -42.33 -11.30
CA SER C 208 1.79 -43.24 -14.86
C SER C 208 -2.45 -41.06 -10.58
C SER C 208 2.54 -42.87 -13.58
N SER C 209 -1.19 -40.94 -10.16
N SER C 209 3.68 -42.18 -13.72
CA SER C 209 -0.75 -39.80 -9.37
CA SER C 209 4.57 -41.88 -12.62
C SER C 209 0.77 -39.74 -9.30
C SER C 209 4.06 -40.77 -11.70
N SER C 210 1.43 -39.97 -10.43
N SER C 210 2.75 -40.51 -11.65
CA SER C 210 2.88 -39.87 -10.50
CA SER C 210 2.19 -39.55 -10.71
C SER C 210 3.28 -38.40 -10.57
C SER C 210 2.80 -38.17 -10.89
N SER C 211 4.59 -38.14 -10.69
N SER C 211 4.10 -38.04 -10.63
CA SER C 211 5.06 -36.79 -10.97
CA SER C 211 4.79 -36.79 -10.92
C SER C 211 4.73 -36.36 -12.40
C SER C 211 4.55 -36.36 -12.36
N LEU C 212 4.44 -37.33 -13.28
CA LEU C 212 4.03 -37.01 -14.64
C LEU C 212 2.56 -36.59 -14.69
N ILE C 213 1.71 -37.23 -13.87
CA ILE C 213 0.31 -36.84 -13.80
C ILE C 213 0.18 -35.43 -13.25
N VAL C 214 0.98 -35.10 -12.22
CA VAL C 214 0.93 -33.76 -11.65
C VAL C 214 1.44 -32.73 -12.63
N ALA C 215 2.55 -33.03 -13.30
CA ALA C 215 3.06 -32.11 -14.32
C ALA C 215 2.02 -31.90 -15.42
N THR C 216 1.34 -32.97 -15.84
CA THR C 216 0.32 -32.84 -16.88
C THR C 216 -0.85 -32.00 -16.40
N LEU C 217 -1.29 -32.20 -15.16
CA LEU C 217 -2.39 -31.40 -14.63
C LEU C 217 -1.97 -29.95 -14.46
N GLU C 218 -0.71 -29.71 -14.07
CA GLU C 218 -0.22 -28.34 -13.97
C GLU C 218 -0.25 -27.64 -15.33
N SER C 219 0.06 -28.37 -16.41
CA SER C 219 -0.06 -27.78 -17.73
C SER C 219 -1.51 -27.55 -18.11
N LEU C 220 -2.38 -28.51 -17.79
CA LEU C 220 -3.80 -28.36 -18.07
C LEU C 220 -4.35 -27.09 -17.41
N LEU C 221 -3.90 -26.79 -16.19
CA LEU C 221 -4.36 -25.58 -15.51
C LEU C 221 -4.15 -24.34 -16.38
N ARG C 222 -3.01 -24.27 -17.07
CA ARG C 222 -2.75 -23.13 -17.94
C ARG C 222 -3.60 -23.18 -19.20
N TYR C 223 -3.75 -24.37 -19.79
CA TYR C 223 -4.58 -24.49 -20.98
C TYR C 223 -5.99 -23.99 -20.74
N LEU C 224 -6.53 -24.29 -19.55
CA LEU C 224 -7.91 -23.94 -19.23
C LEU C 224 -8.17 -22.44 -19.27
N HIS C 225 -7.13 -21.61 -19.32
CA HIS C 225 -7.33 -20.17 -19.41
C HIS C 225 -7.82 -19.72 -20.77
N TRP C 226 -7.67 -20.54 -21.82
CA TRP C 226 -7.93 -20.04 -23.16
C TRP C 226 -8.52 -21.06 -24.14
N ILE C 227 -8.51 -22.34 -23.83
CA ILE C 227 -8.88 -23.33 -24.84
C ILE C 227 -10.39 -23.36 -25.04
N PRO C 228 -10.89 -23.83 -26.19
CA PRO C 228 -12.33 -23.87 -26.41
C PRO C 228 -13.05 -24.77 -25.41
N TYR C 229 -14.33 -24.47 -25.20
CA TYR C 229 -15.11 -25.22 -24.21
C TYR C 229 -15.23 -26.68 -24.58
N ARG C 230 -15.25 -27.01 -25.87
CA ARG C 230 -15.51 -28.39 -26.29
C ARG C 230 -14.47 -29.35 -25.71
N TYR C 231 -13.20 -28.93 -25.66
CA TYR C 231 -12.17 -29.78 -25.08
C TYR C 231 -12.47 -30.16 -23.64
N ILE C 232 -13.35 -29.42 -22.96
CA ILE C 232 -13.66 -29.68 -21.56
C ILE C 232 -14.88 -30.58 -21.42
N TYR C 233 -15.97 -30.26 -22.13
CA TYR C 233 -17.23 -30.95 -21.92
C TYR C 233 -17.47 -32.08 -22.91
N GLU C 234 -16.81 -32.08 -24.07
CA GLU C 234 -16.99 -33.13 -25.06
C GLU C 234 -16.02 -34.28 -24.89
N THR C 235 -15.33 -34.35 -23.75
CA THR C 235 -14.45 -35.46 -23.42
C THR C 235 -14.80 -35.96 -22.03
N ASN C 236 -14.13 -37.04 -21.61
CA ASN C 236 -14.33 -37.60 -20.29
C ASN C 236 -13.41 -36.98 -19.24
N ILE C 237 -12.87 -35.78 -19.51
CA ILE C 237 -11.84 -35.24 -18.64
C ILE C 237 -12.45 -34.71 -17.34
N LEU C 238 -13.64 -34.11 -17.40
CA LEU C 238 -14.28 -33.64 -16.18
C LEU C 238 -14.48 -34.78 -15.19
N GLU C 239 -14.79 -35.97 -15.69
CA GLU C 239 -14.93 -37.13 -14.81
C GLU C 239 -13.60 -37.54 -14.21
N LEU C 240 -12.54 -37.54 -15.02
CA LEU C 240 -11.20 -37.84 -14.48
C LEU C 240 -10.85 -36.88 -13.36
N LEU C 241 -10.95 -35.58 -13.60
CA LEU C 241 -10.63 -34.59 -12.58
C LEU C 241 -11.48 -34.80 -11.33
N SER C 242 -12.79 -34.88 -11.50
CA SER C 242 -13.72 -34.81 -10.38
C SER C 242 -13.79 -36.10 -9.58
N THR C 243 -13.25 -37.20 -10.08
CA THR C 243 -13.28 -38.44 -9.32
C THR C 243 -11.88 -38.99 -9.12
N LYS C 244 -11.28 -39.53 -10.18
CA LYS C 244 -9.95 -40.15 -10.10
C LYS C 244 -8.97 -39.27 -9.34
N PHE C 245 -8.65 -38.10 -9.90
CA PHE C 245 -7.55 -37.28 -9.38
C PHE C 245 -7.89 -36.52 -8.11
N MET C 246 -9.11 -36.59 -7.61
CA MET C 246 -9.43 -36.06 -6.29
C MET C 246 -9.13 -37.05 -5.18
N THR C 247 -9.00 -38.34 -5.50
CA THR C 247 -8.76 -39.35 -4.47
C THR C 247 -7.33 -39.25 -3.93
N SER C 248 -6.35 -39.19 -4.81
CA SER C 248 -4.96 -39.13 -4.37
C SER C 248 -4.62 -37.70 -3.92
N PRO C 249 -4.02 -37.52 -2.74
CA PRO C 249 -3.77 -36.15 -2.26
C PRO C 249 -2.66 -35.42 -3.00
N ASP C 250 -1.75 -36.14 -3.66
CA ASP C 250 -0.68 -35.48 -4.41
C ASP C 250 -1.17 -34.87 -5.71
N THR C 251 -2.32 -35.30 -6.23
CA THR C 251 -2.95 -34.69 -7.38
C THR C 251 -4.15 -33.84 -7.01
N ARG C 252 -4.59 -33.90 -5.76
CA ARG C 252 -5.84 -33.24 -5.37
C ARG C 252 -5.71 -31.73 -5.41
N ALA C 253 -4.56 -31.20 -5.01
CA ALA C 253 -4.37 -29.74 -5.01
C ALA C 253 -4.54 -29.17 -6.41
N ILE C 254 -3.78 -29.69 -7.38
CA ILE C 254 -3.82 -29.12 -8.72
C ILE C 254 -5.16 -29.42 -9.39
N THR C 255 -5.73 -30.60 -9.14
CA THR C 255 -7.03 -30.93 -9.71
C THR C 255 -8.08 -29.93 -9.26
N LEU C 256 -8.08 -29.59 -7.97
CA LEU C 256 -9.06 -28.64 -7.45
C LEU C 256 -8.88 -27.28 -8.09
N LYS C 257 -7.63 -26.87 -8.34
CA LYS C 257 -7.40 -25.61 -9.01
C LYS C 257 -7.85 -25.67 -10.48
N CYS C 258 -7.66 -26.83 -11.12
CA CYS C 258 -8.16 -27.00 -12.48
C CYS C 258 -9.69 -26.89 -12.51
N LEU C 259 -10.37 -27.54 -11.55
CA LEU C 259 -11.82 -27.47 -11.54
C LEU C 259 -12.33 -26.09 -11.20
N THR C 260 -11.56 -25.31 -10.42
CA THR C 260 -11.94 -23.93 -10.15
C THR C 260 -11.95 -23.12 -11.44
N GLU C 261 -10.96 -23.32 -12.30
CA GLU C 261 -10.91 -22.59 -13.57
C GLU C 261 -12.08 -22.98 -14.45
N VAL C 262 -12.37 -24.27 -14.57
CA VAL C 262 -13.54 -24.72 -15.30
C VAL C 262 -14.79 -24.08 -14.70
N SER C 263 -14.89 -24.07 -13.37
CA SER C 263 -16.09 -23.56 -12.72
C SER C 263 -16.37 -22.11 -13.10
N ASN C 264 -15.33 -21.32 -13.36
CA ASN C 264 -15.50 -19.89 -13.59
C ASN C 264 -15.72 -19.55 -15.06
N LEU C 265 -16.32 -20.45 -15.83
CA LEU C 265 -16.67 -20.19 -17.21
C LEU C 265 -18.16 -19.91 -17.32
N LYS C 266 -18.51 -18.83 -18.01
CA LYS C 266 -19.90 -18.58 -18.40
C LYS C 266 -20.25 -19.53 -19.51
N ILE C 267 -21.01 -20.58 -19.19
CA ILE C 267 -21.30 -21.63 -20.16
C ILE C 267 -22.52 -21.24 -20.98
N PRO C 268 -22.66 -21.75 -22.21
CA PRO C 268 -23.89 -21.52 -22.97
C PRO C 268 -25.13 -21.80 -22.14
N GLN C 269 -25.95 -20.76 -21.95
CA GLN C 269 -27.09 -20.83 -21.05
C GLN C 269 -28.22 -21.71 -21.57
N ASP C 270 -28.08 -22.29 -22.76
CA ASP C 270 -29.18 -23.03 -23.39
C ASP C 270 -28.96 -24.54 -23.40
N ASN C 271 -27.74 -25.02 -23.60
CA ASN C 271 -27.51 -26.44 -23.72
C ASN C 271 -27.79 -27.13 -22.39
N ASP C 272 -28.81 -28.00 -22.37
CA ASP C 272 -29.18 -28.70 -21.15
C ASP C 272 -28.12 -29.70 -20.73
N LEU C 273 -27.37 -30.27 -21.68
CA LEU C 273 -26.41 -31.30 -21.34
C LEU C 273 -25.17 -30.71 -20.68
N ILE C 274 -24.66 -29.59 -21.18
CA ILE C 274 -23.53 -28.94 -20.53
C ILE C 274 -23.89 -28.54 -19.11
N LYS C 275 -25.16 -28.24 -18.86
CA LYS C 275 -25.59 -27.97 -17.49
C LYS C 275 -25.52 -29.24 -16.64
N ARG C 276 -25.90 -30.38 -17.20
CA ARG C 276 -25.79 -31.63 -16.46
C ARG C 276 -24.34 -31.96 -16.15
N GLN C 277 -23.43 -31.70 -17.10
CA GLN C 277 -22.02 -31.96 -16.86
C GLN C 277 -21.46 -31.01 -15.81
N THR C 278 -21.86 -29.73 -15.85
CA THR C 278 -21.43 -28.79 -14.83
C THR C 278 -21.97 -29.18 -13.46
N VAL C 279 -23.15 -29.79 -13.43
CA VAL C 279 -23.68 -30.31 -12.16
C VAL C 279 -22.90 -31.56 -11.75
N LEU C 280 -22.57 -32.41 -12.72
CA LEU C 280 -22.03 -33.72 -12.40
C LEU C 280 -20.63 -33.62 -11.78
N PHE C 281 -19.75 -32.81 -12.36
CA PHE C 281 -18.40 -32.75 -11.83
C PHE C 281 -18.39 -32.09 -10.46
N PHE C 282 -19.36 -31.25 -10.17
CA PHE C 282 -19.51 -30.69 -8.83
C PHE C 282 -19.99 -31.75 -7.85
N GLN C 283 -21.01 -32.52 -8.26
CA GLN C 283 -21.49 -33.62 -7.45
C GLN C 283 -20.36 -34.59 -7.12
N ASN C 284 -19.63 -35.03 -8.14
CA ASN C 284 -18.50 -35.94 -7.92
C ASN C 284 -17.49 -35.34 -6.95
N THR C 285 -17.15 -34.06 -7.14
CA THR C 285 -16.12 -33.43 -6.33
C THR C 285 -16.53 -33.39 -4.87
N LEU C 286 -17.75 -32.94 -4.58
CA LEU C 286 -18.22 -32.90 -3.20
C LEU C 286 -18.31 -34.30 -2.61
N GLN C 287 -18.55 -35.31 -3.44
CA GLN C 287 -18.59 -36.68 -2.94
C GLN C 287 -17.21 -37.18 -2.55
N GLN C 288 -16.19 -36.85 -3.36
CA GLN C 288 -14.83 -37.28 -3.03
C GLN C 288 -14.33 -36.61 -1.76
N ILE C 289 -14.71 -35.36 -1.52
CA ILE C 289 -14.28 -34.67 -0.31
C ILE C 289 -14.93 -35.29 0.92
N ALA C 290 -16.25 -35.52 0.86
CA ALA C 290 -16.96 -36.10 1.99
C ALA C 290 -16.40 -37.48 2.34
N THR C 291 -15.94 -38.25 1.36
CA THR C 291 -15.48 -39.61 1.60
C THR C 291 -13.97 -39.71 1.81
N SER C 292 -13.17 -38.89 1.13
CA SER C 292 -11.72 -39.04 1.17
C SER C 292 -11.01 -38.01 2.05
N VAL C 293 -11.67 -36.92 2.44
CA VAL C 293 -10.98 -35.86 3.18
C VAL C 293 -11.68 -35.60 4.50
N MET C 294 -12.91 -35.10 4.48
CA MET C 294 -13.64 -34.90 5.73
C MET C 294 -15.12 -34.71 5.44
N PRO C 295 -15.99 -35.13 6.36
CA PRO C 295 -17.44 -34.87 6.20
C PRO C 295 -17.77 -33.42 6.45
N VAL C 296 -19.02 -33.06 6.13
CA VAL C 296 -19.48 -31.68 6.26
C VAL C 296 -19.46 -31.22 7.71
N THR C 297 -19.56 -32.16 8.65
CA THR C 297 -19.58 -31.82 10.07
C THR C 297 -18.20 -31.54 10.65
N ALA C 298 -17.14 -31.75 9.88
CA ALA C 298 -15.79 -31.65 10.43
C ALA C 298 -15.50 -30.23 10.90
N ASP C 299 -14.66 -30.14 11.94
CA ASP C 299 -14.30 -28.86 12.55
C ASP C 299 -13.13 -28.29 11.77
N LEU C 300 -13.45 -27.54 10.71
CA LEU C 300 -12.41 -26.99 9.84
C LEU C 300 -11.62 -25.88 10.55
N LYS C 301 -12.27 -25.15 11.45
CA LYS C 301 -11.56 -24.19 12.30
C LYS C 301 -10.37 -24.85 12.98
N ALA C 302 -10.59 -26.02 13.59
CA ALA C 302 -9.52 -26.70 14.31
C ALA C 302 -8.50 -27.31 13.34
N THR C 303 -8.96 -27.86 12.21
CA THR C 303 -8.03 -28.42 11.24
C THR C 303 -7.07 -27.36 10.73
N TYR C 304 -7.60 -26.20 10.37
CA TYR C 304 -6.75 -25.12 9.86
C TYR C 304 -5.73 -24.70 10.90
N ALA C 305 -6.19 -24.49 12.14
CA ALA C 305 -5.28 -24.07 13.21
C ALA C 305 -4.11 -25.04 13.36
N ASN C 306 -4.37 -26.35 13.22
CA ASN C 306 -3.31 -27.34 13.44
C ASN C 306 -2.25 -27.27 12.35
N ALA C 307 -2.67 -26.99 11.11
CA ALA C 307 -1.74 -26.79 10.00
C ALA C 307 -0.87 -28.02 9.76
N ASN C 308 -1.52 -29.17 9.61
CA ASN C 308 -0.83 -30.38 9.19
C ASN C 308 -0.62 -30.36 7.69
N GLY C 309 0.61 -30.67 7.26
CA GLY C 309 0.92 -30.77 5.84
C GLY C 309 0.38 -29.63 5.01
N ASN C 310 -0.54 -29.95 4.09
CA ASN C 310 -1.11 -28.97 3.18
C ASN C 310 -2.56 -28.63 3.54
N ASP C 311 -2.99 -28.94 4.76
CA ASP C 311 -4.39 -28.75 5.11
C ASP C 311 -4.82 -27.30 4.92
N GLN C 312 -3.97 -26.35 5.30
CA GLN C 312 -4.32 -24.94 5.15
C GLN C 312 -4.45 -24.57 3.68
N SER C 313 -3.53 -25.03 2.84
CA SER C 313 -3.61 -24.73 1.41
C SER C 313 -4.84 -25.38 0.79
N PHE C 314 -5.15 -26.61 1.18
CA PHE C 314 -6.31 -27.29 0.60
C PHE C 314 -7.62 -26.63 1.03
N LEU C 315 -7.71 -26.23 2.30
CA LEU C 315 -8.92 -25.55 2.77
C LEU C 315 -9.10 -24.22 2.06
N GLN C 316 -8.00 -23.51 1.79
CA GLN C 316 -8.10 -22.29 0.99
C GLN C 316 -8.58 -22.61 -0.41
N ASP C 317 -7.99 -23.63 -1.05
CA ASP C 317 -8.40 -23.99 -2.40
C ASP C 317 -9.83 -24.50 -2.44
N LEU C 318 -10.25 -25.24 -1.41
CA LEU C 318 -11.65 -25.67 -1.35
C LEU C 318 -12.57 -24.46 -1.29
N ALA C 319 -12.23 -23.47 -0.46
CA ALA C 319 -13.05 -22.27 -0.37
C ALA C 319 -13.13 -21.56 -1.73
N MET C 320 -12.01 -21.49 -2.45
CA MET C 320 -12.02 -20.84 -3.76
C MET C 320 -12.88 -21.61 -4.74
N PHE C 321 -12.85 -22.94 -4.68
CA PHE C 321 -13.62 -23.76 -5.61
C PHE C 321 -15.12 -23.63 -5.33
N LEU C 322 -15.52 -23.76 -4.07
CA LEU C 322 -16.94 -23.68 -3.73
C LEU C 322 -17.51 -22.31 -4.07
N THR C 323 -16.79 -21.25 -3.71
CA THR C 323 -17.31 -19.91 -3.97
C THR C 323 -17.32 -19.58 -5.45
N THR C 324 -16.26 -19.98 -6.18
CA THR C 324 -16.22 -19.75 -7.61
C THR C 324 -17.37 -20.47 -8.31
N TYR C 325 -17.53 -21.77 -8.05
CA TYR C 325 -18.58 -22.53 -8.71
C TYR C 325 -19.96 -22.04 -8.32
N LEU C 326 -20.20 -21.83 -7.03
CA LEU C 326 -21.55 -21.54 -6.57
C LEU C 326 -22.00 -20.15 -7.02
N ALA C 327 -21.08 -19.19 -7.05
CA ALA C 327 -21.45 -17.85 -7.50
C ALA C 327 -21.87 -17.86 -8.97
N ARG C 328 -21.40 -18.84 -9.74
CA ARG C 328 -21.74 -18.93 -11.16
C ARG C 328 -22.89 -19.89 -11.44
N ASN C 329 -22.96 -21.04 -10.76
CA ASN C 329 -23.83 -22.13 -11.17
C ASN C 329 -24.81 -22.60 -10.10
N ARG C 330 -24.92 -21.90 -8.97
CA ARG C 330 -25.80 -22.41 -7.92
C ARG C 330 -27.26 -22.45 -8.37
N ALA C 331 -27.63 -21.65 -9.37
CA ALA C 331 -29.00 -21.72 -9.89
C ALA C 331 -29.28 -23.06 -10.54
N LEU C 332 -28.24 -23.74 -11.05
CA LEU C 332 -28.41 -25.08 -11.59
C LEU C 332 -28.87 -26.07 -10.52
N LEU C 333 -28.71 -25.74 -9.25
CA LEU C 333 -28.99 -26.67 -8.15
C LEU C 333 -30.25 -26.31 -7.37
N GLU C 334 -30.90 -25.19 -7.66
CA GLU C 334 -31.91 -24.64 -6.78
C GLU C 334 -33.33 -25.10 -7.09
N SER C 335 -33.57 -25.72 -8.25
CA SER C 335 -34.91 -26.17 -8.62
C SER C 335 -35.06 -27.68 -8.45
N ASP C 336 -34.20 -28.46 -9.10
CA ASP C 336 -34.23 -29.91 -8.99
C ASP C 336 -34.17 -30.35 -7.54
N GLU C 337 -35.23 -31.03 -7.08
CA GLU C 337 -35.26 -31.51 -5.70
C GLU C 337 -34.12 -32.48 -5.42
N SER C 338 -33.74 -33.29 -6.40
CA SER C 338 -32.67 -34.26 -6.20
C SER C 338 -31.31 -33.61 -6.02
N LEU C 339 -31.18 -32.32 -6.29
CA LEU C 339 -29.92 -31.59 -6.12
C LEU C 339 -29.92 -30.70 -4.89
N ARG C 340 -31.01 -30.69 -4.12
CA ARG C 340 -31.09 -29.80 -2.95
C ARG C 340 -30.02 -30.16 -1.93
N GLU C 341 -29.80 -31.45 -1.69
CA GLU C 341 -28.82 -31.85 -0.69
C GLU C 341 -27.41 -31.44 -1.09
N LEU C 342 -27.07 -31.58 -2.38
CA LEU C 342 -25.77 -31.12 -2.85
C LEU C 342 -25.61 -29.62 -2.64
N LEU C 343 -26.64 -28.85 -2.98
CA LEU C 343 -26.59 -27.40 -2.78
C LEU C 343 -26.31 -27.06 -1.33
N LEU C 344 -27.02 -27.69 -0.40
CA LEU C 344 -26.89 -27.33 1.00
C LEU C 344 -25.61 -27.86 1.63
N ASN C 345 -25.13 -29.02 1.19
CA ASN C 345 -23.86 -29.54 1.71
C ASN C 345 -22.70 -28.65 1.30
N ALA C 346 -22.68 -28.19 0.05
CA ALA C 346 -21.64 -27.27 -0.38
C ALA C 346 -21.65 -26.01 0.48
N HIS C 347 -22.83 -25.43 0.69
CA HIS C 347 -22.93 -24.24 1.53
C HIS C 347 -22.59 -24.55 2.98
N GLN C 348 -22.89 -25.76 3.44
CA GLN C 348 -22.52 -26.13 4.80
C GLN C 348 -21.02 -26.23 4.96
N TYR C 349 -20.31 -26.68 3.92
CA TYR C 349 -18.86 -26.63 3.95
C TYR C 349 -18.37 -25.18 4.06
N LEU C 350 -19.04 -24.27 3.35
CA LEU C 350 -18.65 -22.87 3.42
C LEU C 350 -18.92 -22.29 4.80
N ILE C 351 -20.02 -22.70 5.43
CA ILE C 351 -20.27 -22.31 6.82
C ILE C 351 -19.09 -22.73 7.68
N GLN C 352 -18.66 -23.99 7.57
CA GLN C 352 -17.52 -24.46 8.34
C GLN C 352 -16.24 -23.71 7.97
N LEU C 353 -16.06 -23.43 6.67
CA LEU C 353 -14.88 -22.68 6.25
C LEU C 353 -14.87 -21.27 6.82
N SER C 354 -16.05 -20.69 7.02
CA SER C 354 -16.17 -19.32 7.52
C SER C 354 -15.84 -19.20 9.00
N LYS C 355 -15.68 -20.31 9.71
CA LYS C 355 -15.30 -20.29 11.12
C LYS C 355 -13.79 -20.33 11.32
N ILE C 356 -13.02 -20.57 10.26
CA ILE C 356 -11.57 -20.59 10.38
C ILE C 356 -11.08 -19.21 10.83
N GLU C 357 -10.08 -19.21 11.71
CA GLU C 357 -9.43 -17.97 12.15
C GLU C 357 -8.33 -17.66 11.15
N GLU C 358 -8.68 -16.83 10.16
CA GLU C 358 -7.75 -16.41 9.12
C GLU C 358 -8.41 -15.27 8.35
N ARG C 359 -7.99 -14.03 8.63
CA ARG C 359 -8.68 -12.87 8.07
C ARG C 359 -8.86 -12.99 6.57
N GLU C 360 -7.76 -13.23 5.85
CA GLU C 360 -7.83 -13.22 4.39
C GLU C 360 -8.73 -14.32 3.87
N LEU C 361 -8.72 -15.48 4.51
CA LEU C 361 -9.64 -16.54 4.12
C LEU C 361 -11.08 -16.15 4.45
N PHE C 362 -11.29 -15.50 5.59
CA PHE C 362 -12.64 -15.07 5.96
C PHE C 362 -13.18 -14.06 4.94
N LYS C 363 -12.33 -13.15 4.46
CA LYS C 363 -12.76 -12.20 3.44
C LYS C 363 -13.20 -12.91 2.17
N THR C 364 -12.47 -13.98 1.79
CA THR C 364 -12.83 -14.71 0.58
C THR C 364 -14.23 -15.29 0.69
N THR C 365 -14.54 -15.93 1.83
CA THR C 365 -15.86 -16.50 2.02
C THR C 365 -16.90 -15.40 2.25
N LEU C 366 -16.50 -14.33 2.94
CA LEU C 366 -17.42 -13.23 3.16
C LEU C 366 -17.85 -12.60 1.84
N ASP C 367 -16.93 -12.51 0.87
CA ASP C 367 -17.30 -12.02 -0.44
C ASP C 367 -18.39 -12.90 -1.06
N TYR C 368 -18.28 -14.21 -0.92
CA TYR C 368 -19.33 -15.08 -1.45
C TYR C 368 -20.64 -14.86 -0.73
N TRP C 369 -20.62 -14.78 0.60
CA TRP C 369 -21.86 -14.59 1.34
C TRP C 369 -22.57 -13.33 0.90
N HIS C 370 -21.82 -12.24 0.70
CA HIS C 370 -22.41 -11.02 0.16
C HIS C 370 -23.06 -11.27 -1.18
N ASN C 371 -22.36 -11.99 -2.06
CA ASN C 371 -22.94 -12.36 -3.35
C ASN C 371 -24.26 -13.09 -3.17
N LEU C 372 -24.32 -14.02 -2.22
CA LEU C 372 -25.53 -14.84 -2.05
C LEU C 372 -26.68 -14.02 -1.46
N VAL C 373 -26.44 -13.38 -0.32
CA VAL C 373 -27.55 -12.71 0.37
C VAL C 373 -28.09 -11.55 -0.47
N ALA C 374 -27.23 -10.93 -1.29
CA ALA C 374 -27.71 -9.90 -2.19
C ALA C 374 -28.64 -10.48 -3.25
N ASP C 375 -28.31 -11.68 -3.75
CA ASP C 375 -29.18 -12.36 -4.69
C ASP C 375 -30.50 -12.77 -4.04
N LEU C 376 -30.45 -13.23 -2.79
CA LEU C 376 -31.65 -13.62 -2.08
C LEU C 376 -32.50 -12.42 -1.68
N PHE C 377 -31.89 -11.24 -1.58
CA PHE C 377 -32.64 -10.04 -1.25
C PHE C 377 -33.57 -9.62 -2.38
N TYR C 378 -33.26 -10.00 -3.61
CA TYR C 378 -34.07 -9.64 -4.77
C TYR C 378 -34.72 -10.82 -5.46
N GLU C 379 -34.02 -11.94 -5.61
CA GLU C 379 -34.52 -13.03 -6.45
C GLU C 379 -35.76 -13.66 -5.82
N PRO C 380 -36.90 -13.69 -6.49
CA PRO C 380 -38.10 -14.28 -5.89
C PRO C 380 -37.91 -15.75 -5.56
N LEU C 381 -38.48 -16.17 -4.43
CA LEU C 381 -38.67 -17.56 -4.08
C LEU C 381 -37.36 -18.31 -3.81
N LYS C 382 -36.28 -17.60 -3.52
CA LYS C 382 -34.99 -18.25 -3.28
C LYS C 382 -34.57 -18.30 -1.83
N LYS C 383 -34.93 -17.31 -1.01
CA LYS C 383 -34.37 -17.22 0.33
C LYS C 383 -34.80 -18.38 1.22
N HIS C 384 -35.99 -18.94 1.00
CA HIS C 384 -36.45 -20.04 1.83
C HIS C 384 -35.55 -21.27 1.67
N ILE C 385 -34.91 -21.42 0.51
CA ILE C 385 -34.00 -22.53 0.30
C ILE C 385 -32.85 -22.47 1.29
N TYR C 386 -32.36 -21.26 1.58
CA TYR C 386 -31.15 -21.06 2.36
C TYR C 386 -31.44 -20.62 3.79
N GLU C 387 -32.66 -20.86 4.28
CA GLU C 387 -33.05 -20.36 5.58
C GLU C 387 -32.10 -20.85 6.68
N GLU C 388 -31.82 -22.15 6.71
CA GLU C 388 -30.96 -22.69 7.76
C GLU C 388 -29.52 -22.23 7.59
N ILE C 389 -29.05 -22.15 6.35
CA ILE C 389 -27.71 -21.61 6.09
C ILE C 389 -27.60 -20.20 6.63
N CYS C 390 -28.61 -19.37 6.36
CA CYS C 390 -28.53 -17.96 6.75
C CYS C 390 -28.58 -17.80 8.27
N SER C 391 -29.29 -18.69 8.97
CA SER C 391 -29.30 -18.63 10.43
C SER C 391 -27.91 -18.88 11.01
N GLN C 392 -27.24 -19.93 10.52
CA GLN C 392 -25.89 -20.20 10.97
C GLN C 392 -24.96 -19.03 10.63
N LEU C 393 -25.11 -18.48 9.43
CA LEU C 393 -24.26 -17.37 9.02
C LEU C 393 -24.45 -16.17 9.95
N ARG C 394 -25.69 -15.89 10.34
CA ARG C 394 -25.93 -14.83 11.32
C ARG C 394 -25.08 -15.03 12.57
N LEU C 395 -24.96 -16.28 13.02
CA LEU C 395 -24.16 -16.57 14.21
C LEU C 395 -22.67 -16.37 13.92
N VAL C 396 -22.20 -16.83 12.77
CA VAL C 396 -20.80 -16.68 12.43
C VAL C 396 -20.43 -15.21 12.37
N ILE C 397 -21.22 -14.41 11.65
CA ILE C 397 -20.90 -12.99 11.48
C ILE C 397 -20.92 -12.28 12.83
N ILE C 398 -21.97 -12.50 13.62
CA ILE C 398 -22.11 -11.79 14.89
C ILE C 398 -20.94 -12.10 15.81
N GLU C 399 -20.58 -13.38 15.91
CA GLU C 399 -19.52 -13.79 16.83
C GLU C 399 -18.13 -13.40 16.34
N ASN C 400 -18.01 -12.90 15.10
CA ASN C 400 -16.71 -12.57 14.52
C ASN C 400 -16.64 -11.12 14.07
N MET C 401 -17.56 -10.27 14.52
CA MET C 401 -17.50 -8.85 14.20
C MET C 401 -16.17 -8.26 14.63
N VAL C 402 -15.55 -7.49 13.74
CA VAL C 402 -14.31 -6.82 14.05
C VAL C 402 -14.63 -5.45 14.65
N ARG C 403 -13.66 -4.93 15.40
CA ARG C 403 -13.85 -3.67 16.12
C ARG C 403 -14.05 -2.51 15.14
N PRO C 404 -15.15 -1.76 15.24
CA PRO C 404 -15.31 -0.58 14.39
C PRO C 404 -14.27 0.49 14.70
N GLU C 405 -14.09 1.40 13.74
CA GLU C 405 -13.12 2.47 13.93
C GLU C 405 -13.52 3.40 15.07
N GLU C 406 -14.82 3.51 15.36
CA GLU C 406 -15.27 4.41 16.40
C GLU C 406 -14.85 3.94 17.79
N VAL C 407 -14.70 2.63 17.98
CA VAL C 407 -14.31 2.09 19.28
C VAL C 407 -12.81 2.27 19.43
N LEU C 408 -12.40 3.11 20.39
CA LEU C 408 -11.01 3.50 20.55
C LEU C 408 -10.31 2.78 21.69
N VAL C 409 -10.98 1.86 22.37
CA VAL C 409 -10.39 1.14 23.50
C VAL C 409 -10.10 -0.29 23.07
N VAL C 410 -9.04 -0.86 23.62
CA VAL C 410 -8.60 -2.21 23.28
C VAL C 410 -7.84 -2.78 24.48
N GLU C 411 -7.78 -4.11 24.55
CA GLU C 411 -7.05 -4.80 25.59
C GLU C 411 -5.61 -5.04 25.16
N ASN C 412 -4.66 -4.69 26.02
CA ASN C 412 -3.26 -4.84 25.71
C ASN C 412 -2.75 -6.19 26.20
N ASP C 413 -1.45 -6.44 26.00
CA ASP C 413 -0.84 -7.70 26.40
C ASP C 413 -0.83 -7.91 27.91
N GLU C 414 -1.09 -6.87 28.69
CA GLU C 414 -1.12 -6.98 30.15
C GLU C 414 -2.50 -7.36 30.69
N GLY C 415 -3.54 -7.27 29.88
CA GLY C 415 -4.89 -7.53 30.33
C GLY C 415 -5.65 -6.29 30.77
N GLU C 416 -5.16 -5.10 30.46
CA GLU C 416 -5.82 -3.85 30.79
C GLU C 416 -6.49 -3.24 29.57
N ILE C 417 -7.62 -2.59 29.79
CA ILE C 417 -8.30 -1.83 28.74
C ILE C 417 -7.61 -0.47 28.63
N VAL C 418 -7.12 -0.15 27.44
CA VAL C 418 -6.36 1.07 27.21
C VAL C 418 -6.79 1.68 25.88
N ARG C 419 -6.25 2.87 25.61
CA ARG C 419 -6.45 3.52 24.33
C ARG C 419 -5.59 2.86 23.25
N GLU C 420 -6.02 3.01 22.00
CA GLU C 420 -5.30 2.42 20.88
C GLU C 420 -4.14 3.33 20.47
N PHE C 421 -2.96 2.74 20.31
CA PHE C 421 -1.81 3.50 19.83
C PHE C 421 -2.12 4.14 18.48
N VAL C 422 -2.33 3.33 17.45
CA VAL C 422 -2.65 3.78 16.11
C VAL C 422 -4.04 3.27 15.75
N LYS C 423 -4.56 3.77 14.63
CA LYS C 423 -5.81 3.25 14.09
C LYS C 423 -5.58 1.88 13.48
N GLU C 424 -6.62 1.06 13.50
CA GLU C 424 -6.59 -0.25 12.85
C GLU C 424 -7.04 -0.10 11.40
N SER C 425 -6.15 0.48 10.59
CA SER C 425 -6.51 0.86 9.23
C SER C 425 -6.90 -0.34 8.38
N ASP C 426 -6.38 -1.53 8.70
CA ASP C 426 -6.56 -2.68 7.84
C ASP C 426 -7.78 -3.52 8.19
N THR C 427 -8.54 -3.16 9.21
CA THR C 427 -9.80 -3.81 9.53
C THR C 427 -11.00 -2.96 9.16
N ILE C 428 -10.79 -1.77 8.62
CA ILE C 428 -11.89 -0.88 8.28
C ILE C 428 -12.72 -1.48 7.16
N GLN C 429 -12.07 -1.98 6.12
CA GLN C 429 -12.80 -2.57 5.01
C GLN C 429 -13.54 -3.83 5.45
N LEU C 430 -12.91 -4.64 6.30
CA LEU C 430 -13.54 -5.86 6.77
C LEU C 430 -14.83 -5.54 7.52
N TYR C 431 -14.81 -4.54 8.40
CA TYR C 431 -16.01 -4.20 9.15
C TYR C 431 -17.14 -3.81 8.19
N LYS C 432 -16.85 -2.96 7.22
CA LYS C 432 -17.86 -2.58 6.24
C LYS C 432 -18.47 -3.81 5.58
N SER C 433 -17.63 -4.78 5.20
CA SER C 433 -18.13 -5.98 4.54
C SER C 433 -18.99 -6.82 5.48
N GLU C 434 -18.55 -6.98 6.73
CA GLU C 434 -19.37 -7.70 7.70
C GLU C 434 -20.72 -7.01 7.89
N ARG C 435 -20.71 -5.67 7.96
CA ARG C 435 -21.95 -4.93 8.11
C ARG C 435 -22.88 -5.16 6.92
N GLU C 436 -22.35 -5.04 5.70
CA GLU C 436 -23.17 -5.23 4.51
C GLU C 436 -23.89 -6.57 4.55
N VAL C 437 -23.15 -7.64 4.82
CA VAL C 437 -23.74 -8.98 4.82
C VAL C 437 -24.75 -9.12 5.96
N LEU C 438 -24.38 -8.64 7.15
CA LEU C 438 -25.28 -8.76 8.29
C LEU C 438 -26.53 -7.91 8.11
N VAL C 439 -26.42 -6.78 7.42
CA VAL C 439 -27.61 -5.98 7.13
C VAL C 439 -28.54 -6.73 6.20
N TYR C 440 -27.98 -7.37 5.17
CA TYR C 440 -28.78 -8.21 4.29
C TYR C 440 -29.44 -9.35 5.06
N LEU C 441 -28.65 -10.07 5.85
CA LEU C 441 -29.19 -11.18 6.63
C LEU C 441 -30.32 -10.72 7.55
N THR C 442 -30.25 -9.48 8.03
CA THR C 442 -31.30 -8.98 8.91
C THR C 442 -32.57 -8.70 8.13
N HIS C 443 -32.44 -8.12 6.93
CA HIS C 443 -33.60 -7.92 6.08
C HIS C 443 -34.26 -9.25 5.71
N LEU C 444 -33.45 -10.30 5.53
CA LEU C 444 -33.99 -11.58 5.10
C LEU C 444 -34.81 -12.25 6.20
N ASN C 445 -34.42 -12.09 7.46
CA ASN C 445 -35.24 -12.61 8.58
C ASN C 445 -34.93 -11.73 9.79
N VAL C 446 -35.71 -10.67 9.96
CA VAL C 446 -35.45 -9.71 11.03
C VAL C 446 -35.80 -10.32 12.39
N ILE C 447 -36.74 -11.27 12.42
CA ILE C 447 -37.09 -11.90 13.69
C ILE C 447 -35.96 -12.79 14.18
N ASP C 448 -35.38 -13.58 13.29
CA ASP C 448 -34.30 -14.48 13.69
C ASP C 448 -33.09 -13.70 14.21
N THR C 449 -32.78 -12.56 13.57
CA THR C 449 -31.63 -11.77 14.00
C THR C 449 -31.85 -11.18 15.39
N GLU C 450 -33.06 -10.69 15.67
CA GLU C 450 -33.33 -10.12 16.98
C GLU C 450 -33.27 -11.19 18.06
N GLU C 451 -33.86 -12.36 17.80
CA GLU C 451 -33.84 -13.43 18.78
C GLU C 451 -32.41 -13.81 19.16
N ILE C 452 -31.55 -13.97 18.16
CA ILE C 452 -30.15 -14.28 18.42
C ILE C 452 -29.53 -13.22 19.33
N MET C 453 -29.68 -11.95 18.95
CA MET C 453 -29.00 -10.88 19.67
C MET C 453 -29.56 -10.69 21.07
N ILE C 454 -30.88 -10.79 21.24
CA ILE C 454 -31.47 -10.61 22.57
C ILE C 454 -30.99 -11.70 23.52
N SER C 455 -31.05 -12.96 23.07
CA SER C 455 -30.67 -14.06 23.94
C SER C 455 -29.18 -14.04 24.24
N LYS C 456 -28.35 -13.78 23.22
CA LYS C 456 -26.93 -13.56 23.47
C LYS C 456 -26.74 -12.49 24.54
N LEU C 457 -27.47 -11.38 24.42
CA LEU C 457 -27.40 -10.34 25.43
C LEU C 457 -27.84 -10.87 26.78
N ALA C 458 -28.93 -11.64 26.82
CA ALA C 458 -29.43 -12.17 28.09
C ALA C 458 -28.37 -13.00 28.81
N ARG C 459 -27.55 -13.73 28.05
CA ARG C 459 -26.49 -14.54 28.63
C ARG C 459 -25.25 -13.72 28.97
N GLN C 460 -25.31 -12.40 28.83
CA GLN C 460 -24.27 -11.51 29.33
C GLN C 460 -24.61 -10.92 30.69
N ILE C 461 -25.88 -10.59 30.91
CA ILE C 461 -26.32 -10.09 32.21
C ILE C 461 -26.06 -11.15 33.28
N ASP C 462 -26.63 -12.34 33.10
CA ASP C 462 -26.48 -13.40 34.09
C ASP C 462 -25.07 -13.98 34.13
N GLY C 463 -24.21 -13.62 33.18
CA GLY C 463 -22.83 -14.05 33.22
C GLY C 463 -22.56 -15.43 32.64
N SER C 464 -23.56 -16.07 32.02
CA SER C 464 -23.33 -17.37 31.41
C SER C 464 -22.13 -17.34 30.49
N GLU C 465 -22.12 -16.40 29.54
CA GLU C 465 -21.06 -16.28 28.55
C GLU C 465 -20.33 -14.95 28.66
N TRP C 466 -20.34 -14.34 29.83
CA TRP C 466 -19.76 -13.00 29.98
C TRP C 466 -18.28 -13.01 29.67
N SER C 467 -17.87 -12.18 28.72
CA SER C 467 -16.47 -11.87 28.50
C SER C 467 -16.42 -10.58 27.70
N TRP C 468 -15.27 -9.92 27.76
CA TRP C 468 -15.09 -8.69 26.98
C TRP C 468 -15.31 -8.94 25.50
N HIS C 469 -14.80 -10.07 24.99
CA HIS C 469 -14.96 -10.39 23.59
C HIS C 469 -16.43 -10.60 23.23
N ASN C 470 -17.19 -11.24 24.11
CA ASN C 470 -18.58 -11.57 23.78
C ASN C 470 -19.47 -10.33 23.82
N ILE C 471 -19.28 -9.46 24.82
CA ILE C 471 -20.08 -8.24 24.87
C ILE C 471 -19.67 -7.30 23.75
N ASN C 472 -18.39 -7.29 23.37
CA ASN C 472 -17.91 -6.39 22.32
C ASN C 472 -18.52 -6.77 20.96
N THR C 473 -18.27 -7.99 20.50
CA THR C 473 -18.79 -8.41 19.20
C THR C 473 -20.30 -8.24 19.14
N LEU C 474 -20.99 -8.55 20.25
CA LEU C 474 -22.45 -8.41 20.28
C LEU C 474 -22.86 -6.96 20.11
N SER C 475 -22.25 -6.06 20.88
CA SER C 475 -22.56 -4.64 20.76
C SER C 475 -22.28 -4.13 19.35
N TRP C 476 -21.11 -4.48 18.80
CA TRP C 476 -20.75 -4.03 17.47
C TRP C 476 -21.76 -4.53 16.43
N ALA C 477 -22.25 -5.75 16.59
CA ALA C 477 -23.27 -6.27 15.67
C ALA C 477 -24.59 -5.53 15.84
N ILE C 478 -25.01 -5.30 17.08
CA ILE C 478 -26.24 -4.55 17.33
C ILE C 478 -26.18 -3.18 16.65
N GLY C 479 -25.06 -2.49 16.78
CA GLY C 479 -24.93 -1.17 16.18
C GLY C 479 -24.85 -1.22 14.67
N SER C 480 -24.28 -2.29 14.12
CA SER C 480 -24.03 -2.36 12.68
C SER C 480 -25.28 -2.61 11.86
N ILE C 481 -26.37 -3.09 12.47
CA ILE C 481 -27.60 -3.36 11.74
C ILE C 481 -28.59 -2.20 11.83
N SER C 482 -28.13 -1.04 12.29
CA SER C 482 -29.02 0.12 12.40
C SER C 482 -29.66 0.41 11.05
N GLY C 483 -30.98 0.65 11.07
CA GLY C 483 -31.72 0.97 9.86
C GLY C 483 -32.46 -0.20 9.25
N THR C 484 -32.22 -1.43 9.75
CA THR C 484 -32.87 -2.60 9.17
C THR C 484 -34.26 -2.83 9.72
N MET C 485 -34.49 -2.51 10.99
CA MET C 485 -35.75 -2.79 11.66
C MET C 485 -36.75 -1.66 11.45
N SER C 486 -38.00 -1.92 11.81
CA SER C 486 -39.00 -0.88 11.88
C SER C 486 -38.72 0.04 13.06
N GLU C 487 -39.18 1.29 12.96
CA GLU C 487 -39.06 2.22 14.07
C GLU C 487 -39.56 1.57 15.36
N ASP C 488 -40.78 1.02 15.33
CA ASP C 488 -41.37 0.46 16.53
C ASP C 488 -40.55 -0.72 17.06
N THR C 489 -40.18 -1.65 16.17
CA THR C 489 -39.29 -2.73 16.59
C THR C 489 -37.96 -2.17 17.08
N GLU C 490 -37.43 -1.17 16.38
CA GLU C 490 -36.18 -0.54 16.81
C GLU C 490 -36.31 0.00 18.23
N LYS C 491 -37.41 0.71 18.53
CA LYS C 491 -37.66 1.18 19.88
C LYS C 491 -37.51 0.04 20.88
N ARG C 492 -38.47 -0.89 20.85
CA ARG C 492 -38.43 -2.04 21.75
C ARG C 492 -37.04 -2.67 21.79
N PHE C 493 -36.45 -2.86 20.62
CA PHE C 493 -35.12 -3.44 20.54
C PHE C 493 -34.10 -2.57 21.27
N VAL C 494 -33.93 -1.33 20.81
CA VAL C 494 -32.92 -0.44 21.40
C VAL C 494 -33.16 -0.30 22.90
N VAL C 495 -34.41 -0.07 23.29
CA VAL C 495 -34.74 0.05 24.71
C VAL C 495 -34.21 -1.16 25.48
N THR C 496 -34.51 -2.35 24.98
CA THR C 496 -34.04 -3.57 25.65
C THR C 496 -32.52 -3.59 25.76
N VAL C 497 -31.84 -3.28 24.65
CA VAL C 497 -30.38 -3.32 24.64
C VAL C 497 -29.81 -2.34 25.67
N ILE C 498 -30.32 -1.09 25.66
CA ILE C 498 -29.77 -0.08 26.56
C ILE C 498 -29.98 -0.50 28.02
N LYS C 499 -31.20 -0.87 28.38
CA LYS C 499 -31.50 -1.27 29.75
C LYS C 499 -30.50 -2.31 30.25
N ASP C 500 -30.21 -3.31 29.43
CA ASP C 500 -29.33 -4.39 29.86
C ASP C 500 -27.86 -3.95 29.82
N LEU C 501 -27.49 -3.05 28.92
CA LEU C 501 -26.14 -2.50 28.95
C LEU C 501 -25.96 -1.55 30.12
N LEU C 502 -27.00 -0.77 30.44
CA LEU C 502 -26.96 0.03 31.67
C LEU C 502 -26.81 -0.86 32.90
N ASP C 503 -27.71 -1.84 33.05
CA ASP C 503 -27.59 -2.81 34.12
C ASP C 503 -26.19 -3.41 34.17
N LEU C 504 -25.65 -3.75 32.99
CA LEU C 504 -24.35 -4.43 32.94
C LEU C 504 -23.24 -3.57 33.51
N CYS C 505 -23.34 -2.25 33.37
CA CYS C 505 -22.32 -1.37 33.89
C CYS C 505 -22.37 -1.31 35.41
N VAL C 506 -23.48 -0.78 35.94
CA VAL C 506 -23.78 -0.79 37.37
C VAL C 506 -23.32 -2.10 37.98
N LYS C 507 -23.54 -3.20 37.26
CA LYS C 507 -23.34 -4.53 37.83
C LYS C 507 -21.87 -4.91 38.02
N LYS C 508 -20.96 -4.31 37.26
CA LYS C 508 -19.62 -4.85 37.08
C LYS C 508 -18.60 -4.03 37.85
N ARG C 509 -17.93 -4.68 38.80
CA ARG C 509 -16.77 -4.08 39.44
C ARG C 509 -15.63 -4.00 38.44
N GLY C 510 -14.80 -2.97 38.58
CA GLY C 510 -13.58 -2.91 37.79
C GLY C 510 -13.37 -1.66 36.97
N LYS C 511 -12.12 -1.21 36.91
CA LYS C 511 -11.72 -0.15 36.00
C LYS C 511 -11.99 -0.56 34.55
N ASP C 512 -11.70 -1.82 34.22
CA ASP C 512 -11.69 -2.28 32.84
C ASP C 512 -13.09 -2.64 32.36
N ASN C 513 -13.80 -3.46 33.14
CA ASN C 513 -15.18 -3.78 32.81
C ASN C 513 -15.98 -2.53 32.48
N LYS C 514 -15.81 -1.48 33.29
CA LYS C 514 -16.60 -0.28 33.13
C LYS C 514 -16.17 0.53 31.91
N ALA C 515 -14.92 0.38 31.47
CA ALA C 515 -14.48 1.03 30.23
C ALA C 515 -14.95 0.27 29.00
N VAL C 516 -15.00 -1.06 29.07
CA VAL C 516 -15.51 -1.85 27.95
C VAL C 516 -16.98 -1.52 27.71
N VAL C 517 -17.80 -1.66 28.76
CA VAL C 517 -19.23 -1.41 28.62
C VAL C 517 -19.49 0.03 28.20
N ALA C 518 -18.62 0.96 28.62
CA ALA C 518 -18.79 2.35 28.24
C ALA C 518 -18.61 2.52 26.73
N SER C 519 -17.52 1.98 26.18
CA SER C 519 -17.28 2.09 24.74
C SER C 519 -18.40 1.43 23.95
N ASP C 520 -18.93 0.31 24.44
CA ASP C 520 -19.97 -0.40 23.71
C ASP C 520 -21.28 0.38 23.72
N ILE C 521 -21.66 0.94 24.88
CA ILE C 521 -22.87 1.77 24.93
C ILE C 521 -22.72 2.96 24.00
N MET C 522 -21.56 3.62 24.01
CA MET C 522 -21.35 4.76 23.15
C MET C 522 -21.50 4.38 21.68
N TYR C 523 -20.95 3.23 21.29
CA TYR C 523 -21.05 2.84 19.88
C TYR C 523 -22.49 2.58 19.48
N VAL C 524 -23.25 1.87 20.32
CA VAL C 524 -24.62 1.52 19.98
C VAL C 524 -25.46 2.79 19.85
N VAL C 525 -25.44 3.64 20.89
N VAL C 525 -25.44 3.63 20.90
CA VAL C 525 -26.26 4.84 20.87
CA VAL C 525 -26.24 4.85 20.89
C VAL C 525 -25.88 5.74 19.70
C VAL C 525 -25.88 5.71 19.69
N GLY C 526 -24.59 5.87 19.42
CA GLY C 526 -24.14 6.66 18.29
C GLY C 526 -24.61 6.12 16.96
N GLN C 527 -24.99 4.84 16.92
CA GLN C 527 -25.41 4.19 15.69
C GLN C 527 -26.90 4.25 15.43
N TYR C 528 -27.69 4.76 16.39
CA TYR C 528 -29.15 4.80 16.28
C TYR C 528 -29.66 6.21 16.41
N PRO C 529 -29.22 7.13 15.55
CA PRO C 529 -29.73 8.51 15.64
C PRO C 529 -31.23 8.61 15.47
N ARG C 530 -31.81 7.80 14.58
CA ARG C 530 -33.25 7.84 14.37
C ARG C 530 -34.00 7.68 15.70
N PHE C 531 -33.54 6.74 16.53
CA PHE C 531 -34.16 6.56 17.84
C PHE C 531 -33.97 7.78 18.72
N LEU C 532 -32.77 8.36 18.72
CA LEU C 532 -32.50 9.52 19.56
C LEU C 532 -33.36 10.71 19.16
N LYS C 533 -33.53 10.94 17.86
CA LYS C 533 -34.36 12.05 17.41
C LYS C 533 -35.76 11.98 18.00
N ALA C 534 -36.31 10.78 18.10
CA ALA C 534 -37.70 10.60 18.52
C ALA C 534 -37.87 10.56 20.04
N HIS C 535 -36.78 10.52 20.80
CA HIS C 535 -36.83 10.44 22.27
C HIS C 535 -35.92 11.54 22.82
N TRP C 536 -36.45 12.76 22.90
CA TRP C 536 -35.62 13.89 23.34
C TRP C 536 -35.05 13.65 24.72
N ASN C 537 -35.89 13.20 25.67
CA ASN C 537 -35.42 12.98 27.03
C ASN C 537 -34.21 12.06 27.05
N PHE C 538 -34.28 10.96 26.29
CA PHE C 538 -33.14 10.05 26.22
C PHE C 538 -31.94 10.73 25.57
N LEU C 539 -32.18 11.48 24.48
CA LEU C 539 -31.08 12.16 23.81
C LEU C 539 -30.36 13.11 24.76
N ARG C 540 -31.12 13.93 25.50
CA ARG C 540 -30.52 14.82 26.47
C ARG C 540 -29.67 14.05 27.48
N THR C 541 -30.24 12.97 28.02
CA THR C 541 -29.51 12.17 29.00
C THR C 541 -28.20 11.65 28.42
N VAL C 542 -28.25 11.11 27.20
CA VAL C 542 -27.04 10.62 26.55
C VAL C 542 -26.00 11.72 26.47
N ILE C 543 -26.38 12.88 25.93
CA ILE C 543 -25.42 13.97 25.75
C ILE C 543 -24.79 14.36 27.09
N LEU C 544 -25.61 14.47 28.13
CA LEU C 544 -25.08 14.84 29.44
C LEU C 544 -24.12 13.79 29.96
N LYS C 545 -24.41 12.51 29.71
CA LYS C 545 -23.48 11.46 30.12
C LYS C 545 -22.16 11.58 29.38
N LEU C 546 -22.22 11.86 28.07
CA LEU C 546 -20.99 12.08 27.32
C LEU C 546 -20.18 13.23 27.92
N PHE C 547 -20.86 14.29 28.37
CA PHE C 547 -20.17 15.38 29.03
C PHE C 547 -19.48 14.89 30.30
N GLU C 548 -20.13 13.99 31.04
CA GLU C 548 -19.49 13.40 32.22
C GLU C 548 -18.25 12.62 31.84
N PHE C 549 -18.33 11.84 30.76
CA PHE C 549 -17.17 11.06 30.32
C PHE C 549 -16.03 11.97 29.89
N MET C 550 -16.33 13.18 29.45
CA MET C 550 -15.27 14.12 29.09
C MET C 550 -14.39 14.49 30.28
N HIS C 551 -14.80 14.12 31.50
CA HIS C 551 -14.00 14.33 32.69
C HIS C 551 -13.30 13.07 33.18
N GLU C 552 -13.67 11.90 32.66
CA GLU C 552 -13.03 10.66 33.10
C GLU C 552 -11.55 10.70 32.79
N THR C 553 -10.75 10.14 33.71
CA THR C 553 -9.31 10.09 33.57
C THR C 553 -8.85 9.03 32.57
N HIS C 554 -9.72 8.09 32.21
CA HIS C 554 -9.40 7.12 31.19
C HIS C 554 -9.39 7.81 29.82
N GLU C 555 -8.21 7.87 29.19
CA GLU C 555 -8.07 8.63 27.96
C GLU C 555 -9.00 8.11 26.87
N GLY C 556 -9.09 6.79 26.72
CA GLY C 556 -9.90 6.23 25.66
C GLY C 556 -11.36 6.64 25.76
N VAL C 557 -11.96 6.41 26.92
CA VAL C 557 -13.36 6.79 27.13
C VAL C 557 -13.54 8.29 26.86
N GLN C 558 -12.61 9.10 27.38
CA GLN C 558 -12.72 10.55 27.21
C GLN C 558 -12.69 10.93 25.73
N ASP C 559 -11.76 10.35 24.98
CA ASP C 559 -11.68 10.66 23.55
C ASP C 559 -12.87 10.12 22.79
N MET C 560 -13.39 8.95 23.19
CA MET C 560 -14.54 8.38 22.50
C MET C 560 -15.80 9.19 22.77
N ALA C 561 -15.92 9.77 23.96
CA ALA C 561 -17.07 10.61 24.26
C ALA C 561 -17.14 11.81 23.33
N CYS C 562 -15.98 12.35 22.95
CA CYS C 562 -15.96 13.51 22.05
C CYS C 562 -16.36 13.11 20.64
N ASP C 563 -15.87 11.96 20.16
CA ASP C 563 -16.23 11.52 18.81
C ASP C 563 -17.69 11.12 18.73
N THR C 564 -18.20 10.43 19.75
CA THR C 564 -19.62 10.10 19.77
C THR C 564 -20.47 11.36 19.79
N PHE C 565 -20.07 12.36 20.57
CA PHE C 565 -20.81 13.61 20.66
C PHE C 565 -21.01 14.21 19.27
N ILE C 566 -19.92 14.43 18.55
CA ILE C 566 -20.02 15.05 17.23
C ILE C 566 -20.70 14.12 16.24
N LYS C 567 -20.52 12.80 16.40
CA LYS C 567 -21.21 11.86 15.52
C LYS C 567 -22.73 11.96 15.70
N ILE C 568 -23.19 12.05 16.94
CA ILE C 568 -24.62 12.24 17.19
C ILE C 568 -25.08 13.59 16.64
N VAL C 569 -24.27 14.63 16.83
CA VAL C 569 -24.67 15.97 16.42
C VAL C 569 -24.83 16.05 14.91
N GLN C 570 -23.91 15.44 14.15
CA GLN C 570 -24.00 15.49 12.70
C GLN C 570 -25.34 14.97 12.20
N LYS C 571 -25.97 14.08 12.96
CA LYS C 571 -27.24 13.48 12.55
C LYS C 571 -28.45 14.08 13.27
N CYS C 572 -28.27 14.65 14.45
CA CYS C 572 -29.39 15.13 15.27
C CYS C 572 -29.32 16.63 15.55
N LYS C 573 -28.43 17.35 14.88
CA LYS C 573 -28.23 18.78 15.11
C LYS C 573 -29.55 19.55 15.27
N TYR C 574 -30.54 19.23 14.44
CA TYR C 574 -31.78 20.01 14.45
C TYR C 574 -32.46 20.01 15.81
N HIS C 575 -32.36 18.91 16.55
CA HIS C 575 -33.01 18.83 17.87
C HIS C 575 -32.26 19.61 18.94
N PHE C 576 -31.15 20.26 18.59
CA PHE C 576 -30.41 21.11 19.52
C PHE C 576 -30.66 22.59 19.31
N VAL C 577 -31.21 23.00 18.17
CA VAL C 577 -31.41 24.41 17.87
C VAL C 577 -32.83 24.83 18.22
N ILE C 578 -33.78 23.91 18.09
CA ILE C 578 -35.15 24.21 18.48
C ILE C 578 -35.31 24.07 19.98
N GLN C 579 -36.32 24.75 20.52
CA GLN C 579 -36.69 24.60 21.91
C GLN C 579 -37.66 23.43 22.03
N GLN C 580 -37.24 22.37 22.71
CA GLN C 580 -38.06 21.18 22.85
C GLN C 580 -39.15 21.40 23.87
N PRO C 581 -40.20 20.57 23.84
CA PRO C 581 -41.22 20.66 24.89
C PRO C 581 -40.62 20.53 26.27
N ARG C 582 -41.14 21.33 27.21
CA ARG C 582 -40.70 21.30 28.61
C ARG C 582 -39.25 21.75 28.75
N GLU C 583 -38.78 22.61 27.86
CA GLU C 583 -37.44 23.18 27.93
C GLU C 583 -37.54 24.70 27.93
N SER C 584 -36.67 25.34 28.71
CA SER C 584 -36.67 26.79 28.80
C SER C 584 -35.89 27.45 27.66
N GLU C 585 -35.07 26.70 26.94
CA GLU C 585 -34.26 27.27 25.87
C GLU C 585 -33.78 26.14 24.98
N PRO C 586 -33.45 26.44 23.72
CA PRO C 586 -32.81 25.42 22.87
C PRO C 586 -31.55 24.89 23.53
N PHE C 587 -31.32 23.58 23.39
CA PHE C 587 -30.24 22.94 24.11
C PHE C 587 -28.87 23.47 23.71
N ILE C 588 -28.76 24.07 22.53
CA ILE C 588 -27.48 24.66 22.14
C ILE C 588 -27.05 25.72 23.12
N GLN C 589 -28.01 26.41 23.74
CA GLN C 589 -27.66 27.46 24.70
C GLN C 589 -27.14 26.87 26.00
N THR C 590 -27.67 25.71 26.41
CA THR C 590 -27.14 25.05 27.60
C THR C 590 -25.72 24.54 27.35
N ILE C 591 -25.47 23.97 26.16
CA ILE C 591 -24.13 23.51 25.83
C ILE C 591 -23.14 24.67 25.88
N ILE C 592 -23.49 25.79 25.22
CA ILE C 592 -22.55 26.90 25.12
C ILE C 592 -22.25 27.48 26.50
N ARG C 593 -23.28 27.60 27.35
CA ARG C 593 -23.11 28.28 28.63
C ARG C 593 -22.20 27.51 29.58
N ASP C 594 -22.04 26.21 29.40
CA ASP C 594 -21.17 25.39 30.24
C ASP C 594 -19.91 24.94 29.52
N ILE C 595 -19.62 25.50 28.35
CA ILE C 595 -18.55 24.97 27.51
C ILE C 595 -17.21 24.96 28.24
N GLN C 596 -16.99 25.93 29.13
CA GLN C 596 -15.69 26.02 29.80
C GLN C 596 -15.49 24.84 30.75
N LYS C 597 -16.45 24.59 31.64
CA LYS C 597 -16.29 23.50 32.59
C LYS C 597 -16.50 22.14 31.93
N THR C 598 -17.32 22.06 30.88
CA THR C 598 -17.51 20.80 30.19
C THR C 598 -16.20 20.33 29.55
N THR C 599 -15.47 21.25 28.93
CA THR C 599 -14.25 20.92 28.19
C THR C 599 -12.99 21.14 29.01
N ALA C 600 -13.12 21.36 30.32
CA ALA C 600 -11.97 21.77 31.13
C ALA C 600 -10.86 20.73 31.13
N ASP C 601 -11.22 19.45 31.17
CA ASP C 601 -10.23 18.37 31.25
C ASP C 601 -9.88 17.80 29.89
N LEU C 602 -10.46 18.33 28.81
CA LEU C 602 -10.15 17.83 27.48
C LEU C 602 -8.82 18.39 26.98
N GLN C 603 -8.19 17.63 26.09
CA GLN C 603 -7.01 18.13 25.40
C GLN C 603 -7.42 19.13 24.33
N PRO C 604 -6.50 20.00 23.90
CA PRO C 604 -6.89 21.06 22.95
C PRO C 604 -7.61 20.56 21.71
N GLN C 605 -7.09 19.54 21.03
CA GLN C 605 -7.75 19.09 19.81
C GLN C 605 -9.12 18.50 20.10
N GLN C 606 -9.33 17.99 21.31
CA GLN C 606 -10.66 17.55 21.71
C GLN C 606 -11.58 18.73 21.95
N VAL C 607 -11.07 19.81 22.54
CA VAL C 607 -11.86 21.03 22.70
C VAL C 607 -12.31 21.54 21.35
N HIS C 608 -11.41 21.50 20.35
CA HIS C 608 -11.75 22.01 19.03
C HIS C 608 -12.87 21.19 18.40
N THR C 609 -12.76 19.85 18.47
CA THR C 609 -13.85 18.99 18.03
C THR C 609 -15.16 19.41 18.67
N PHE C 610 -15.14 19.70 19.97
CA PHE C 610 -16.35 20.13 20.66
C PHE C 610 -16.90 21.42 20.04
N TYR C 611 -16.02 22.38 19.75
CA TYR C 611 -16.47 23.64 19.15
C TYR C 611 -17.01 23.40 17.75
N LYS C 612 -16.35 22.54 16.97
CA LYS C 612 -16.85 22.21 15.65
C LYS C 612 -18.26 21.61 15.72
N ALA C 613 -18.48 20.73 16.69
CA ALA C 613 -19.82 20.16 16.87
C ALA C 613 -20.84 21.25 17.14
N CYS C 614 -20.54 22.16 18.06
CA CYS C 614 -21.42 23.30 18.29
C CYS C 614 -21.64 24.09 17.00
N GLY C 615 -20.59 24.22 16.18
CA GLY C 615 -20.74 24.93 14.92
C GLY C 615 -21.70 24.23 13.97
N ILE C 616 -21.69 22.90 13.97
CA ILE C 616 -22.67 22.14 13.19
C ILE C 616 -24.09 22.53 13.62
N ILE C 617 -24.33 22.51 14.94
CA ILE C 617 -25.65 22.85 15.46
C ILE C 617 -26.04 24.27 15.04
N ILE C 618 -25.13 25.23 15.21
CA ILE C 618 -25.46 26.62 14.98
C ILE C 618 -25.89 26.84 13.54
N SER C 619 -25.27 26.12 12.60
CA SER C 619 -25.60 26.30 11.18
C SER C 619 -27.00 25.82 10.83
N GLU C 620 -27.70 25.14 11.75
CA GLU C 620 -29.08 24.77 11.50
C GLU C 620 -30.05 25.93 11.70
N GLU C 621 -29.67 26.92 12.50
CA GLU C 621 -30.48 28.12 12.70
C GLU C 621 -30.33 29.00 11.46
N ARG C 622 -31.42 29.19 10.72
CA ARG C 622 -31.36 29.98 9.49
C ARG C 622 -31.77 31.44 9.68
N SER C 623 -32.25 31.82 10.86
CA SER C 623 -32.43 33.22 11.19
C SER C 623 -31.07 33.86 11.40
N VAL C 624 -30.67 34.75 10.49
CA VAL C 624 -29.32 35.30 10.52
C VAL C 624 -29.03 35.93 11.89
N ALA C 625 -29.93 36.78 12.37
CA ALA C 625 -29.70 37.43 13.65
C ALA C 625 -29.43 36.42 14.76
N GLU C 626 -30.19 35.32 14.76
CA GLU C 626 -30.01 34.31 15.80
C GLU C 626 -28.73 33.52 15.61
N ARG C 627 -28.42 33.16 14.36
CA ARG C 627 -27.20 32.40 14.10
C ARG C 627 -25.96 33.20 14.49
N ASN C 628 -25.87 34.44 13.99
CA ASN C 628 -24.73 35.29 14.35
C ASN C 628 -24.63 35.47 15.86
N ARG C 629 -25.77 35.55 16.55
CA ARG C 629 -25.74 35.67 18.01
C ARG C 629 -25.19 34.41 18.64
N LEU C 630 -25.65 33.24 18.19
CA LEU C 630 -25.12 31.98 18.70
C LEU C 630 -23.63 31.87 18.42
N LEU C 631 -23.23 32.16 17.18
CA LEU C 631 -21.81 32.14 16.84
C LEU C 631 -21.01 33.05 17.77
N SER C 632 -21.52 34.27 18.00
CA SER C 632 -20.83 35.19 18.89
C SER C 632 -20.73 34.62 20.30
N ASP C 633 -21.78 33.96 20.78
CA ASP C 633 -21.73 33.34 22.10
C ASP C 633 -20.73 32.20 22.14
N LEU C 634 -20.76 31.32 21.14
CA LEU C 634 -19.85 30.18 21.11
C LEU C 634 -18.39 30.65 21.18
N MET C 635 -18.04 31.68 20.42
CA MET C 635 -16.68 32.16 20.33
C MET C 635 -16.32 33.11 21.47
N GLN C 636 -17.18 33.25 22.48
CA GLN C 636 -16.97 34.26 23.50
C GLN C 636 -15.65 34.05 24.24
N LEU C 637 -15.34 32.80 24.61
CA LEU C 637 -14.08 32.54 25.32
C LEU C 637 -12.88 32.81 24.43
N PRO C 638 -12.73 32.17 23.27
CA PRO C 638 -11.53 32.45 22.45
C PRO C 638 -11.45 33.90 21.99
N ASN C 639 -12.58 34.59 21.85
CA ASN C 639 -12.52 36.01 21.47
C ASN C 639 -12.07 36.88 22.63
N MET C 640 -12.41 36.50 23.87
CA MET C 640 -11.90 37.24 25.02
C MET C 640 -10.40 37.03 25.19
N ALA C 641 -9.93 35.79 25.04
CA ALA C 641 -8.50 35.53 25.06
C ALA C 641 -7.81 36.21 23.89
N TRP C 642 -8.45 36.20 22.71
CA TRP C 642 -7.90 36.88 21.55
C TRP C 642 -7.72 38.37 21.81
N ASP C 643 -8.79 39.04 22.27
CA ASP C 643 -8.69 40.47 22.55
C ASP C 643 -7.59 40.77 23.55
N THR C 644 -7.46 39.92 24.59
CA THR C 644 -6.37 40.09 25.54
C THR C 644 -5.01 39.95 24.85
N ILE C 645 -4.87 38.93 24.01
CA ILE C 645 -3.60 38.72 23.30
C ILE C 645 -3.25 39.94 22.47
N VAL C 646 -4.24 40.51 21.77
CA VAL C 646 -3.96 41.60 20.84
C VAL C 646 -3.30 42.77 21.57
N GLU C 647 -3.93 43.25 22.65
CA GLU C 647 -3.35 44.36 23.41
C GLU C 647 -1.87 44.13 23.68
N GLN C 648 -1.52 42.91 24.08
CA GLN C 648 -0.14 42.59 24.40
C GLN C 648 0.74 42.55 23.15
N SER C 649 0.32 41.78 22.14
CA SER C 649 1.02 41.70 20.87
C SER C 649 1.41 43.09 20.37
N THR C 650 0.55 44.08 20.60
CA THR C 650 0.84 45.46 20.22
C THR C 650 1.81 46.11 21.20
N ALA C 651 2.66 45.29 21.82
CA ALA C 651 3.79 45.76 22.63
C ALA C 651 4.95 44.80 22.44
N ASN C 652 5.29 44.54 21.18
CA ASN C 652 6.35 43.60 20.82
C ASN C 652 6.23 42.29 21.61
N LEU C 656 4.64 37.74 22.68
CA LEU C 656 4.60 36.65 21.71
C LEU C 656 5.82 35.76 21.86
N LEU C 657 6.93 36.34 22.30
CA LEU C 657 8.14 35.57 22.54
C LEU C 657 7.90 34.45 23.54
N ASP C 658 6.89 34.59 24.39
CA ASP C 658 6.59 33.57 25.39
C ASP C 658 6.06 32.31 24.73
N SER C 659 6.66 31.17 25.05
CA SER C 659 6.23 29.91 24.46
C SER C 659 4.80 29.58 24.85
N GLU C 660 4.37 29.97 26.05
CA GLU C 660 3.01 29.69 26.49
C GLU C 660 2.01 30.59 25.79
N THR C 661 2.39 31.83 25.48
CA THR C 661 1.53 32.73 24.72
C THR C 661 1.33 32.21 23.30
N VAL C 662 2.39 31.67 22.70
CA VAL C 662 2.29 31.13 21.34
C VAL C 662 1.32 29.96 21.30
N LYS C 663 1.36 29.09 22.31
CA LYS C 663 0.42 27.97 22.35
C LYS C 663 -1.02 28.48 22.48
N ILE C 664 -1.23 29.51 23.28
CA ILE C 664 -2.58 30.07 23.44
C ILE C 664 -3.09 30.60 22.10
N ILE C 665 -2.26 31.39 21.42
CA ILE C 665 -2.65 31.93 20.13
C ILE C 665 -3.01 30.80 19.17
N ALA C 666 -2.15 29.79 19.08
CA ALA C 666 -2.39 28.69 18.16
C ALA C 666 -3.74 28.03 18.42
N ASN C 667 -4.10 27.85 19.69
CA ASN C 667 -5.36 27.19 20.01
C ASN C 667 -6.56 28.07 19.70
N ILE C 668 -6.42 29.39 19.86
CA ILE C 668 -7.49 30.30 19.43
C ILE C 668 -7.74 30.15 17.94
N ILE C 669 -6.68 30.19 17.14
CA ILE C 669 -6.83 30.05 15.69
C ILE C 669 -7.42 28.68 15.36
N LYS C 670 -6.95 27.64 16.04
CA LYS C 670 -7.44 26.29 15.76
C LYS C 670 -8.92 26.15 16.12
N THR C 671 -9.37 26.87 17.14
CA THR C 671 -10.80 26.88 17.45
C THR C 671 -11.59 27.56 16.33
N ASN C 672 -11.09 28.69 15.83
CA ASN C 672 -11.75 29.36 14.71
C ASN C 672 -11.75 28.47 13.47
N VAL C 673 -10.68 27.72 13.24
CA VAL C 673 -10.66 26.77 12.12
C VAL C 673 -11.72 25.71 12.33
N ALA C 674 -11.79 25.14 13.53
CA ALA C 674 -12.74 24.08 13.81
C ALA C 674 -14.18 24.54 13.55
N VAL C 675 -14.53 25.72 14.05
CA VAL C 675 -15.89 26.22 13.87
C VAL C 675 -16.12 26.60 12.41
N CYS C 676 -15.10 27.14 11.74
CA CYS C 676 -15.27 27.52 10.35
C CYS C 676 -15.45 26.30 9.46
N THR C 677 -14.82 25.18 9.82
CA THR C 677 -14.96 23.96 9.03
C THR C 677 -16.40 23.52 8.93
N SER C 678 -17.15 23.63 10.03
CA SER C 678 -18.53 23.16 10.07
C SER C 678 -19.55 24.22 9.69
N MET C 679 -19.19 25.50 9.78
CA MET C 679 -20.12 26.58 9.47
C MET C 679 -19.94 27.17 8.09
N GLY C 680 -18.75 27.06 7.50
CA GLY C 680 -18.55 27.51 6.13
C GLY C 680 -18.92 28.96 5.96
N ALA C 681 -19.81 29.23 5.01
CA ALA C 681 -20.19 30.61 4.70
C ALA C 681 -20.73 31.33 5.92
N ASP C 682 -21.40 30.62 6.84
CA ASP C 682 -21.98 31.27 8.01
C ASP C 682 -20.94 31.82 8.96
N PHE C 683 -19.68 31.41 8.82
CA PHE C 683 -18.64 31.82 9.74
C PHE C 683 -18.19 33.26 9.52
N TYR C 684 -18.59 33.88 8.42
CA TYR C 684 -18.04 35.18 8.04
C TYR C 684 -18.06 36.22 9.14
N PRO C 685 -19.13 36.37 9.94
CA PRO C 685 -19.08 37.41 10.99
C PRO C 685 -17.96 37.20 11.98
N GLN C 686 -17.71 35.96 12.40
CA GLN C 686 -16.59 35.70 13.32
C GLN C 686 -15.25 35.98 12.65
N LEU C 687 -15.13 35.65 11.36
CA LEU C 687 -13.89 35.92 10.64
C LEU C 687 -13.61 37.41 10.59
N GLY C 688 -14.63 38.21 10.28
CA GLY C 688 -14.44 39.66 10.21
C GLY C 688 -14.11 40.29 11.55
N HIS C 689 -14.49 39.62 12.65
CA HIS C 689 -14.15 40.14 13.97
C HIS C 689 -12.64 40.13 14.20
N ILE C 690 -11.94 39.11 13.69
CA ILE C 690 -10.52 38.93 13.96
C ILE C 690 -9.63 39.19 12.75
N TYR C 691 -10.21 39.32 11.55
CA TYR C 691 -9.41 39.25 10.33
C TYR C 691 -8.25 40.24 10.34
N TYR C 692 -8.54 41.53 10.54
CA TYR C 692 -7.51 42.55 10.40
C TYR C 692 -6.39 42.36 11.42
N ASN C 693 -6.75 42.15 12.68
CA ASN C 693 -5.74 41.90 13.70
C ASN C 693 -5.00 40.59 13.43
N MET C 694 -5.73 39.56 12.98
CA MET C 694 -5.10 38.29 12.66
C MET C 694 -3.98 38.46 11.63
N LEU C 695 -4.23 39.25 10.59
CA LEU C 695 -3.21 39.44 9.56
C LEU C 695 -2.05 40.29 10.07
N GLN C 696 -2.32 41.26 10.94
CA GLN C 696 -1.24 41.98 11.59
C GLN C 696 -0.38 41.02 12.40
N LEU C 697 -1.01 40.09 13.11
CA LEU C 697 -0.27 39.09 13.87
C LEU C 697 0.55 38.21 12.93
N TYR C 698 -0.01 37.86 11.77
CA TYR C 698 0.75 37.12 10.76
C TYR C 698 2.04 37.84 10.41
N ARG C 699 1.97 39.17 10.23
CA ARG C 699 3.18 39.94 9.96
C ARG C 699 4.13 39.92 11.15
N ALA C 700 3.59 40.06 12.36
CA ALA C 700 4.44 40.11 13.55
C ALA C 700 5.23 38.83 13.73
N VAL C 701 4.55 37.69 13.72
CA VAL C 701 5.24 36.41 13.91
C VAL C 701 6.25 36.18 12.79
N SER C 702 5.93 36.62 11.57
CA SER C 702 6.88 36.51 10.47
C SER C 702 8.20 37.20 10.82
N SER C 703 8.13 38.44 11.31
CA SER C 703 9.34 39.14 11.71
C SER C 703 10.11 38.37 12.77
N MET C 704 9.39 37.78 13.73
CA MET C 704 10.05 36.99 14.77
C MET C 704 10.80 35.81 14.16
N ILE C 705 10.13 35.07 13.27
CA ILE C 705 10.78 33.92 12.63
C ILE C 705 12.03 34.36 11.88
N SER C 706 11.91 35.41 11.07
CA SER C 706 13.07 35.91 10.33
C SER C 706 14.18 36.34 11.29
N ALA C 707 13.83 37.09 12.33
CA ALA C 707 14.84 37.51 13.31
C ALA C 707 15.49 36.33 13.99
N GLN C 708 14.73 35.26 14.24
CA GLN C 708 15.28 34.09 14.90
C GLN C 708 16.25 33.35 13.98
N VAL C 709 15.88 33.18 12.71
CA VAL C 709 16.79 32.55 11.75
C VAL C 709 18.08 33.35 11.64
N ALA C 710 17.98 34.69 11.73
CA ALA C 710 19.17 35.52 11.57
C ALA C 710 20.11 35.37 12.75
N ALA C 711 19.57 35.31 13.97
CA ALA C 711 20.41 35.26 15.16
C ALA C 711 20.90 33.86 15.47
N GLU C 712 20.16 32.82 15.07
CA GLU C 712 20.50 31.44 15.44
C GLU C 712 20.88 30.57 14.25
N GLY C 713 20.53 30.95 13.03
CA GLY C 713 20.79 30.14 11.87
C GLY C 713 19.56 29.36 11.44
N LEU C 714 19.74 28.57 10.38
CA LEU C 714 18.64 27.75 9.87
C LEU C 714 18.13 26.78 10.92
N ILE C 715 19.02 26.32 11.82
CA ILE C 715 18.62 25.36 12.84
C ILE C 715 17.47 25.91 13.68
N ALA C 716 17.32 27.24 13.75
CA ALA C 716 16.22 27.83 14.49
C ALA C 716 14.88 27.26 14.05
N THR C 717 14.72 26.94 12.77
CA THR C 717 13.45 26.43 12.27
C THR C 717 13.06 25.12 12.95
N LYS C 718 14.01 24.43 13.58
CA LYS C 718 13.71 23.19 14.27
C LYS C 718 13.34 23.40 15.73
N THR C 719 13.60 24.58 16.29
CA THR C 719 13.36 24.79 17.71
C THR C 719 11.85 24.78 17.99
N PRO C 720 11.44 24.42 19.20
CA PRO C 720 10.02 24.49 19.53
C PRO C 720 9.43 25.88 19.39
N LYS C 721 10.21 26.93 19.68
CA LYS C 721 9.71 28.29 19.57
C LYS C 721 9.33 28.62 18.14
N VAL C 722 10.29 28.50 17.21
CA VAL C 722 10.03 28.84 15.82
C VAL C 722 8.92 27.97 15.25
N ARG C 723 8.99 26.66 15.51
CA ARG C 723 7.92 25.77 15.05
C ARG C 723 6.58 26.23 15.60
N GLY C 724 6.55 26.66 16.87
CA GLY C 724 5.32 27.20 17.42
C GLY C 724 4.86 28.45 16.72
N LEU C 725 5.79 29.33 16.35
CA LEU C 725 5.44 30.54 15.62
C LEU C 725 4.91 30.23 14.24
N ARG C 726 5.50 29.23 13.57
CA ARG C 726 5.04 28.86 12.23
C ARG C 726 3.68 28.19 12.28
N THR C 727 3.38 27.44 13.35
CA THR C 727 2.05 26.89 13.51
C THR C 727 1.00 27.99 13.44
N ILE C 728 1.27 29.14 14.08
CA ILE C 728 0.36 30.27 14.00
C ILE C 728 0.12 30.66 12.55
N LYS C 729 1.20 30.87 11.80
CA LYS C 729 1.07 31.28 10.41
C LYS C 729 0.31 30.24 9.59
N LYS C 730 0.52 28.96 9.90
CA LYS C 730 -0.16 27.90 9.14
C LYS C 730 -1.64 27.85 9.48
N GLU C 731 -1.99 27.99 10.76
CA GLU C 731 -3.40 27.96 11.14
C GLU C 731 -4.13 29.18 10.59
N ILE C 732 -3.48 30.34 10.59
CA ILE C 732 -4.07 31.52 9.96
C ILE C 732 -4.38 31.24 8.49
N LEU C 733 -3.38 30.74 7.75
CA LEU C 733 -3.61 30.39 6.35
C LEU C 733 -4.71 29.36 6.21
N LYS C 734 -4.71 28.34 7.07
CA LYS C 734 -5.73 27.30 6.99
C LYS C 734 -7.11 27.86 7.24
N LEU C 735 -7.23 28.80 8.20
CA LEU C 735 -8.52 29.42 8.47
C LEU C 735 -9.03 30.18 7.27
N VAL C 736 -8.17 30.97 6.63
CA VAL C 736 -8.57 31.74 5.46
C VAL C 736 -8.89 30.82 4.30
N GLU C 737 -8.08 29.79 4.09
CA GLU C 737 -8.37 28.80 3.05
C GLU C 737 -9.69 28.11 3.32
N THR C 738 -9.94 27.74 4.58
CA THR C 738 -11.18 27.03 4.90
C THR C 738 -12.39 27.88 4.59
N TYR C 739 -12.38 29.14 5.01
CA TYR C 739 -13.55 29.99 4.74
C TYR C 739 -13.72 30.23 3.25
N ILE C 740 -12.65 30.61 2.56
CA ILE C 740 -12.78 31.01 1.16
C ILE C 740 -13.27 29.83 0.32
N SER C 741 -12.90 28.60 0.70
CA SER C 741 -13.33 27.43 -0.06
C SER C 741 -14.82 27.14 0.09
N LYS C 742 -15.47 27.71 1.10
CA LYS C 742 -16.89 27.49 1.34
C LYS C 742 -17.71 28.76 1.17
N ALA C 743 -17.07 29.91 0.94
CA ALA C 743 -17.80 31.17 0.88
C ALA C 743 -18.82 31.16 -0.25
N ARG C 744 -19.96 31.79 0.00
CA ARG C 744 -21.00 31.96 -1.00
C ARG C 744 -21.09 33.40 -1.52
N ASN C 745 -20.46 34.35 -0.85
CA ASN C 745 -20.45 35.75 -1.27
C ASN C 745 -19.03 36.09 -1.69
N LEU C 746 -18.75 35.91 -2.98
CA LEU C 746 -17.41 36.13 -3.50
C LEU C 746 -17.05 37.59 -3.67
N ASP C 747 -18.05 38.48 -3.70
CA ASP C 747 -17.75 39.91 -3.78
C ASP C 747 -17.06 40.39 -2.51
N ASP C 748 -17.51 39.92 -1.35
CA ASP C 748 -16.85 40.29 -0.10
C ASP C 748 -15.46 39.70 -0.02
N VAL C 749 -15.29 38.45 -0.48
CA VAL C 749 -13.96 37.84 -0.50
C VAL C 749 -12.99 38.74 -1.26
N VAL C 750 -13.41 39.22 -2.43
CA VAL C 750 -12.54 40.01 -3.27
C VAL C 750 -12.25 41.37 -2.64
N LYS C 751 -13.30 42.04 -2.17
CA LYS C 751 -13.20 43.43 -1.77
C LYS C 751 -12.77 43.63 -0.32
N VAL C 752 -12.77 42.57 0.49
CA VAL C 752 -12.44 42.65 1.91
C VAL C 752 -11.23 41.79 2.26
N LEU C 753 -11.25 40.52 1.82
CA LEU C 753 -10.26 39.54 2.28
C LEU C 753 -9.02 39.49 1.41
N VAL C 754 -9.18 39.40 0.09
CA VAL C 754 -8.07 39.06 -0.78
C VAL C 754 -6.97 40.11 -0.68
N GLU C 755 -7.34 41.39 -0.70
CA GLU C 755 -6.33 42.45 -0.74
C GLU C 755 -5.42 42.41 0.48
N PRO C 756 -5.92 42.51 1.72
CA PRO C 756 -5.03 42.39 2.87
C PRO C 756 -4.28 41.07 2.92
N LEU C 757 -4.90 39.99 2.47
CA LEU C 757 -4.26 38.68 2.53
C LEU C 757 -2.99 38.65 1.68
N LEU C 758 -3.09 39.07 0.42
CA LEU C 758 -1.92 39.03 -0.45
C LEU C 758 -0.81 39.93 0.08
N ASN C 759 -1.17 41.13 0.55
CA ASN C 759 -0.15 42.02 1.10
C ASN C 759 0.57 41.39 2.28
N ALA C 760 -0.12 40.57 3.06
CA ALA C 760 0.47 40.00 4.27
C ALA C 760 1.33 38.78 4.00
N VAL C 761 1.01 37.98 2.99
CA VAL C 761 1.64 36.67 2.83
C VAL C 761 2.66 36.66 1.70
N LEU C 762 2.40 37.35 0.59
CA LEU C 762 3.20 37.14 -0.62
C LEU C 762 4.64 37.59 -0.43
N GLU C 763 4.83 38.85 -0.06
CA GLU C 763 6.18 39.37 0.11
C GLU C 763 6.93 38.60 1.20
N ASP C 764 6.23 38.24 2.28
CA ASP C 764 6.86 37.44 3.33
C ASP C 764 7.38 36.12 2.77
N TYR C 765 6.57 35.44 1.95
CA TYR C 765 6.99 34.18 1.35
C TYR C 765 8.21 34.39 0.45
N MET C 766 8.14 35.40 -0.42
CA MET C 766 9.19 35.62 -1.41
C MET C 766 10.52 35.95 -0.76
N ASN C 767 10.50 36.79 0.28
CA ASN C 767 11.72 37.35 0.84
C ASN C 767 12.25 36.60 2.05
N ASN C 768 11.64 35.47 2.40
CA ASN C 768 12.22 34.56 3.37
C ASN C 768 13.17 33.60 2.66
N VAL C 769 14.08 33.02 3.44
CA VAL C 769 14.98 32.01 2.91
C VAL C 769 14.18 30.75 2.63
N PRO C 770 14.64 29.87 1.74
CA PRO C 770 13.83 28.68 1.40
C PRO C 770 13.34 27.89 2.60
N ASP C 771 14.20 27.60 3.57
CA ASP C 771 13.81 26.78 4.71
C ASP C 771 12.77 27.43 5.60
N ALA C 772 12.48 28.72 5.41
CA ALA C 772 11.50 29.42 6.22
C ALA C 772 10.18 29.64 5.50
N ARG C 773 10.08 29.25 4.23
CA ARG C 773 8.85 29.42 3.47
C ARG C 773 7.87 28.30 3.80
N ASP C 774 6.61 28.68 4.00
CA ASP C 774 5.55 27.75 4.34
C ASP C 774 4.82 27.34 3.06
N ALA C 775 4.86 26.05 2.74
CA ALA C 775 4.13 25.56 1.59
C ALA C 775 2.63 25.80 1.70
N GLU C 776 2.14 26.06 2.91
CA GLU C 776 0.73 26.36 3.10
C GLU C 776 0.33 27.66 2.39
N VAL C 777 1.27 28.57 2.16
CA VAL C 777 0.97 29.76 1.38
C VAL C 777 0.51 29.38 -0.02
N LEU C 778 1.23 28.45 -0.65
CA LEU C 778 0.84 27.97 -1.96
C LEU C 778 -0.56 27.34 -1.92
N ASN C 779 -0.84 26.58 -0.87
CA ASN C 779 -2.13 25.93 -0.75
C ASN C 779 -3.26 26.95 -0.60
N CYS C 780 -3.03 28.01 0.18
CA CYS C 780 -4.03 29.05 0.32
C CYS C 780 -4.26 29.78 -0.99
N MET C 781 -3.20 30.11 -1.71
CA MET C 781 -3.35 30.82 -2.97
C MET C 781 -4.09 29.98 -4.01
N THR C 782 -3.90 28.67 -3.98
CA THR C 782 -4.63 27.80 -4.90
C THR C 782 -6.14 27.96 -4.71
N THR C 783 -6.60 27.95 -3.46
CA THR C 783 -8.02 28.13 -3.19
C THR C 783 -8.49 29.50 -3.64
N VAL C 784 -7.72 30.55 -3.30
CA VAL C 784 -8.09 31.90 -3.72
C VAL C 784 -8.28 31.95 -5.23
N VAL C 785 -7.33 31.39 -5.98
CA VAL C 785 -7.42 31.43 -7.44
C VAL C 785 -8.56 30.56 -7.94
N GLU C 786 -8.80 29.42 -7.27
CA GLU C 786 -9.88 28.54 -7.69
C GLU C 786 -11.24 29.24 -7.57
N LYS C 787 -11.44 29.99 -6.49
CA LYS C 787 -12.77 30.52 -6.19
C LYS C 787 -13.03 31.88 -6.80
N VAL C 788 -12.05 32.78 -6.76
CA VAL C 788 -12.26 34.15 -7.21
C VAL C 788 -11.22 34.56 -8.24
N GLY C 789 -10.39 33.61 -8.67
CA GLY C 789 -9.34 33.93 -9.62
C GLY C 789 -9.84 34.72 -10.81
N HIS C 790 -11.03 34.38 -11.31
CA HIS C 790 -11.61 35.08 -12.44
C HIS C 790 -11.97 36.52 -12.13
N MET C 791 -11.97 36.93 -10.86
CA MET C 791 -12.32 38.29 -10.48
C MET C 791 -11.11 39.16 -10.13
N ILE C 792 -9.93 38.57 -9.95
CA ILE C 792 -8.75 39.32 -9.54
C ILE C 792 -7.62 39.08 -10.52
N PRO C 793 -7.79 39.42 -11.80
CA PRO C 793 -6.71 39.18 -12.78
C PRO C 793 -5.37 39.76 -12.35
N GLN C 794 -5.37 40.94 -11.73
CA GLN C 794 -4.11 41.50 -11.24
C GLN C 794 -3.62 40.81 -9.98
N GLY C 795 -4.54 40.31 -9.16
CA GLY C 795 -4.12 39.53 -8.00
C GLY C 795 -3.36 38.29 -8.38
N VAL C 796 -3.80 37.60 -9.43
CA VAL C 796 -3.13 36.38 -9.87
C VAL C 796 -1.72 36.70 -10.36
N ILE C 797 -1.58 37.77 -11.15
CA ILE C 797 -0.24 38.19 -11.59
C ILE C 797 0.67 38.37 -10.39
N LEU C 798 0.18 39.06 -9.36
CA LEU C 798 0.98 39.31 -8.18
C LEU C 798 1.37 38.02 -7.49
N ILE C 799 0.50 37.00 -7.53
CA ILE C 799 0.84 35.71 -6.93
C ILE C 799 1.98 35.05 -7.68
N LEU C 800 1.92 35.05 -9.02
CA LEU C 800 3.00 34.45 -9.81
C LEU C 800 4.32 35.14 -9.53
N GLN C 801 4.35 36.47 -9.61
CA GLN C 801 5.58 37.22 -9.35
C GLN C 801 6.19 36.83 -8.01
N SER C 802 5.35 36.59 -7.01
CA SER C 802 5.87 36.39 -5.65
C SER C 802 6.33 34.97 -5.39
N VAL C 803 5.68 33.97 -5.98
CA VAL C 803 5.95 32.58 -5.62
C VAL C 803 6.53 31.75 -6.76
N PHE C 804 6.35 32.14 -8.02
CA PHE C 804 6.72 31.26 -9.12
C PHE C 804 8.21 31.00 -9.17
N GLU C 805 9.01 32.07 -9.37
CA GLU C 805 10.42 31.88 -9.66
C GLU C 805 11.19 31.35 -8.45
N CYS C 806 10.88 31.84 -7.25
CA CYS C 806 11.64 31.42 -6.08
C CYS C 806 11.27 29.99 -5.68
N THR C 807 10.00 29.61 -5.81
CA THR C 807 9.62 28.23 -5.54
C THR C 807 10.26 27.28 -6.54
N LEU C 808 10.25 27.65 -7.83
CA LEU C 808 10.87 26.80 -8.84
C LEU C 808 12.34 26.56 -8.53
N ASP C 809 13.05 27.59 -8.06
CA ASP C 809 14.46 27.41 -7.72
C ASP C 809 14.65 26.48 -6.52
N MET C 810 13.61 26.29 -5.71
CA MET C 810 13.70 25.37 -4.58
C MET C 810 13.62 23.92 -5.02
N ILE C 811 12.90 23.64 -6.11
CA ILE C 811 12.49 22.28 -6.46
C ILE C 811 13.06 21.81 -7.79
N ASN C 812 13.92 22.59 -8.44
CA ASN C 812 14.45 22.23 -9.75
C ASN C 812 15.91 21.79 -9.69
N LYS C 813 16.39 21.40 -8.51
CA LYS C 813 17.74 20.84 -8.37
C LYS C 813 17.71 19.33 -8.15
N ASP C 814 16.62 18.80 -7.62
CA ASP C 814 16.42 17.35 -7.50
C ASP C 814 14.92 17.11 -7.35
N PHE C 815 14.55 15.85 -7.18
CA PHE C 815 13.14 15.48 -7.07
C PHE C 815 12.70 15.25 -5.62
N THR C 816 13.57 15.49 -4.65
CA THR C 816 13.31 15.08 -3.26
C THR C 816 13.12 16.24 -2.30
N GLU C 817 13.88 17.33 -2.45
CA GLU C 817 13.82 18.41 -1.47
C GLU C 817 12.48 19.14 -1.56
N TYR C 818 12.05 19.67 -0.42
CA TYR C 818 10.82 20.45 -0.31
C TYR C 818 9.63 19.74 -0.97
N PRO C 819 9.30 18.52 -0.52
CA PRO C 819 8.24 17.75 -1.20
C PRO C 819 6.88 18.41 -1.13
N GLU C 820 6.55 19.10 -0.03
CA GLU C 820 5.27 19.78 0.05
C GLU C 820 5.20 20.97 -0.90
N HIS C 821 6.23 21.81 -0.89
CA HIS C 821 6.29 22.92 -1.84
C HIS C 821 6.18 22.40 -3.27
N ARG C 822 6.82 21.26 -3.54
CA ARG C 822 6.77 20.64 -4.85
C ARG C 822 5.33 20.37 -5.28
N VAL C 823 4.56 19.69 -4.43
CA VAL C 823 3.20 19.32 -4.76
C VAL C 823 2.31 20.55 -4.87
N GLU C 824 2.31 21.40 -3.85
CA GLU C 824 1.45 22.58 -3.86
C GLU C 824 1.79 23.52 -5.00
N PHE C 825 3.07 23.58 -5.39
CA PHE C 825 3.48 24.44 -6.49
C PHE C 825 2.71 24.12 -7.76
N TYR C 826 2.67 22.84 -8.14
CA TYR C 826 2.03 22.47 -9.40
C TYR C 826 0.51 22.45 -9.31
N LYS C 827 -0.04 22.28 -8.11
CA LYS C 827 -1.48 22.51 -7.94
C LYS C 827 -1.83 23.96 -8.18
N LEU C 828 -0.94 24.88 -7.79
CA LEU C 828 -1.17 26.30 -8.02
C LEU C 828 -1.07 26.64 -9.51
N LEU C 829 0.01 26.21 -10.17
CA LEU C 829 0.14 26.44 -11.59
C LEU C 829 -1.03 25.85 -12.36
N LYS C 830 -1.53 24.70 -11.93
CA LYS C 830 -2.63 24.05 -12.62
C LYS C 830 -3.89 24.91 -12.58
N VAL C 831 -4.24 25.42 -11.41
CA VAL C 831 -5.49 26.18 -11.28
C VAL C 831 -5.35 27.53 -11.98
N ILE C 832 -4.17 28.14 -11.93
CA ILE C 832 -3.94 29.39 -12.65
C ILE C 832 -4.08 29.15 -14.16
N ASN C 833 -3.43 28.09 -14.65
CA ASN C 833 -3.52 27.76 -16.07
C ASN C 833 -4.96 27.49 -16.50
N GLU C 834 -5.79 27.03 -15.58
CA GLU C 834 -7.20 26.76 -15.88
C GLU C 834 -8.05 28.02 -15.79
N LYS C 835 -7.99 28.72 -14.66
CA LYS C 835 -8.95 29.79 -14.36
C LYS C 835 -8.46 31.17 -14.80
N SER C 836 -7.16 31.38 -14.91
CA SER C 836 -6.62 32.72 -15.15
C SER C 836 -5.38 32.62 -16.06
N PHE C 837 -5.55 31.95 -17.20
CA PHE C 837 -4.43 31.76 -18.12
C PHE C 837 -3.82 33.08 -18.59
N ALA C 838 -4.58 34.17 -18.54
CA ALA C 838 -4.05 35.46 -18.96
C ALA C 838 -2.80 35.84 -18.17
N ALA C 839 -2.71 35.40 -16.90
CA ALA C 839 -1.55 35.74 -16.09
C ALA C 839 -0.26 35.23 -16.72
N PHE C 840 -0.31 34.12 -17.44
CA PHE C 840 0.88 33.60 -18.10
C PHE C 840 1.21 34.35 -19.39
N LEU C 841 0.21 34.94 -20.04
CA LEU C 841 0.47 35.76 -21.22
C LEU C 841 1.24 37.03 -20.86
N GLU C 842 1.11 37.49 -19.61
CA GLU C 842 1.82 38.68 -19.16
C GLU C 842 3.25 38.39 -18.72
N LEU C 843 3.63 37.12 -18.62
CA LEU C 843 4.97 36.78 -18.18
C LEU C 843 5.98 37.22 -19.24
N PRO C 844 7.08 37.85 -18.85
CA PRO C 844 8.12 38.14 -19.83
C PRO C 844 8.58 36.86 -20.51
N PRO C 845 9.05 36.94 -21.75
CA PRO C 845 9.45 35.71 -22.46
C PRO C 845 10.34 34.80 -21.64
N ALA C 846 11.22 35.38 -20.82
CA ALA C 846 12.12 34.55 -20.01
C ALA C 846 11.35 33.77 -18.96
N ALA C 847 10.40 34.41 -18.29
CA ALA C 847 9.63 33.72 -17.25
C ALA C 847 8.69 32.69 -17.86
N PHE C 848 8.15 32.96 -19.05
CA PHE C 848 7.34 31.95 -19.73
C PHE C 848 8.18 30.76 -20.17
N LYS C 849 9.48 30.95 -20.36
CA LYS C 849 10.36 29.83 -20.65
C LYS C 849 10.53 28.94 -19.43
N LEU C 850 10.70 29.55 -18.24
CA LEU C 850 10.78 28.77 -17.01
C LEU C 850 9.50 28.00 -16.76
N PHE C 851 8.35 28.60 -17.10
CA PHE C 851 7.07 27.93 -16.95
C PHE C 851 7.02 26.64 -17.75
N VAL C 852 7.50 26.68 -18.99
CA VAL C 852 7.57 25.46 -19.79
C VAL C 852 8.57 24.49 -19.20
N ASP C 853 9.76 24.98 -18.83
CA ASP C 853 10.73 24.13 -18.14
C ASP C 853 10.13 23.49 -16.91
N ALA C 854 9.29 24.24 -16.19
CA ALA C 854 8.68 23.72 -14.97
C ALA C 854 7.70 22.60 -15.27
N ILE C 855 6.93 22.73 -16.35
CA ILE C 855 5.98 21.68 -16.72
C ILE C 855 6.74 20.41 -17.08
N CYS C 856 7.74 20.51 -17.95
CA CYS C 856 8.53 19.34 -18.32
C CYS C 856 9.25 18.75 -17.11
N TRP C 857 9.72 19.61 -16.21
CA TRP C 857 10.29 19.13 -14.96
C TRP C 857 9.30 18.24 -14.21
N ALA C 858 8.01 18.61 -14.22
CA ALA C 858 7.00 17.79 -13.57
C ALA C 858 6.86 16.43 -14.25
N PHE C 859 7.00 16.38 -15.58
CA PHE C 859 6.89 15.10 -16.28
C PHE C 859 7.82 14.06 -15.68
N LYS C 860 9.04 14.45 -15.34
CA LYS C 860 10.09 13.52 -15.00
C LYS C 860 10.06 13.09 -13.53
N HIS C 861 9.10 13.58 -12.75
CA HIS C 861 8.93 13.06 -11.41
C HIS C 861 8.32 11.67 -11.45
N ASN C 862 8.70 10.84 -10.49
CA ASN C 862 7.99 9.60 -10.23
C ASN C 862 6.83 9.80 -9.28
N ASN C 863 6.88 10.84 -8.45
CA ASN C 863 5.78 11.19 -7.56
C ASN C 863 4.52 11.46 -8.37
N ARG C 864 3.51 10.60 -8.20
CA ARG C 864 2.28 10.75 -8.96
C ARG C 864 1.64 12.12 -8.74
N ASP C 865 1.74 12.66 -7.52
CA ASP C 865 1.08 13.91 -7.22
C ASP C 865 1.63 15.04 -8.08
N VAL C 866 2.94 15.02 -8.35
CA VAL C 866 3.55 16.02 -9.22
C VAL C 866 3.35 15.64 -10.68
N GLU C 867 3.46 14.36 -11.01
CA GLU C 867 3.45 13.92 -12.39
C GLU C 867 2.10 14.17 -13.05
N VAL C 868 1.02 13.71 -12.39
CA VAL C 868 -0.32 13.88 -12.95
C VAL C 868 -0.60 15.35 -13.23
N ASN C 869 -0.23 16.23 -12.30
CA ASN C 869 -0.46 17.66 -12.51
C ASN C 869 0.43 18.20 -13.62
N GLY C 870 1.66 17.70 -13.75
CA GLY C 870 2.53 18.16 -14.81
C GLY C 870 1.95 17.88 -16.19
N LEU C 871 1.43 16.67 -16.39
CA LEU C 871 0.85 16.32 -17.69
C LEU C 871 -0.46 17.04 -17.91
N GLN C 872 -1.23 17.30 -16.86
CA GLN C 872 -2.48 18.03 -17.02
C GLN C 872 -2.23 19.48 -17.41
N ILE C 873 -1.23 20.12 -16.81
CA ILE C 873 -0.90 21.49 -17.18
C ILE C 873 -0.51 21.57 -18.64
N ALA C 874 0.33 20.63 -19.09
CA ALA C 874 0.75 20.62 -20.49
C ALA C 874 -0.45 20.48 -21.41
N LEU C 875 -1.36 19.55 -21.09
CA LEU C 875 -2.56 19.38 -21.89
C LEU C 875 -3.38 20.67 -21.92
N ASP C 876 -3.67 21.23 -20.76
CA ASP C 876 -4.50 22.43 -20.69
C ASP C 876 -3.83 23.62 -21.36
N LEU C 877 -2.49 23.71 -21.23
CA LEU C 877 -1.77 24.78 -21.89
C LEU C 877 -1.95 24.70 -23.41
N VAL C 878 -1.84 23.49 -23.97
CA VAL C 878 -2.01 23.32 -25.41
C VAL C 878 -3.42 23.73 -25.83
N LYS C 879 -4.43 23.34 -25.04
CA LYS C 879 -5.79 23.81 -25.30
C LYS C 879 -5.86 25.33 -25.24
N ASN C 880 -5.34 25.91 -24.15
CA ASN C 880 -5.35 27.37 -24.01
C ASN C 880 -4.74 28.06 -25.23
N ILE C 881 -3.58 27.56 -25.68
CA ILE C 881 -2.93 28.16 -26.84
C ILE C 881 -3.79 27.96 -28.08
N GLU C 882 -4.35 26.77 -28.27
CA GLU C 882 -5.16 26.50 -29.45
C GLU C 882 -6.37 27.43 -29.50
N ARG C 883 -6.99 27.69 -28.35
CA ARG C 883 -8.15 28.58 -28.32
C ARG C 883 -7.81 29.96 -28.86
N MET C 884 -6.59 30.44 -28.57
CA MET C 884 -6.21 31.79 -28.97
C MET C 884 -6.36 32.03 -30.47
N GLY C 885 -6.37 30.96 -31.26
CA GLY C 885 -6.49 31.11 -32.69
C GLY C 885 -5.15 31.42 -33.34
N ASN C 886 -5.24 31.99 -34.55
CA ASN C 886 -4.06 32.32 -35.34
C ASN C 886 -3.63 33.75 -35.02
N VAL C 887 -2.92 33.89 -33.90
CA VAL C 887 -2.42 35.19 -33.46
C VAL C 887 -0.93 35.06 -33.18
N PRO C 888 -0.20 36.17 -33.02
CA PRO C 888 1.26 36.06 -32.86
C PRO C 888 1.69 35.21 -31.67
N PHE C 889 1.04 35.35 -30.52
CA PHE C 889 1.50 34.61 -29.34
C PHE C 889 1.34 33.10 -29.54
N ALA C 890 0.22 32.69 -30.15
CA ALA C 890 0.04 31.26 -30.42
C ALA C 890 1.05 30.76 -31.44
N ASN C 891 1.35 31.58 -32.45
CA ASN C 891 2.35 31.20 -33.44
C ASN C 891 3.73 31.08 -32.82
N GLU C 892 4.11 32.07 -32.00
CA GLU C 892 5.42 32.03 -31.35
C GLU C 892 5.53 30.84 -30.41
N PHE C 893 4.44 30.50 -29.71
CA PHE C 893 4.48 29.37 -28.79
C PHE C 893 4.85 28.10 -29.52
N HIS C 894 4.18 27.81 -30.64
CA HIS C 894 4.45 26.58 -31.38
C HIS C 894 5.89 26.58 -31.90
N LYS C 895 6.32 27.68 -32.50
CA LYS C 895 7.69 27.77 -33.02
C LYS C 895 8.71 27.51 -31.91
N ASN C 896 8.43 27.97 -30.70
CA ASN C 896 9.38 27.87 -29.60
C ASN C 896 9.29 26.57 -28.82
N TYR C 897 8.08 26.04 -28.63
CA TYR C 897 7.85 25.01 -27.62
C TYR C 897 7.14 23.77 -28.11
N PHE C 898 6.63 23.73 -29.35
CA PHE C 898 5.93 22.54 -29.82
C PHE C 898 6.83 21.31 -29.75
N PHE C 899 8.02 21.40 -30.36
CA PHE C 899 8.90 20.23 -30.40
C PHE C 899 9.52 19.94 -29.04
N ILE C 900 9.65 20.96 -28.19
CA ILE C 900 10.09 20.72 -26.81
C ILE C 900 9.09 19.80 -26.10
N PHE C 901 7.80 20.04 -26.29
CA PHE C 901 6.79 19.20 -25.64
C PHE C 901 6.70 17.83 -26.28
N VAL C 902 6.89 17.74 -27.60
CA VAL C 902 6.85 16.44 -28.26
C VAL C 902 8.00 15.57 -27.79
N SER C 903 9.23 16.10 -27.82
CA SER C 903 10.40 15.31 -27.49
C SER C 903 10.41 14.96 -26.00
N GLU C 904 9.99 15.89 -25.14
CA GLU C 904 9.95 15.61 -23.71
C GLU C 904 8.91 14.55 -23.39
N THR C 905 7.71 14.67 -23.98
CA THR C 905 6.70 13.64 -23.80
C THR C 905 7.22 12.29 -24.27
N PHE C 906 7.94 12.28 -25.39
CA PHE C 906 8.50 11.03 -25.90
C PHE C 906 9.54 10.45 -24.94
N PHE C 907 10.40 11.31 -24.37
CA PHE C 907 11.45 10.81 -23.49
C PHE C 907 10.87 10.05 -22.31
N VAL C 908 9.86 10.63 -21.64
CA VAL C 908 9.27 9.96 -20.49
C VAL C 908 8.43 8.76 -20.91
N LEU C 909 8.00 8.72 -22.18
CA LEU C 909 7.29 7.53 -22.66
C LEU C 909 8.20 6.33 -22.77
N THR C 910 9.48 6.54 -23.08
CA THR C 910 10.37 5.48 -23.49
C THR C 910 11.45 5.13 -22.49
N ASP C 911 11.58 5.88 -21.39
CA ASP C 911 12.70 5.67 -20.47
C ASP C 911 12.44 4.57 -19.45
N SER C 912 11.26 3.96 -19.44
CA SER C 912 10.92 2.85 -18.55
C SER C 912 10.88 3.25 -17.08
N ASP C 913 10.99 4.54 -16.77
CA ASP C 913 10.98 5.01 -15.40
C ASP C 913 9.73 5.81 -15.05
N HIS C 914 8.80 5.96 -15.98
CA HIS C 914 7.54 6.68 -15.74
C HIS C 914 6.37 5.88 -16.28
N LYS C 915 6.35 4.58 -15.97
CA LYS C 915 5.28 3.71 -16.43
C LYS C 915 3.92 4.19 -15.93
N SER C 916 3.89 4.80 -14.75
CA SER C 916 2.62 5.13 -14.10
C SER C 916 1.80 6.14 -14.89
N GLY C 917 2.45 7.00 -15.67
CA GLY C 917 1.74 8.07 -16.36
C GLY C 917 1.56 7.83 -17.85
N PHE C 918 1.65 6.57 -18.27
CA PHE C 918 1.60 6.27 -19.70
C PHE C 918 0.34 6.83 -20.35
N SER C 919 -0.82 6.66 -19.70
CA SER C 919 -2.08 7.06 -20.32
C SER C 919 -2.10 8.54 -20.66
N LYS C 920 -1.70 9.39 -19.70
CA LYS C 920 -1.73 10.83 -19.94
C LYS C 920 -0.59 11.29 -20.83
N GLN C 921 0.59 10.66 -20.72
CA GLN C 921 1.64 10.90 -21.71
C GLN C 921 1.13 10.64 -23.11
N ALA C 922 0.46 9.49 -23.30
CA ALA C 922 -0.12 9.17 -24.61
C ALA C 922 -1.12 10.24 -25.04
N LEU C 923 -2.05 10.59 -24.14
CA LEU C 923 -3.06 11.60 -24.48
C LEU C 923 -2.39 12.91 -24.89
N LEU C 924 -1.41 13.37 -24.11
CA LEU C 924 -0.70 14.59 -24.46
C LEU C 924 -0.04 14.47 -25.82
N LEU C 925 0.63 13.35 -26.08
CA LEU C 925 1.30 13.19 -27.37
C LEU C 925 0.30 13.14 -28.51
N MET C 926 -0.85 12.50 -28.28
CA MET C 926 -1.87 12.42 -29.34
C MET C 926 -2.38 13.80 -29.72
N LYS C 927 -2.56 14.68 -28.72
CA LYS C 927 -3.05 16.02 -29.01
C LYS C 927 -2.03 16.81 -29.81
N LEU C 928 -0.75 16.71 -29.46
CA LEU C 928 0.29 17.45 -30.18
C LEU C 928 0.39 16.99 -31.63
N ILE C 929 0.31 15.69 -31.87
CA ILE C 929 0.40 15.18 -33.23
C ILE C 929 -0.84 15.56 -34.03
N SER C 930 -2.00 15.59 -33.37
CA SER C 930 -3.24 15.91 -34.09
C SER C 930 -3.31 17.39 -34.46
N LEU C 931 -2.63 18.25 -33.71
CA LEU C 931 -2.60 19.67 -34.09
C LEU C 931 -2.00 19.84 -35.47
N VAL C 932 -0.94 19.10 -35.78
CA VAL C 932 -0.30 19.21 -37.08
C VAL C 932 -1.16 18.58 -38.16
N TYR C 933 -1.76 17.42 -37.88
CA TYR C 933 -2.58 16.73 -38.86
C TYR C 933 -4.02 17.24 -38.91
N ASP C 934 -4.29 18.37 -38.25
CA ASP C 934 -5.49 19.15 -38.50
C ASP C 934 -5.16 20.56 -38.96
N ASN C 935 -3.89 20.82 -39.28
CA ASN C 935 -3.44 22.16 -39.69
C ASN C 935 -3.95 23.23 -38.74
N LYS C 936 -3.90 22.92 -37.45
CA LYS C 936 -4.21 23.89 -36.41
C LYS C 936 -3.05 24.83 -36.12
N ILE C 937 -1.85 24.51 -36.58
CA ILE C 937 -0.70 25.38 -36.48
C ILE C 937 -0.55 26.12 -37.80
N SER C 938 -0.64 27.45 -37.75
CA SER C 938 -0.75 28.24 -38.96
C SER C 938 0.60 28.54 -39.59
N VAL C 939 1.65 28.63 -38.79
CA VAL C 939 2.98 28.98 -39.29
C VAL C 939 3.81 27.71 -39.43
N PRO C 940 4.82 27.69 -40.31
CA PRO C 940 5.67 26.49 -40.41
C PRO C 940 6.47 26.28 -39.14
N LEU C 941 6.64 25.02 -38.77
CA LEU C 941 7.38 24.64 -37.56
C LEU C 941 8.88 24.54 -37.79
N TYR C 942 9.36 24.76 -39.00
CA TYR C 942 10.76 24.61 -39.34
C TYR C 942 11.40 25.97 -39.58
N GLN C 943 12.69 25.94 -39.90
CA GLN C 943 13.45 27.16 -40.14
C GLN C 943 13.34 27.57 -41.60
N GLU C 944 13.86 28.76 -41.89
CA GLU C 944 13.91 29.24 -43.27
C GLU C 944 14.76 28.32 -44.14
N ALA C 945 15.82 27.76 -43.58
CA ALA C 945 16.80 27.00 -44.35
C ALA C 945 16.55 25.50 -44.35
N GLU C 946 16.07 24.94 -43.23
CA GLU C 946 15.99 23.49 -43.07
C GLU C 946 15.33 22.82 -44.26
N VAL C 947 14.20 23.37 -44.72
CA VAL C 947 13.32 22.63 -45.62
C VAL C 947 12.86 23.55 -46.74
N PRO C 948 12.61 22.98 -47.92
CA PRO C 948 11.98 23.76 -49.00
C PRO C 948 10.77 24.53 -48.50
N GLN C 949 10.46 25.62 -49.19
CA GLN C 949 9.28 26.42 -48.85
C GLN C 949 8.01 25.63 -49.15
N GLY C 950 6.96 25.93 -48.39
CA GLY C 950 5.67 25.31 -48.60
C GLY C 950 5.56 23.87 -48.16
N THR C 951 6.60 23.31 -47.56
CA THR C 951 6.51 21.94 -47.05
C THR C 951 5.55 21.91 -45.87
N SER C 952 4.57 21.00 -45.95
CA SER C 952 3.58 20.89 -44.88
C SER C 952 4.26 20.52 -43.57
N ASN C 953 3.70 21.03 -42.47
CA ASN C 953 4.18 20.65 -41.15
C ASN C 953 4.06 19.15 -40.91
N GLN C 954 3.13 18.49 -41.61
CA GLN C 954 3.04 17.03 -41.52
C GLN C 954 4.35 16.37 -41.98
N VAL C 955 4.86 16.79 -43.14
CA VAL C 955 6.11 16.23 -43.64
C VAL C 955 7.24 16.51 -42.66
N TYR C 956 7.39 17.77 -42.23
CA TYR C 956 8.49 18.12 -41.35
C TYR C 956 8.39 17.38 -40.02
N LEU C 957 7.17 17.22 -39.50
CA LEU C 957 6.99 16.52 -38.24
C LEU C 957 7.47 15.07 -38.33
N SER C 958 7.20 14.41 -39.45
CA SER C 958 7.67 13.04 -39.63
C SER C 958 9.18 13.00 -39.76
N GLN C 959 9.76 14.00 -40.43
CA GLN C 959 11.21 14.07 -40.56
C GLN C 959 11.87 14.35 -39.22
N TYR C 960 11.30 15.28 -38.45
CA TYR C 960 11.85 15.58 -37.13
C TYR C 960 11.80 14.35 -36.24
N LEU C 961 10.66 13.65 -36.20
CA LEU C 961 10.53 12.49 -35.32
C LEU C 961 11.40 11.34 -35.80
N ALA C 962 11.44 11.08 -37.10
CA ALA C 962 12.28 10.02 -37.62
C ALA C 962 13.73 10.24 -37.24
N ASN C 963 14.19 11.49 -37.28
CA ASN C 963 15.56 11.79 -36.89
C ASN C 963 15.75 11.68 -35.39
N MET C 964 14.78 12.18 -34.62
CA MET C 964 14.86 12.09 -33.17
C MET C 964 14.97 10.64 -32.71
N LEU C 965 14.11 9.77 -33.25
CA LEU C 965 14.11 8.37 -32.82
C LEU C 965 15.34 7.64 -33.33
N SER C 966 15.81 7.99 -34.52
CA SER C 966 17.01 7.34 -35.06
C SER C 966 18.21 7.55 -34.14
N ASN C 967 18.34 8.75 -33.57
CA ASN C 967 19.48 9.04 -32.70
C ASN C 967 19.26 8.54 -31.28
N ALA C 968 18.01 8.51 -30.82
CA ALA C 968 17.72 8.07 -29.46
C ALA C 968 17.70 6.55 -29.35
N PHE C 969 17.39 5.85 -30.44
CA PHE C 969 17.34 4.40 -30.47
C PHE C 969 18.05 3.93 -31.74
N PRO C 970 19.38 4.04 -31.77
CA PRO C 970 20.12 3.72 -33.00
C PRO C 970 20.04 2.26 -33.42
N HIS C 971 19.59 1.37 -32.53
CA HIS C 971 19.48 -0.04 -32.88
C HIS C 971 18.21 -0.37 -33.66
N LEU C 972 17.31 0.58 -33.83
CA LEU C 972 16.15 0.39 -34.70
C LEU C 972 16.54 0.64 -36.15
N THR C 973 15.91 -0.12 -37.05
CA THR C 973 16.09 0.13 -38.46
C THR C 973 15.24 1.32 -38.89
N SER C 974 15.64 1.94 -39.99
CA SER C 974 14.86 3.06 -40.53
C SER C 974 13.43 2.63 -40.85
N GLU C 975 13.23 1.37 -41.23
CA GLU C 975 11.89 0.91 -41.58
C GLU C 975 11.02 0.80 -40.34
N GLN C 976 11.58 0.29 -39.23
CA GLN C 976 10.83 0.27 -37.98
C GLN C 976 10.32 1.66 -37.62
N ILE C 977 11.22 2.65 -37.65
CA ILE C 977 10.85 4.00 -37.27
C ILE C 977 9.81 4.55 -38.24
N ALA C 978 10.02 4.35 -39.54
CA ALA C 978 9.08 4.86 -40.53
C ALA C 978 7.71 4.22 -40.37
N SER C 979 7.66 2.90 -40.24
CA SER C 979 6.39 2.22 -40.04
C SER C 979 5.71 2.69 -38.76
N PHE C 980 6.47 2.86 -37.69
CA PHE C 980 5.91 3.27 -36.42
C PHE C 980 5.25 4.65 -36.52
N LEU C 981 5.96 5.63 -37.07
CA LEU C 981 5.41 6.97 -37.16
C LEU C 981 4.21 7.01 -38.11
N SER C 982 4.26 6.26 -39.20
CA SER C 982 3.13 6.20 -40.11
C SER C 982 1.89 5.68 -39.40
N ALA C 983 2.03 4.58 -38.66
CA ALA C 983 0.92 4.06 -37.87
C ALA C 983 0.49 5.06 -36.80
N LEU C 984 1.47 5.60 -36.06
CA LEU C 984 1.15 6.51 -34.98
C LEU C 984 0.41 7.73 -35.49
N THR C 985 0.79 8.22 -36.67
CA THR C 985 0.16 9.40 -37.23
C THR C 985 -1.27 9.12 -37.68
N LYS C 986 -1.50 7.99 -38.34
CA LYS C 986 -2.85 7.64 -38.79
C LYS C 986 -3.82 7.48 -37.63
N GLN C 987 -3.32 7.19 -36.44
CA GLN C 987 -4.17 6.80 -35.31
C GLN C 987 -4.27 7.92 -34.27
N CYS C 988 -3.94 9.15 -34.62
CA CYS C 988 -3.92 10.23 -33.64
C CYS C 988 -5.31 10.76 -33.30
N LYS C 989 -6.37 10.11 -33.79
CA LYS C 989 -7.73 10.41 -33.38
C LYS C 989 -8.40 9.28 -32.61
N ASP C 990 -7.70 8.15 -32.42
CA ASP C 990 -8.25 6.96 -31.77
C ASP C 990 -7.30 6.58 -30.64
N LEU C 991 -7.58 7.08 -29.43
CA LEU C 991 -6.62 6.95 -28.34
C LEU C 991 -6.26 5.50 -28.05
N VAL C 992 -7.23 4.60 -28.14
CA VAL C 992 -6.99 3.21 -27.77
C VAL C 992 -5.99 2.58 -28.72
N VAL C 993 -6.14 2.79 -30.03
CA VAL C 993 -5.21 2.22 -31.00
C VAL C 993 -3.88 2.96 -30.92
N PHE C 994 -3.93 4.28 -30.80
CA PHE C 994 -2.72 5.08 -30.59
C PHE C 994 -1.88 4.50 -29.45
N LYS C 995 -2.52 4.22 -28.31
CA LYS C 995 -1.80 3.66 -27.18
C LYS C 995 -1.24 2.28 -27.48
N GLY C 996 -1.97 1.47 -28.25
CA GLY C 996 -1.46 0.17 -28.64
C GLY C 996 -0.19 0.28 -29.47
N THR C 997 -0.16 1.23 -30.40
CA THR C 997 1.03 1.42 -31.23
C THR C 997 2.22 1.88 -30.39
N LEU C 998 1.97 2.72 -29.38
CA LEU C 998 3.05 3.14 -28.50
C LEU C 998 3.57 1.98 -27.67
N ARG C 999 2.67 1.12 -27.17
CA ARG C 999 3.11 -0.03 -26.40
C ARG C 999 3.90 -1.00 -27.27
N ASP C 1000 3.49 -1.20 -28.51
CA ASP C 1000 4.27 -2.03 -29.43
C ASP C 1000 5.66 -1.46 -29.62
N PHE C 1001 5.77 -0.14 -29.69
CA PHE C 1001 7.08 0.50 -29.83
C PHE C 1001 7.94 0.28 -28.59
N LEU C 1002 7.35 0.39 -27.41
CA LEU C 1002 8.10 0.18 -26.18
C LEU C 1002 8.62 -1.25 -26.09
N VAL C 1003 7.90 -2.21 -26.69
CA VAL C 1003 8.40 -3.57 -26.78
C VAL C 1003 9.60 -3.65 -27.72
N GLN C 1004 9.50 -3.01 -28.88
CA GLN C 1004 10.50 -3.20 -29.92
C GLN C 1004 11.83 -2.55 -29.58
N ILE C 1005 11.81 -1.40 -28.88
CA ILE C 1005 13.06 -0.76 -28.47
C ILE C 1005 13.82 -1.59 -27.45
N LYS C 1006 13.20 -2.63 -26.88
CA LYS C 1006 13.86 -3.52 -25.94
C LYS C 1006 14.61 -4.66 -26.63
N GLU C 1007 14.53 -4.76 -27.95
CA GLU C 1007 15.17 -5.86 -28.67
C GLU C 1007 15.65 -5.36 -30.02
N VAL C 1008 16.34 -6.25 -30.74
CA VAL C 1008 16.86 -5.97 -32.07
C VAL C 1008 16.05 -6.76 -33.08
N GLY C 1009 15.79 -6.15 -34.23
CA GLY C 1009 15.15 -6.85 -35.32
C GLY C 1009 13.64 -6.90 -35.28
N GLY C 1010 13.00 -5.99 -34.54
CA GLY C 1010 11.55 -5.94 -34.50
C GLY C 1010 10.95 -5.88 -35.89
N ASP C 1011 9.81 -6.54 -36.08
CA ASP C 1011 9.18 -6.60 -37.38
C ASP C 1011 8.41 -5.31 -37.64
N PRO C 1012 8.79 -4.52 -38.66
CA PRO C 1012 8.08 -3.25 -38.89
C PRO C 1012 6.62 -3.42 -39.28
N THR C 1013 6.23 -4.58 -39.79
CA THR C 1013 4.83 -4.81 -40.13
C THR C 1013 3.94 -4.95 -38.91
N ASP C 1014 4.52 -5.11 -37.72
CA ASP C 1014 3.72 -5.21 -36.51
C ASP C 1014 2.87 -3.96 -36.28
N TYR C 1015 3.26 -2.83 -36.85
CA TYR C 1015 2.55 -1.58 -36.67
C TYR C 1015 1.31 -1.46 -37.57
N LEU C 1016 1.06 -2.45 -38.42
CA LEU C 1016 -0.17 -2.52 -39.20
C LEU C 1016 -1.26 -3.30 -38.48
N PHE C 1017 -1.07 -3.61 -37.20
CA PHE C 1017 -1.98 -4.52 -36.51
C PHE C 1017 -3.43 -4.05 -36.58
N ALA C 1018 -3.65 -2.74 -36.45
CA ALA C 1018 -5.01 -2.21 -36.49
C ALA C 1018 -5.59 -2.28 -37.90
N GLU C 1019 -4.85 -1.76 -38.88
CA GLU C 1019 -5.31 -1.74 -40.26
C GLU C 1019 -5.76 -3.13 -40.71
#